data_6UR5
#
_entry.id   6UR5
#
_cell.length_a   92.270
_cell.length_b   141.470
_cell.length_c   166.870
_cell.angle_alpha   90.000
_cell.angle_beta   102.550
_cell.angle_gamma   90.000
#
_symmetry.space_group_name_H-M   'C 1 2 1'
#
loop_
_entity.id
_entity.type
_entity.pdbx_description
1 polymer 'Antibody heavy chain'
2 polymer 'Antibody light chain'
3 polymer 'Influenza hemagglutinin HA1'
4 branched beta-D-mannopyranose-(1-4)-[alpha-L-fucopyranose-(1-6)]2-acetamido-2-deoxy-beta-D-glucopyranose-(1-4)-[alpha-L-fucopyranose-(1-6)]2-acetamido-2-deoxy-beta-D-glucopyranose
5 branched alpha-D-mannopyranose-(1-3)-beta-D-mannopyranose-(1-4)-[alpha-L-fucopyranose-(1-6)]2-acetamido-2-deoxy-beta-D-glucopyranose-(1-4)-[alpha-L-fucopyranose-(1-6)]2-acetamido-2-deoxy-beta-D-glucopyranose
6 non-polymer GLYCEROL
#
loop_
_entity_poly.entity_id
_entity_poly.type
_entity_poly.pdbx_seq_one_letter_code
_entity_poly.pdbx_strand_id
1 'polypeptide(L)'
;ASQVQLVQSGAEVKKPGASVKVSCKTSGYTFTAYYLHWVRQAPGQGFEWMAWINPNTGDTNYAQKFQGRVTLSRDTSITT
AYMELTRLRSDDTAVYYCAKDLTLMYVFDSGWARGAHDYYGMDVWGQGTTVAVSGASTKGPSVFPLAPSSKSTSGGTAAL
GCLVKDYFPEPVTVSWNSGALTSGVHTFPAVLQSSGLYSLSSVVTVPSSSLGTQTYICNVNHKPSNTKVDKRVEPKSCDK
HHHHHH
;
A,G
2 'polypeptide(L)'
;ASPSALTQPASVSGSPGQSVTISCTGTNSDVGTFDLVSWYQQYPGKAPKLIIYEGSRRPSGVSDRFSGSKSGNTASLTIS
GLQAEDEADYYCSSYAGSVVFGGGTKLTVLGQPKGAPSVTLFPPSSEELQANKATLVCLISDFYPGAVTVAWKADSSPVK
AGVETTTPSKQSNNKYAASSYLSLTPEQWKSHRSYSCQVTHEGSTVEKTVAPTECS
;
B,H
3 'polypeptide(L)'
;ASVAAQELVESQHLPELCPSPLRLVDGQTCDIVNGALGSPGCDHLNGAEWDIFIERPTAVDTCYPFDVPDYQSLRSILAN
NGKFEFIAEEFQWSTVKQNGVSASCSRANVNDFFNRLNWLTGKNGLYPLQNLTKINNGDYARLYIWGVHHPPNIGDQTNL
YKNNPGRVTVSTKTSQTSVVPNIGSRPKVRDQEGRISFYWTIVEPGDLIVFNTIGNLIAPRGHYKLNSQKKSTILNTAVP
IGSCVSKCHTDRGSITTTKPFQNISRISIGDCPKYVKQGSLKLATGGALEVLFQG
;
C,D
#
loop_
_chem_comp.id
_chem_comp.type
_chem_comp.name
_chem_comp.formula
BMA D-saccharide, beta linking beta-D-mannopyranose 'C6 H12 O6'
FUC L-saccharide, alpha linking alpha-L-fucopyranose 'C6 H12 O5'
GOL non-polymer GLYCEROL 'C3 H8 O3'
MAN D-saccharide, alpha linking alpha-D-mannopyranose 'C6 H12 O6'
NAG D-saccharide, beta linking 2-acetamido-2-deoxy-beta-D-glucopyranose 'C8 H15 N O6'
#
# COMPACT_ATOMS: atom_id res chain seq x y z
N GLN A 3 11.06 18.06 -34.90
CA GLN A 3 10.45 17.04 -35.75
C GLN A 3 9.82 15.92 -34.92
N VAL A 4 8.50 15.93 -34.85
CA VAL A 4 7.73 14.92 -34.13
C VAL A 4 6.74 14.29 -35.09
N GLN A 5 6.63 12.96 -35.05
CA GLN A 5 5.80 12.23 -35.99
C GLN A 5 5.16 11.03 -35.28
N LEU A 6 3.99 10.64 -35.78
CA LEU A 6 3.24 9.51 -35.25
C LEU A 6 2.91 8.57 -36.41
N VAL A 7 3.36 7.33 -36.31
CA VAL A 7 3.14 6.32 -37.34
C VAL A 7 2.03 5.39 -36.87
N GLN A 8 1.08 5.11 -37.76
CA GLN A 8 -0.05 4.24 -37.45
C GLN A 8 -0.07 3.04 -38.40
N SER A 9 -0.66 1.96 -37.93
CA SER A 9 -0.75 0.74 -38.71
C SER A 9 -1.68 0.93 -39.91
N GLY A 10 -1.50 0.08 -40.91
CA GLY A 10 -2.20 0.25 -42.17
C GLY A 10 -3.71 0.06 -42.05
N ALA A 11 -4.38 0.39 -43.16
CA ALA A 11 -5.83 0.27 -43.22
C ALA A 11 -6.25 -1.19 -43.12
N GLU A 12 -7.40 -1.42 -42.47
CA GLU A 12 -7.89 -2.77 -42.22
C GLU A 12 -9.38 -2.83 -42.50
N VAL A 13 -9.83 -4.00 -42.94
CA VAL A 13 -11.24 -4.28 -43.17
C VAL A 13 -11.62 -5.52 -42.37
N LYS A 14 -12.66 -5.40 -41.55
CA LYS A 14 -13.10 -6.48 -40.68
C LYS A 14 -14.57 -6.77 -40.93
N LYS A 15 -14.93 -8.06 -40.86
CA LYS A 15 -16.33 -8.41 -40.84
C LYS A 15 -16.91 -8.13 -39.45
N PRO A 16 -18.19 -7.78 -39.37
CA PRO A 16 -18.77 -7.43 -38.07
C PRO A 16 -18.66 -8.56 -37.06
N GLY A 17 -18.44 -8.18 -35.80
CA GLY A 17 -18.24 -9.13 -34.73
C GLY A 17 -16.79 -9.52 -34.50
N ALA A 18 -15.87 -9.12 -35.38
CA ALA A 18 -14.47 -9.46 -35.24
C ALA A 18 -13.79 -8.50 -34.26
N SER A 19 -12.46 -8.53 -34.22
CA SER A 19 -11.69 -7.67 -33.34
C SER A 19 -10.59 -6.98 -34.15
N VAL A 20 -10.25 -5.77 -33.72
CA VAL A 20 -9.28 -4.92 -34.44
C VAL A 20 -8.20 -4.48 -33.46
N LYS A 21 -6.96 -4.38 -33.95
CA LYS A 21 -5.84 -3.91 -33.15
C LYS A 21 -5.02 -2.93 -33.99
N VAL A 22 -4.82 -1.73 -33.46
CA VAL A 22 -4.11 -0.66 -34.15
C VAL A 22 -2.91 -0.25 -33.30
N SER A 23 -1.79 0.05 -33.96
CA SER A 23 -0.55 0.39 -33.29
C SER A 23 -0.13 1.81 -33.66
N CYS A 24 0.37 2.54 -32.66
CA CYS A 24 0.88 3.89 -32.84
C CYS A 24 2.30 3.96 -32.28
N LYS A 25 3.25 4.39 -33.11
CA LYS A 25 4.67 4.38 -32.77
C LYS A 25 5.18 5.81 -32.79
N THR A 26 5.57 6.32 -31.63
CA THR A 26 6.03 7.70 -31.50
C THR A 26 7.50 7.82 -31.87
N SER A 27 7.92 9.06 -32.14
CA SER A 27 9.30 9.34 -32.49
C SER A 27 9.60 10.79 -32.19
N GLY A 28 10.83 11.06 -31.75
CA GLY A 28 11.29 12.41 -31.52
C GLY A 28 10.91 13.03 -30.20
N TYR A 29 10.21 12.30 -29.33
CA TYR A 29 9.87 12.84 -28.02
C TYR A 29 9.83 11.70 -27.01
N THR A 30 10.05 12.07 -25.75
CA THR A 30 10.05 11.09 -24.65
C THR A 30 8.66 10.49 -24.50
N PHE A 31 8.52 9.22 -24.86
CA PHE A 31 7.21 8.58 -24.94
C PHE A 31 6.52 8.51 -23.59
N THR A 32 7.28 8.51 -22.50
CA THR A 32 6.73 8.34 -21.16
C THR A 32 6.46 9.66 -20.45
N ALA A 33 6.74 10.79 -21.10
CA ALA A 33 6.57 12.11 -20.46
C ALA A 33 5.26 12.78 -20.83
N TYR A 34 4.38 12.12 -21.57
CA TYR A 34 3.12 12.71 -21.97
C TYR A 34 2.04 11.62 -21.99
N TYR A 35 0.79 12.06 -21.89
CA TYR A 35 -0.35 11.15 -22.03
C TYR A 35 -0.47 10.68 -23.48
N LEU A 36 -1.49 9.87 -23.74
CA LEU A 36 -1.76 9.40 -25.08
C LEU A 36 -3.26 9.23 -25.25
N HIS A 37 -3.82 9.81 -26.32
CA HIS A 37 -5.24 9.79 -26.58
C HIS A 37 -5.56 8.96 -27.82
N TRP A 38 -6.79 8.48 -27.89
CA TRP A 38 -7.30 7.76 -29.04
C TRP A 38 -8.67 8.31 -29.40
N VAL A 39 -8.84 8.70 -30.66
CA VAL A 39 -10.03 9.38 -31.13
C VAL A 39 -10.34 8.93 -32.56
N ARG A 40 -11.63 8.85 -32.88
CA ARG A 40 -12.08 8.44 -34.20
C ARG A 40 -12.88 9.56 -34.85
N GLN A 41 -12.92 9.54 -36.18
CA GLN A 41 -13.67 10.52 -36.96
C GLN A 41 -14.44 9.78 -38.06
N ALA A 42 -15.76 9.77 -37.96
CA ALA A 42 -16.59 9.10 -38.93
C ALA A 42 -16.66 9.91 -40.22
N PRO A 43 -17.02 9.27 -41.33
CA PRO A 43 -17.14 10.01 -42.61
C PRO A 43 -18.16 11.14 -42.51
N GLY A 44 -17.72 12.35 -42.88
CA GLY A 44 -18.57 13.51 -42.81
C GLY A 44 -18.98 13.93 -41.42
N GLN A 45 -18.37 13.36 -40.39
CA GLN A 45 -18.72 13.63 -39.00
C GLN A 45 -17.54 14.27 -38.27
N GLY A 46 -17.76 14.61 -37.00
CA GLY A 46 -16.72 15.15 -36.16
C GLY A 46 -15.96 14.07 -35.41
N PHE A 47 -15.03 14.52 -34.58
CA PHE A 47 -14.17 13.63 -33.82
C PHE A 47 -14.85 13.18 -32.53
N GLU A 48 -14.50 11.99 -32.07
CA GLU A 48 -15.07 11.40 -30.86
C GLU A 48 -13.97 10.67 -30.10
N TRP A 49 -13.66 11.15 -28.90
CA TRP A 49 -12.59 10.59 -28.08
C TRP A 49 -13.04 9.29 -27.43
N MET A 50 -12.08 8.38 -27.23
CA MET A 50 -12.37 7.05 -26.69
C MET A 50 -11.76 6.83 -25.31
N ALA A 51 -10.45 6.96 -25.17
CA ALA A 51 -9.78 6.64 -23.91
C ALA A 51 -8.36 7.20 -23.96
N TRP A 52 -7.73 7.26 -22.79
CA TRP A 52 -6.34 7.67 -22.66
C TRP A 52 -5.59 6.64 -21.83
N ILE A 53 -4.26 6.66 -21.96
CA ILE A 53 -3.39 5.70 -21.30
C ILE A 53 -2.14 6.42 -20.80
N ASN A 54 -1.62 5.99 -19.66
CA ASN A 54 -0.44 6.58 -19.06
C ASN A 54 0.78 5.77 -19.44
N PRO A 55 1.65 6.28 -20.33
CA PRO A 55 2.80 5.46 -20.78
C PRO A 55 3.81 5.14 -19.69
N ASN A 56 3.84 5.90 -18.59
CA ASN A 56 4.80 5.65 -17.53
C ASN A 56 4.30 4.61 -16.52
N THR A 57 2.99 4.51 -16.33
CA THR A 57 2.43 3.59 -15.36
C THR A 57 1.47 2.56 -15.93
N GLY A 58 0.92 2.79 -17.13
CA GLY A 58 -0.07 1.90 -17.69
C GLY A 58 -1.49 2.17 -17.27
N ASP A 59 -1.73 3.24 -16.50
CA ASP A 59 -3.08 3.58 -16.09
C ASP A 59 -3.93 3.96 -17.29
N THR A 60 -5.20 3.57 -17.26
CA THR A 60 -6.12 3.83 -18.35
C THR A 60 -7.45 4.35 -17.80
N ASN A 61 -8.21 4.98 -18.69
CA ASN A 61 -9.55 5.47 -18.35
C ASN A 61 -10.36 5.53 -19.63
N TYR A 62 -11.40 4.73 -19.72
CA TYR A 62 -12.20 4.59 -20.93
C TYR A 62 -13.46 5.46 -20.86
N ALA A 63 -14.16 5.52 -21.98
CA ALA A 63 -15.48 6.12 -22.04
C ALA A 63 -16.55 5.06 -21.80
N GLN A 64 -17.75 5.51 -21.43
CA GLN A 64 -18.82 4.56 -21.16
C GLN A 64 -19.24 3.80 -22.41
N LYS A 65 -19.20 4.47 -23.57
CA LYS A 65 -19.63 3.83 -24.81
C LYS A 65 -18.69 2.70 -25.22
N PHE A 66 -17.42 2.77 -24.82
CA PHE A 66 -16.43 1.77 -25.22
C PHE A 66 -15.86 1.00 -24.05
N GLN A 67 -16.45 1.12 -22.86
CA GLN A 67 -15.99 0.37 -21.70
C GLN A 67 -16.54 -1.05 -21.78
N GLY A 68 -15.63 -2.03 -21.82
CA GLY A 68 -15.99 -3.42 -21.97
C GLY A 68 -15.64 -4.00 -23.32
N ARG A 69 -15.36 -3.16 -24.31
CA ARG A 69 -14.95 -3.60 -25.64
C ARG A 69 -13.53 -3.19 -25.97
N VAL A 70 -13.19 -1.91 -25.79
CA VAL A 70 -11.84 -1.45 -26.10
C VAL A 70 -10.90 -1.77 -24.94
N THR A 71 -9.61 -1.87 -25.25
CA THR A 71 -8.59 -2.15 -24.23
C THR A 71 -7.26 -1.65 -24.77
N LEU A 72 -6.59 -0.80 -24.02
CA LEU A 72 -5.34 -0.19 -24.43
C LEU A 72 -4.14 -0.97 -23.88
N SER A 73 -2.99 -0.78 -24.52
CA SER A 73 -1.74 -1.38 -24.07
C SER A 73 -0.59 -0.49 -24.49
N ARG A 74 0.52 -0.59 -23.75
CA ARG A 74 1.68 0.25 -23.97
C ARG A 74 2.95 -0.60 -23.96
N ASP A 75 3.94 -0.15 -24.72
CA ASP A 75 5.23 -0.82 -24.84
C ASP A 75 6.31 0.21 -24.58
N THR A 76 7.11 0.00 -23.54
CA THR A 76 8.10 1.00 -23.13
C THR A 76 9.25 1.12 -24.14
N SER A 77 9.58 -0.02 -24.73
CA SER A 77 10.64 -0.06 -25.70
C SER A 77 10.06 0.22 -27.05
N ILE A 78 10.67 1.13 -27.79
CA ILE A 78 10.28 1.50 -29.17
C ILE A 78 8.97 2.28 -29.34
N THR A 79 8.45 2.78 -28.24
CA THR A 79 7.26 3.61 -28.21
C THR A 79 6.08 3.12 -29.03
N THR A 80 5.68 1.87 -28.95
CA THR A 80 4.48 1.58 -29.71
C THR A 80 3.32 1.35 -28.74
N ALA A 81 2.29 2.16 -28.88
CA ALA A 81 1.06 1.98 -28.16
C ALA A 81 0.07 1.21 -29.04
N TYR A 82 -0.88 0.56 -28.38
CA TYR A 82 -1.86 -0.26 -29.07
C TYR A 82 -3.25 0.06 -28.55
N MET A 83 -4.26 -0.43 -29.29
CA MET A 83 -5.66 -0.19 -28.96
C MET A 83 -6.48 -1.32 -29.57
N GLU A 84 -6.89 -2.27 -28.74
CA GLU A 84 -7.68 -3.41 -29.19
C GLU A 84 -9.15 -3.18 -28.89
N LEU A 85 -9.99 -3.33 -29.92
CA LEU A 85 -11.44 -3.19 -29.79
C LEU A 85 -12.08 -4.53 -30.11
N THR A 86 -12.76 -5.10 -29.12
CA THR A 86 -13.45 -6.38 -29.28
C THR A 86 -14.93 -6.15 -29.50
N ARG A 87 -15.56 -7.11 -30.18
CA ARG A 87 -17.00 -7.07 -30.46
C ARG A 87 -17.40 -5.80 -31.21
N LEU A 88 -16.61 -5.43 -32.21
CA LEU A 88 -16.97 -4.29 -33.04
C LEU A 88 -18.20 -4.64 -33.89
N ARG A 89 -18.86 -3.60 -34.40
CA ARG A 89 -20.10 -3.78 -35.12
C ARG A 89 -20.11 -2.86 -36.34
N SER A 90 -21.13 -3.02 -37.18
CA SER A 90 -21.24 -2.25 -38.41
C SER A 90 -21.31 -0.75 -38.16
N ASP A 91 -21.69 -0.33 -36.96
CA ASP A 91 -21.77 1.09 -36.66
C ASP A 91 -20.39 1.74 -36.68
N ASP A 92 -19.38 1.06 -36.14
CA ASP A 92 -18.06 1.63 -35.94
C ASP A 92 -17.26 1.58 -37.25
N THR A 93 -17.55 2.55 -38.12
CA THR A 93 -16.76 2.81 -39.33
C THR A 93 -16.18 4.20 -39.18
N ALA A 94 -14.90 4.30 -38.85
CA ALA A 94 -14.31 5.61 -38.54
C ALA A 94 -12.81 5.55 -38.77
N VAL A 95 -12.21 6.74 -38.87
CA VAL A 95 -10.77 6.89 -39.02
C VAL A 95 -10.20 7.11 -37.62
N TYR A 96 -9.45 6.13 -37.13
CA TYR A 96 -8.97 6.14 -35.75
C TYR A 96 -7.62 6.84 -35.67
N TYR A 97 -7.52 7.82 -34.78
CA TYR A 97 -6.33 8.63 -34.61
C TYR A 97 -5.69 8.41 -33.25
N CYS A 98 -4.38 8.58 -33.19
CA CYS A 98 -3.60 8.54 -31.97
C CYS A 98 -2.90 9.88 -31.81
N ALA A 99 -3.05 10.50 -30.64
CA ALA A 99 -2.60 11.87 -30.44
C ALA A 99 -1.99 12.04 -29.06
N LYS A 100 -0.94 12.85 -28.99
CA LYS A 100 -0.24 13.13 -27.75
C LYS A 100 -0.80 14.41 -27.10
N ASP A 101 -1.08 14.33 -25.81
CA ASP A 101 -1.54 15.51 -25.07
C ASP A 101 -0.38 16.46 -24.84
N LEU A 102 -0.70 17.76 -24.77
CA LEU A 102 0.33 18.78 -24.63
C LEU A 102 0.93 18.83 -23.23
N THR A 103 0.20 18.34 -22.23
CA THR A 103 0.65 18.48 -20.84
C THR A 103 1.78 17.51 -20.53
N LEU A 104 2.90 18.05 -20.05
CA LEU A 104 3.95 17.21 -19.49
C LEU A 104 3.61 16.84 -18.06
N MET A 105 3.81 15.56 -17.72
CA MET A 105 3.41 15.04 -16.42
C MET A 105 4.58 14.60 -15.56
N TYR A 106 5.72 14.27 -16.15
CA TYR A 106 6.85 13.76 -15.39
C TYR A 106 8.16 14.37 -15.89
N VAL A 107 9.12 14.46 -14.98
CA VAL A 107 10.51 14.79 -15.29
C VAL A 107 11.36 13.76 -14.57
N PHE A 108 12.01 12.89 -15.34
CA PHE A 108 12.65 11.71 -14.75
C PHE A 108 13.96 12.04 -14.04
N ASP A 109 14.70 13.04 -14.51
CA ASP A 109 15.97 13.37 -13.86
C ASP A 109 15.73 14.09 -12.54
N SER A 110 14.82 15.06 -12.53
CA SER A 110 14.50 15.81 -11.32
C SER A 110 13.34 15.21 -10.54
N GLY A 111 12.87 14.02 -10.92
CA GLY A 111 11.83 13.33 -10.19
C GLY A 111 10.54 14.09 -10.00
N TRP A 112 10.26 15.07 -10.85
CA TRP A 112 9.06 15.87 -10.70
C TRP A 112 7.85 15.17 -11.32
N ALA A 113 6.67 15.45 -10.76
CA ALA A 113 5.42 14.91 -11.25
C ALA A 113 4.32 15.94 -11.09
N ARG A 114 3.39 15.95 -12.05
CA ARG A 114 2.24 16.83 -11.99
C ARG A 114 1.19 16.27 -11.03
N GLY A 115 0.50 17.16 -10.32
CA GLY A 115 -0.48 16.76 -9.34
C GLY A 115 -1.61 15.93 -9.92
N ALA A 116 -2.41 16.54 -10.78
CA ALA A 116 -3.44 15.83 -11.52
C ALA A 116 -3.26 16.13 -13.00
N HIS A 117 -4.21 15.74 -13.85
CA HIS A 117 -4.15 16.03 -15.26
C HIS A 117 -5.26 17.00 -15.66
N ASP A 118 -4.92 17.93 -16.55
CA ASP A 118 -5.87 18.85 -17.15
C ASP A 118 -5.69 18.82 -18.66
N TYR A 119 -6.79 18.98 -19.39
CA TYR A 119 -6.74 18.96 -20.85
C TYR A 119 -6.49 20.35 -21.38
N TYR A 120 -5.57 20.45 -22.33
CA TYR A 120 -5.27 21.71 -23.01
C TYR A 120 -5.36 21.61 -24.51
N GLY A 121 -4.89 20.50 -25.09
CA GLY A 121 -4.93 20.33 -26.53
C GLY A 121 -4.07 19.16 -27.01
N MET A 122 -4.46 18.56 -28.13
CA MET A 122 -3.73 17.46 -28.75
C MET A 122 -2.88 18.04 -29.87
N ASP A 123 -1.58 18.21 -29.62
CA ASP A 123 -0.74 18.99 -30.52
C ASP A 123 -0.19 18.16 -31.67
N VAL A 124 -0.05 16.85 -31.51
CA VAL A 124 0.46 15.98 -32.55
C VAL A 124 -0.55 14.87 -32.80
N TRP A 125 -0.84 14.59 -34.06
CA TRP A 125 -1.79 13.56 -34.46
C TRP A 125 -1.12 12.55 -35.38
N GLY A 126 -1.64 11.32 -35.34
CA GLY A 126 -1.19 10.31 -36.28
C GLY A 126 -1.79 10.53 -37.65
N GLN A 127 -1.15 9.90 -38.66
CA GLN A 127 -1.63 10.05 -40.03
C GLN A 127 -3.02 9.43 -40.23
N GLY A 128 -3.44 8.55 -39.32
CA GLY A 128 -4.78 8.01 -39.39
C GLY A 128 -4.85 6.59 -39.93
N THR A 129 -5.67 5.76 -39.30
CA THR A 129 -5.92 4.40 -39.76
C THR A 129 -7.38 4.31 -40.21
N THR A 130 -7.58 4.03 -41.50
CA THR A 130 -8.92 3.88 -42.05
C THR A 130 -9.43 2.47 -41.79
N VAL A 131 -10.48 2.36 -40.99
CA VAL A 131 -11.04 1.06 -40.60
C VAL A 131 -12.44 0.96 -41.18
N ALA A 132 -12.69 -0.10 -41.94
CA ALA A 132 -13.98 -0.35 -42.58
C ALA A 132 -14.60 -1.59 -41.99
N VAL A 133 -15.87 -1.50 -41.59
CA VAL A 133 -16.61 -2.60 -40.99
C VAL A 133 -17.90 -2.77 -41.79
N SER A 134 -17.94 -3.78 -42.66
CA SER A 134 -19.10 -4.06 -43.48
C SER A 134 -19.31 -5.57 -43.57
N GLY A 135 -20.58 -5.98 -43.55
CA GLY A 135 -20.91 -7.38 -43.62
C GLY A 135 -21.20 -7.89 -45.03
N ALA A 136 -20.16 -7.99 -45.85
CA ALA A 136 -20.32 -8.47 -47.22
C ALA A 136 -19.11 -9.35 -47.56
N SER A 137 -19.05 -9.78 -48.82
CA SER A 137 -17.99 -10.65 -49.30
C SER A 137 -17.08 -9.91 -50.25
N THR A 138 -15.78 -10.19 -50.18
CA THR A 138 -14.82 -9.59 -51.09
C THR A 138 -15.06 -10.12 -52.50
N LYS A 139 -15.15 -9.22 -53.47
CA LYS A 139 -15.41 -9.64 -54.85
C LYS A 139 -14.96 -8.53 -55.79
N GLY A 140 -14.63 -8.95 -57.02
CA GLY A 140 -14.21 -8.02 -58.04
C GLY A 140 -15.37 -7.29 -58.67
N PRO A 141 -15.05 -6.30 -59.50
CA PRO A 141 -16.09 -5.45 -60.09
C PRO A 141 -16.70 -6.08 -61.34
N SER A 142 -17.82 -5.48 -61.76
CA SER A 142 -18.49 -5.83 -63.00
C SER A 142 -18.43 -4.61 -63.91
N VAL A 143 -17.63 -4.70 -64.97
CA VAL A 143 -17.38 -3.57 -65.85
C VAL A 143 -18.35 -3.62 -67.02
N PHE A 144 -18.84 -2.44 -67.43
CA PHE A 144 -19.76 -2.29 -68.55
C PHE A 144 -19.42 -0.98 -69.27
N PRO A 145 -19.56 -0.94 -70.59
CA PRO A 145 -19.16 0.25 -71.35
C PRO A 145 -20.27 1.29 -71.40
N LEU A 146 -19.90 2.48 -71.86
CA LEU A 146 -20.82 3.60 -72.00
C LEU A 146 -20.50 4.33 -73.30
N ALA A 147 -21.52 4.53 -74.13
CA ALA A 147 -21.34 4.94 -75.52
C ALA A 147 -21.15 6.45 -75.65
N PRO A 148 -20.67 6.93 -76.82
CA PRO A 148 -20.57 8.37 -77.06
C PRO A 148 -21.89 9.01 -77.48
N SER A 149 -21.83 10.29 -77.87
CA SER A 149 -23.01 11.03 -78.27
C SER A 149 -23.69 10.38 -79.48
N SER A 150 -25.01 10.59 -79.58
CA SER A 150 -25.82 10.00 -80.63
C SER A 150 -25.90 10.88 -81.87
N LYS A 151 -25.95 12.20 -81.70
CA LYS A 151 -26.04 13.15 -82.79
C LYS A 151 -24.85 14.09 -82.71
N SER A 152 -24.09 14.19 -83.80
CA SER A 152 -22.86 14.97 -83.78
C SER A 152 -22.54 15.49 -85.17
N THR A 153 -21.78 16.58 -85.20
CA THR A 153 -21.26 17.19 -86.41
C THR A 153 -19.73 17.17 -86.34
N SER A 154 -19.08 17.85 -87.29
CA SER A 154 -17.64 17.91 -87.34
C SER A 154 -17.13 19.08 -86.50
N GLY A 155 -16.18 18.79 -85.61
CA GLY A 155 -15.57 19.80 -84.76
C GLY A 155 -16.05 19.81 -83.32
N GLY A 156 -17.23 19.26 -83.05
CA GLY A 156 -17.77 19.24 -81.70
C GLY A 156 -17.31 18.01 -80.93
N THR A 157 -17.06 18.21 -79.65
CA THR A 157 -16.55 17.14 -78.80
C THR A 157 -17.68 16.22 -78.35
N ALA A 158 -17.32 14.96 -78.07
CA ALA A 158 -18.25 13.97 -77.57
C ALA A 158 -17.52 13.10 -76.55
N ALA A 159 -18.27 12.57 -75.58
CA ALA A 159 -17.69 11.86 -74.45
C ALA A 159 -18.25 10.45 -74.36
N LEU A 160 -17.39 9.51 -73.97
CA LEU A 160 -17.77 8.12 -73.75
C LEU A 160 -17.13 7.64 -72.45
N GLY A 161 -17.87 6.80 -71.71
CA GLY A 161 -17.42 6.40 -70.40
C GLY A 161 -17.16 4.91 -70.24
N CYS A 162 -16.98 4.48 -68.99
CA CYS A 162 -16.70 3.08 -68.67
C CYS A 162 -17.20 2.82 -67.26
N LEU A 163 -18.22 1.98 -67.12
CA LEU A 163 -18.87 1.74 -65.85
C LEU A 163 -18.17 0.64 -65.06
N VAL A 164 -18.10 0.84 -63.73
CA VAL A 164 -17.60 -0.16 -62.80
C VAL A 164 -18.65 -0.33 -61.71
N LYS A 165 -18.97 -1.58 -61.38
CA LYS A 165 -20.09 -1.83 -60.48
C LYS A 165 -19.85 -3.09 -59.66
N ASP A 166 -20.37 -3.08 -58.43
CA ASP A 166 -20.38 -4.24 -57.53
C ASP A 166 -18.97 -4.76 -57.25
N TYR A 167 -18.19 -3.92 -56.58
CA TYR A 167 -16.87 -4.27 -56.08
C TYR A 167 -16.78 -3.88 -54.61
N PHE A 168 -16.45 -4.84 -53.74
CA PHE A 168 -16.53 -4.55 -52.32
C PHE A 168 -15.32 -3.80 -51.75
N PRO A 169 -14.08 -4.22 -52.00
CA PRO A 169 -12.95 -3.49 -51.40
C PRO A 169 -12.73 -2.15 -52.09
N GLU A 170 -12.12 -1.22 -51.35
CA GLU A 170 -12.27 0.20 -51.63
C GLU A 170 -11.76 0.65 -53.01
N PRO A 171 -10.47 0.59 -53.32
CA PRO A 171 -9.98 1.31 -54.49
C PRO A 171 -9.95 0.51 -55.77
N VAL A 172 -10.20 1.21 -56.89
CA VAL A 172 -9.97 0.69 -58.22
C VAL A 172 -9.14 1.70 -58.99
N THR A 173 -8.36 1.20 -59.95
CA THR A 173 -7.50 2.04 -60.78
C THR A 173 -7.90 1.83 -62.23
N VAL A 174 -8.27 2.92 -62.91
CA VAL A 174 -8.74 2.86 -64.29
C VAL A 174 -7.80 3.71 -65.14
N SER A 175 -7.29 3.12 -66.23
CA SER A 175 -6.47 3.83 -67.20
C SER A 175 -7.01 3.54 -68.60
N TRP A 176 -6.73 4.44 -69.52
CA TRP A 176 -7.21 4.35 -70.89
C TRP A 176 -6.03 4.15 -71.83
N ASN A 177 -6.16 3.18 -72.73
CA ASN A 177 -5.11 2.83 -73.70
C ASN A 177 -3.78 2.54 -73.00
N SER A 178 -3.86 1.84 -71.86
CA SER A 178 -2.71 1.46 -71.04
C SER A 178 -1.90 2.66 -70.57
N GLY A 179 -2.48 3.85 -70.62
CA GLY A 179 -1.80 5.09 -70.24
C GLY A 179 -1.56 6.06 -71.39
N ALA A 180 -1.81 5.65 -72.64
CA ALA A 180 -1.55 6.54 -73.77
C ALA A 180 -2.58 7.66 -73.87
N LEU A 181 -3.83 7.39 -73.48
CA LEU A 181 -4.91 8.37 -73.55
C LEU A 181 -5.06 9.00 -72.17
N THR A 182 -4.56 10.23 -72.02
CA THR A 182 -4.59 10.94 -70.75
C THR A 182 -5.50 12.16 -70.75
N SER A 183 -5.48 12.95 -71.82
CA SER A 183 -6.28 14.17 -71.86
C SER A 183 -7.76 13.84 -71.91
N GLY A 184 -8.54 14.52 -71.07
CA GLY A 184 -9.96 14.29 -70.97
C GLY A 184 -10.37 13.27 -69.93
N VAL A 185 -9.43 12.46 -69.44
CA VAL A 185 -9.76 11.41 -68.48
C VAL A 185 -10.15 12.05 -67.15
N HIS A 186 -11.37 11.75 -66.69
CA HIS A 186 -11.84 12.20 -65.39
C HIS A 186 -12.54 11.02 -64.72
N THR A 187 -11.94 10.49 -63.66
CA THR A 187 -12.49 9.34 -62.95
C THR A 187 -13.39 9.84 -61.82
N PHE A 188 -14.68 9.55 -61.91
CA PHE A 188 -15.63 10.04 -60.91
C PHE A 188 -15.60 9.15 -59.67
N PRO A 189 -15.76 9.73 -58.48
CA PRO A 189 -15.74 8.94 -57.25
C PRO A 189 -16.92 7.99 -57.17
N ALA A 190 -16.79 7.00 -56.29
CA ALA A 190 -17.78 5.95 -56.15
C ALA A 190 -19.01 6.46 -55.40
N VAL A 191 -20.05 5.63 -55.39
CA VAL A 191 -21.27 5.90 -54.65
C VAL A 191 -21.64 4.64 -53.88
N LEU A 192 -21.67 4.73 -52.56
CA LEU A 192 -22.03 3.59 -51.73
C LEU A 192 -23.53 3.32 -51.86
N GLN A 193 -23.86 2.09 -52.24
CA GLN A 193 -25.24 1.71 -52.48
C GLN A 193 -25.87 1.15 -51.20
N SER A 194 -27.13 0.72 -51.30
CA SER A 194 -27.82 0.10 -50.18
C SER A 194 -27.53 -1.39 -50.05
N SER A 195 -26.70 -1.94 -50.93
CA SER A 195 -26.28 -3.33 -50.82
C SER A 195 -24.90 -3.48 -50.21
N GLY A 196 -24.07 -2.43 -50.24
CA GLY A 196 -22.74 -2.43 -49.64
C GLY A 196 -21.63 -2.20 -50.64
N LEU A 197 -21.85 -2.55 -51.90
CA LEU A 197 -20.81 -2.47 -52.92
C LEU A 197 -20.84 -1.10 -53.60
N TYR A 198 -19.65 -0.59 -53.92
CA TYR A 198 -19.52 0.73 -54.52
C TYR A 198 -19.72 0.66 -56.03
N SER A 199 -19.73 1.84 -56.67
CA SER A 199 -19.90 1.95 -58.11
C SER A 199 -19.41 3.31 -58.55
N LEU A 200 -18.50 3.33 -59.53
CA LEU A 200 -18.00 4.57 -60.11
C LEU A 200 -17.94 4.43 -61.63
N SER A 201 -17.54 5.50 -62.30
CA SER A 201 -17.40 5.50 -63.74
C SER A 201 -16.30 6.47 -64.15
N SER A 202 -15.61 6.15 -65.24
CA SER A 202 -14.53 6.95 -65.78
C SER A 202 -14.87 7.35 -67.20
N VAL A 203 -14.84 8.65 -67.47
CA VAL A 203 -15.20 9.20 -68.77
C VAL A 203 -14.01 9.95 -69.35
N VAL A 204 -14.03 10.15 -70.66
CA VAL A 204 -12.97 10.87 -71.37
C VAL A 204 -13.56 11.53 -72.59
N THR A 205 -13.23 12.81 -72.78
CA THR A 205 -13.68 13.56 -73.95
C THR A 205 -12.79 13.27 -75.15
N VAL A 206 -13.39 13.07 -76.30
CA VAL A 206 -12.67 12.70 -77.51
C VAL A 206 -13.27 13.43 -78.71
N PRO A 207 -12.49 13.59 -79.79
CA PRO A 207 -13.03 14.22 -80.99
C PRO A 207 -14.02 13.33 -81.70
N SER A 208 -15.01 13.96 -82.34
CA SER A 208 -16.05 13.21 -83.04
C SER A 208 -15.56 12.60 -84.34
N SER A 209 -14.50 13.17 -84.94
CA SER A 209 -13.97 12.61 -86.19
C SER A 209 -13.22 11.31 -85.95
N SER A 210 -12.81 11.04 -84.71
CA SER A 210 -12.09 9.81 -84.37
C SER A 210 -13.02 8.67 -83.97
N LEU A 211 -14.32 8.81 -84.22
CA LEU A 211 -15.26 7.74 -83.92
C LEU A 211 -15.05 6.59 -84.90
N GLY A 212 -14.74 5.41 -84.38
CA GLY A 212 -14.41 4.26 -85.20
C GLY A 212 -13.00 4.23 -85.74
N THR A 213 -12.34 5.40 -85.82
CA THR A 213 -10.97 5.44 -86.32
C THR A 213 -9.98 4.93 -85.26
N GLN A 214 -10.06 5.47 -84.04
CA GLN A 214 -9.21 5.06 -82.95
C GLN A 214 -9.97 4.13 -82.02
N THR A 215 -9.30 3.06 -81.59
CA THR A 215 -9.90 2.07 -80.69
C THR A 215 -9.65 2.50 -79.25
N TYR A 216 -10.72 2.54 -78.46
CA TYR A 216 -10.66 2.98 -77.06
C TYR A 216 -11.02 1.82 -76.16
N ILE A 217 -10.15 1.51 -75.20
CA ILE A 217 -10.33 0.42 -74.26
C ILE A 217 -10.04 0.94 -72.85
N CYS A 218 -10.97 0.72 -71.93
CA CYS A 218 -10.75 1.07 -70.54
C CYS A 218 -10.17 -0.13 -69.79
N ASN A 219 -9.14 0.13 -68.99
CA ASN A 219 -8.43 -0.91 -68.25
C ASN A 219 -8.71 -0.70 -66.77
N VAL A 220 -9.44 -1.62 -66.15
CA VAL A 220 -9.82 -1.55 -64.75
C VAL A 220 -9.03 -2.60 -63.99
N ASN A 221 -8.43 -2.20 -62.87
CA ASN A 221 -7.65 -3.09 -62.03
C ASN A 221 -8.23 -3.09 -60.62
N HIS A 222 -8.39 -4.28 -60.04
CA HIS A 222 -8.92 -4.46 -58.69
C HIS A 222 -8.00 -5.44 -57.97
N LYS A 223 -6.98 -4.90 -57.31
CA LYS A 223 -5.93 -5.67 -56.63
C LYS A 223 -6.42 -6.48 -55.42
N PRO A 224 -7.44 -6.04 -54.67
CA PRO A 224 -7.89 -6.87 -53.52
C PRO A 224 -8.27 -8.30 -53.90
N SER A 225 -9.15 -8.47 -54.88
CA SER A 225 -9.48 -9.80 -55.37
C SER A 225 -8.64 -10.21 -56.58
N ASN A 226 -7.65 -9.39 -56.94
CA ASN A 226 -6.74 -9.66 -58.05
C ASN A 226 -7.51 -9.86 -59.37
N THR A 227 -8.24 -8.84 -59.75
CA THR A 227 -9.06 -8.86 -60.95
C THR A 227 -8.66 -7.70 -61.86
N LYS A 228 -8.46 -7.99 -63.14
CA LYS A 228 -8.12 -6.98 -64.15
C LYS A 228 -8.99 -7.21 -65.37
N VAL A 229 -9.82 -6.21 -65.70
CA VAL A 229 -10.79 -6.31 -66.78
C VAL A 229 -10.54 -5.19 -67.77
N ASP A 230 -10.36 -5.56 -69.04
CA ASP A 230 -10.20 -4.60 -70.13
C ASP A 230 -11.44 -4.67 -71.01
N LYS A 231 -12.02 -3.51 -71.33
CA LYS A 231 -13.24 -3.45 -72.12
C LYS A 231 -13.11 -2.38 -73.20
N ARG A 232 -13.35 -2.79 -74.44
CA ARG A 232 -13.39 -1.87 -75.58
C ARG A 232 -14.79 -1.31 -75.74
N VAL A 233 -14.87 -0.04 -76.12
CA VAL A 233 -16.14 0.65 -76.35
C VAL A 233 -16.26 0.93 -77.84
N GLU A 234 -17.43 0.59 -78.40
CA GLU A 234 -17.72 0.74 -79.81
C GLU A 234 -19.01 1.53 -79.99
N PRO A 235 -19.11 2.35 -81.05
CA PRO A 235 -20.33 3.12 -81.34
C PRO A 235 -21.57 2.26 -81.62
N SER B 4 -22.28 18.75 -22.41
CA SER B 4 -21.31 18.35 -23.42
C SER B 4 -21.86 18.53 -24.83
N ALA B 5 -21.96 19.78 -25.27
CA ALA B 5 -22.45 20.09 -26.60
C ALA B 5 -21.38 20.69 -27.50
N LEU B 6 -20.80 21.82 -27.10
CA LEU B 6 -19.77 22.52 -27.87
C LEU B 6 -20.19 22.66 -29.34
N THR B 7 -21.27 23.41 -29.55
CA THR B 7 -21.85 23.56 -30.88
C THR B 7 -21.07 24.60 -31.70
N GLN B 8 -20.92 24.33 -32.98
CA GLN B 8 -20.25 25.20 -33.93
C GLN B 8 -21.18 25.48 -35.10
N PRO B 9 -20.97 26.59 -35.81
CA PRO B 9 -21.75 26.83 -37.03
C PRO B 9 -21.45 25.77 -38.08
N ALA B 10 -22.43 25.57 -38.96
CA ALA B 10 -22.28 24.59 -40.04
C ALA B 10 -21.34 25.08 -41.14
N SER B 11 -21.34 26.38 -41.42
CA SER B 11 -20.50 26.93 -42.48
C SER B 11 -20.19 28.39 -42.18
N VAL B 12 -19.12 28.88 -42.78
CA VAL B 12 -18.74 30.29 -42.72
C VAL B 12 -18.31 30.72 -44.11
N SER B 13 -18.91 31.80 -44.61
CA SER B 13 -18.59 32.36 -45.92
C SER B 13 -17.96 33.73 -45.74
N GLY B 14 -16.88 33.99 -46.46
CA GLY B 14 -16.19 35.26 -46.34
C GLY B 14 -15.40 35.57 -47.60
N SER B 15 -15.26 36.86 -47.88
CA SER B 15 -14.50 37.38 -49.01
C SER B 15 -13.03 37.49 -48.65
N PRO B 16 -12.12 37.38 -49.64
CA PRO B 16 -10.70 37.45 -49.32
C PRO B 16 -10.27 38.85 -48.97
N GLY B 17 -9.31 38.93 -48.04
CA GLY B 17 -8.82 40.19 -47.54
C GLY B 17 -9.50 40.70 -46.29
N GLN B 18 -10.70 40.21 -46.00
CA GLN B 18 -11.44 40.57 -44.81
C GLN B 18 -11.21 39.54 -43.72
N SER B 19 -11.97 39.64 -42.63
CA SER B 19 -11.87 38.71 -41.52
C SER B 19 -13.12 37.84 -41.42
N VAL B 20 -12.94 36.62 -40.92
CA VAL B 20 -14.03 35.69 -40.68
C VAL B 20 -13.98 35.26 -39.22
N THR B 21 -15.15 35.17 -38.60
CA THR B 21 -15.27 34.80 -37.19
C THR B 21 -16.08 33.51 -37.08
N ILE B 22 -15.54 32.54 -36.35
CA ILE B 22 -16.19 31.25 -36.13
C ILE B 22 -16.38 31.10 -34.63
N SER B 23 -17.61 31.22 -34.16
CA SER B 23 -17.94 31.21 -32.75
C SER B 23 -18.09 29.78 -32.23
N CYS B 24 -18.18 29.67 -30.90
CA CYS B 24 -18.31 28.37 -30.25
C CYS B 24 -19.08 28.55 -28.96
N THR B 25 -20.17 27.80 -28.81
CA THR B 25 -21.01 27.85 -27.61
C THR B 25 -21.39 26.44 -27.20
N GLY B 26 -21.56 26.25 -25.90
CA GLY B 26 -22.02 24.98 -25.36
C GLY B 26 -23.34 25.12 -24.64
N THR B 27 -23.51 24.38 -23.56
CA THR B 27 -24.71 24.43 -22.74
C THR B 27 -24.40 25.18 -21.44
N ASN B 28 -25.37 25.19 -20.53
CA ASN B 28 -25.25 25.92 -19.28
C ASN B 28 -24.05 25.47 -18.45
N SER B 29 -23.05 26.34 -18.31
CA SER B 29 -21.84 26.16 -17.51
C SER B 29 -20.93 25.05 -18.02
N ASP B 30 -21.23 24.43 -19.17
CA ASP B 30 -20.37 23.37 -19.68
C ASP B 30 -19.09 23.93 -20.28
N VAL B 31 -19.20 25.01 -21.06
CA VAL B 31 -18.02 25.65 -21.62
C VAL B 31 -17.49 26.76 -20.72
N GLY B 32 -18.33 27.36 -19.89
CA GLY B 32 -17.88 28.35 -18.95
C GLY B 32 -17.16 27.71 -17.78
N THR B 33 -16.00 27.11 -18.06
CA THR B 33 -15.29 26.27 -17.10
C THR B 33 -13.80 26.59 -17.11
N PHE B 34 -13.44 27.86 -16.99
CA PHE B 34 -12.05 28.31 -17.11
C PHE B 34 -11.52 27.98 -18.51
N ASP B 35 -12.13 28.61 -19.52
CA ASP B 35 -12.19 28.07 -20.88
C ASP B 35 -10.92 27.35 -21.31
N LEU B 36 -9.82 28.11 -21.44
CA LEU B 36 -8.53 27.58 -21.91
C LEU B 36 -8.72 26.57 -23.04
N VAL B 37 -9.48 26.99 -24.05
CA VAL B 37 -9.95 26.11 -25.11
C VAL B 37 -8.87 25.95 -26.17
N SER B 38 -9.03 24.99 -27.07
CA SER B 38 -8.11 24.76 -28.17
C SER B 38 -8.89 24.73 -29.49
N TRP B 39 -8.15 24.82 -30.59
CA TRP B 39 -8.72 24.84 -31.93
C TRP B 39 -7.87 24.00 -32.86
N TYR B 40 -8.42 23.68 -34.03
CA TYR B 40 -7.74 22.83 -35.00
C TYR B 40 -8.14 23.23 -36.41
N GLN B 41 -7.31 22.81 -37.37
CA GLN B 41 -7.55 23.06 -38.79
C GLN B 41 -7.28 21.77 -39.55
N GLN B 42 -8.26 21.29 -40.30
CA GLN B 42 -8.17 20.00 -40.99
C GLN B 42 -8.46 20.22 -42.47
N TYR B 43 -7.44 20.00 -43.30
CA TYR B 43 -7.60 20.07 -44.74
C TYR B 43 -8.27 18.79 -45.25
N PRO B 44 -8.87 18.85 -46.44
CA PRO B 44 -9.56 17.66 -46.97
C PRO B 44 -8.60 16.48 -47.12
N GLY B 45 -8.97 15.36 -46.51
CA GLY B 45 -8.18 14.15 -46.60
C GLY B 45 -6.88 14.17 -45.84
N LYS B 46 -6.72 15.10 -44.90
CA LYS B 46 -5.49 15.24 -44.15
C LYS B 46 -5.77 15.13 -42.66
N ALA B 47 -4.69 14.94 -41.89
CA ALA B 47 -4.79 14.98 -40.45
C ALA B 47 -4.94 16.42 -39.98
N PRO B 48 -5.63 16.63 -38.86
CA PRO B 48 -5.76 17.99 -38.33
C PRO B 48 -4.50 18.45 -37.60
N LYS B 49 -4.36 19.77 -37.54
CA LYS B 49 -3.25 20.41 -36.83
C LYS B 49 -3.80 21.30 -35.74
N LEU B 50 -3.03 21.46 -34.67
CA LEU B 50 -3.40 22.35 -33.58
C LEU B 50 -2.90 23.75 -33.92
N ILE B 51 -3.82 24.71 -33.95
CA ILE B 51 -3.53 26.08 -34.35
C ILE B 51 -3.46 27.02 -33.14
N ILE B 52 -4.39 26.87 -32.19
CA ILE B 52 -4.41 27.69 -30.99
C ILE B 52 -4.78 26.82 -29.80
N TYR B 53 -3.98 26.87 -28.74
CA TYR B 53 -4.29 26.22 -27.48
C TYR B 53 -4.45 27.28 -26.40
N GLU B 54 -5.16 26.90 -25.33
CA GLU B 54 -5.47 27.79 -24.21
C GLU B 54 -6.27 29.01 -24.66
N GLY B 55 -7.02 28.88 -25.75
CA GLY B 55 -7.91 29.91 -26.26
C GLY B 55 -7.29 31.00 -27.12
N SER B 56 -6.08 31.43 -26.79
CA SER B 56 -5.47 32.55 -27.51
C SER B 56 -4.02 32.34 -27.90
N ARG B 57 -3.31 31.35 -27.37
CA ARG B 57 -1.89 31.20 -27.66
C ARG B 57 -1.66 30.27 -28.86
N ARG B 58 -0.60 30.57 -29.63
CA ARG B 58 -0.21 29.85 -30.82
C ARG B 58 1.10 29.09 -30.59
N PRO B 59 1.26 27.94 -31.23
CA PRO B 59 2.53 27.22 -31.16
C PRO B 59 3.48 27.66 -32.27
N SER B 60 4.72 27.15 -32.20
CA SER B 60 5.76 27.53 -33.13
C SER B 60 5.41 27.04 -34.54
N GLY B 61 5.08 27.98 -35.42
CA GLY B 61 4.79 27.64 -36.80
C GLY B 61 3.59 28.36 -37.38
N VAL B 62 2.58 28.63 -36.56
CA VAL B 62 1.38 29.31 -37.01
C VAL B 62 1.66 30.80 -37.14
N SER B 63 1.29 31.39 -38.28
CA SER B 63 1.45 32.82 -38.47
C SER B 63 0.49 33.58 -37.55
N ASP B 64 0.69 34.90 -37.49
CA ASP B 64 -0.09 35.74 -36.58
C ASP B 64 -1.52 35.96 -37.04
N ARG B 65 -1.90 35.44 -38.22
CA ARG B 65 -3.26 35.66 -38.73
C ARG B 65 -4.31 34.93 -37.92
N PHE B 66 -3.95 33.85 -37.23
CA PHE B 66 -4.89 33.06 -36.45
C PHE B 66 -4.95 33.60 -35.02
N SER B 67 -6.17 33.81 -34.52
CA SER B 67 -6.35 34.38 -33.19
C SER B 67 -7.69 33.97 -32.62
N GLY B 68 -7.75 33.88 -31.30
CA GLY B 68 -8.98 33.55 -30.61
C GLY B 68 -9.15 34.42 -29.38
N SER B 69 -10.41 34.62 -28.99
CA SER B 69 -10.74 35.54 -27.92
C SER B 69 -11.87 35.00 -27.06
N LYS B 70 -12.01 35.59 -25.87
CA LYS B 70 -13.05 35.24 -24.90
C LYS B 70 -14.22 36.19 -25.04
N SER B 71 -15.42 35.65 -25.26
CA SER B 71 -16.66 36.42 -25.27
C SER B 71 -17.68 35.69 -24.38
N GLY B 72 -17.61 35.94 -23.08
CA GLY B 72 -18.50 35.32 -22.12
C GLY B 72 -18.56 33.81 -22.24
N ASN B 73 -19.74 33.28 -22.58
CA ASN B 73 -19.91 31.85 -22.83
C ASN B 73 -19.46 31.45 -24.23
N THR B 74 -19.23 32.41 -25.11
CA THR B 74 -18.81 32.15 -26.49
C THR B 74 -17.30 32.29 -26.61
N ALA B 75 -16.70 31.41 -27.42
CA ALA B 75 -15.30 31.52 -27.80
C ALA B 75 -15.22 31.61 -29.32
N SER B 76 -14.47 32.58 -29.82
CA SER B 76 -14.43 32.88 -31.24
C SER B 76 -13.01 32.73 -31.78
N LEU B 77 -12.91 32.67 -33.10
CA LEU B 77 -11.65 32.56 -33.81
C LEU B 77 -11.68 33.51 -35.01
N THR B 78 -10.65 34.32 -35.15
CA THR B 78 -10.59 35.33 -36.20
C THR B 78 -9.46 35.01 -37.16
N ILE B 79 -9.76 35.07 -38.46
CA ILE B 79 -8.78 34.85 -39.52
C ILE B 79 -8.76 36.15 -40.34
N SER B 80 -7.84 37.05 -40.02
CA SER B 80 -7.85 38.40 -40.58
C SER B 80 -6.97 38.56 -41.81
N GLY B 81 -6.11 37.59 -42.11
CA GLY B 81 -5.23 37.71 -43.25
C GLY B 81 -5.94 37.43 -44.57
N LEU B 82 -5.28 37.89 -45.63
CA LEU B 82 -5.74 37.63 -47.00
C LEU B 82 -5.93 36.13 -47.00
N GLN B 83 -7.17 35.68 -46.98
CA GLN B 83 -7.32 34.22 -46.94
C GLN B 83 -6.72 33.67 -48.24
N ALA B 84 -5.84 32.69 -48.16
CA ALA B 84 -5.31 32.16 -49.44
C ALA B 84 -5.62 30.68 -49.54
N GLU B 85 -5.27 29.91 -48.50
CA GLU B 85 -5.48 28.44 -48.46
C GLU B 85 -6.17 28.12 -47.14
N ASP B 86 -7.06 28.99 -46.69
CA ASP B 86 -7.72 28.75 -45.39
C ASP B 86 -8.97 27.90 -45.61
N GLU B 87 -9.21 27.47 -46.84
CA GLU B 87 -10.40 26.65 -47.04
C GLU B 87 -10.19 25.28 -46.40
N ALA B 88 -10.82 25.07 -45.25
CA ALA B 88 -10.69 23.80 -44.53
C ALA B 88 -11.79 23.72 -43.49
N ASP B 89 -11.86 22.56 -42.84
CA ASP B 89 -12.82 22.32 -41.76
C ASP B 89 -12.14 22.64 -40.43
N TYR B 90 -12.72 23.58 -39.69
CA TYR B 90 -12.19 24.02 -38.41
C TYR B 90 -12.99 23.41 -37.27
N TYR B 91 -12.30 22.72 -36.37
CA TYR B 91 -12.92 22.05 -35.22
C TYR B 91 -12.51 22.76 -33.93
N CYS B 92 -13.07 22.28 -32.82
CA CYS B 92 -12.84 22.91 -31.53
C CYS B 92 -13.03 21.89 -30.43
N SER B 93 -12.25 22.03 -29.35
CA SER B 93 -12.22 21.03 -28.30
C SER B 93 -12.01 21.70 -26.94
N SER B 94 -12.76 21.23 -25.94
CA SER B 94 -12.61 21.68 -24.56
C SER B 94 -12.72 20.45 -23.64
N TYR B 95 -12.85 20.70 -22.35
CA TYR B 95 -12.93 19.63 -21.35
C TYR B 95 -14.23 19.78 -20.56
N ALA B 96 -15.12 18.80 -20.68
CA ALA B 96 -16.40 18.77 -19.98
C ALA B 96 -16.65 17.40 -19.38
N GLY B 97 -15.63 16.86 -18.70
CA GLY B 97 -15.72 15.56 -18.07
C GLY B 97 -15.01 14.49 -18.89
N SER B 98 -15.21 14.54 -20.20
CA SER B 98 -14.48 13.74 -21.16
C SER B 98 -14.34 14.59 -22.41
N VAL B 99 -13.10 14.78 -22.88
CA VAL B 99 -12.74 15.88 -23.77
C VAL B 99 -13.77 16.02 -24.88
N VAL B 100 -14.37 17.21 -24.97
CA VAL B 100 -15.52 17.46 -25.82
C VAL B 100 -15.05 18.06 -27.13
N PHE B 101 -15.70 17.68 -28.22
CA PHE B 101 -15.33 18.11 -29.56
C PHE B 101 -16.49 18.85 -30.22
N GLY B 102 -16.15 19.83 -31.05
CA GLY B 102 -17.14 20.57 -31.79
C GLY B 102 -17.48 19.93 -33.13
N GLY B 103 -18.62 20.34 -33.69
CA GLY B 103 -19.09 19.75 -34.93
C GLY B 103 -18.15 20.01 -36.09
N GLY B 104 -17.70 21.26 -36.23
CA GLY B 104 -16.80 21.61 -37.32
C GLY B 104 -17.40 22.60 -38.29
N THR B 105 -16.59 23.57 -38.73
CA THR B 105 -17.04 24.62 -39.63
C THR B 105 -16.10 24.67 -40.83
N LYS B 106 -16.68 24.66 -42.03
CA LYS B 106 -15.90 24.71 -43.26
C LYS B 106 -15.82 26.14 -43.76
N LEU B 107 -14.60 26.61 -44.04
CA LEU B 107 -14.39 27.93 -44.60
C LEU B 107 -14.29 27.83 -46.12
N THR B 108 -14.89 28.80 -46.80
CA THR B 108 -14.93 28.83 -48.26
C THR B 108 -14.23 30.09 -48.75
N VAL B 109 -13.10 29.90 -49.45
CA VAL B 109 -12.44 31.02 -50.09
C VAL B 109 -13.25 31.45 -51.30
N LEU B 110 -13.37 32.76 -51.49
CA LEU B 110 -14.31 33.29 -52.47
C LEU B 110 -13.79 33.09 -53.88
N GLY B 111 -14.70 32.72 -54.79
CA GLY B 111 -14.37 32.54 -56.19
C GLY B 111 -15.62 32.65 -57.03
N GLN B 112 -15.42 32.91 -58.31
CA GLN B 112 -16.56 33.12 -59.20
C GLN B 112 -17.29 31.80 -59.47
N PRO B 113 -18.62 31.84 -59.59
CA PRO B 113 -19.38 30.59 -59.76
C PRO B 113 -19.11 29.89 -61.07
N LYS B 114 -19.24 30.61 -62.19
CA LYS B 114 -18.99 30.06 -63.53
C LYS B 114 -19.68 28.70 -63.71
N GLY B 115 -20.98 28.68 -63.45
CA GLY B 115 -21.73 27.43 -63.45
C GLY B 115 -21.86 26.87 -64.87
N ALA B 116 -21.54 25.59 -65.03
CA ALA B 116 -21.68 24.89 -66.31
C ALA B 116 -21.73 23.39 -66.07
N PRO B 117 -22.88 22.85 -65.63
CA PRO B 117 -22.93 21.42 -65.30
C PRO B 117 -22.58 20.51 -66.47
N SER B 118 -23.12 20.77 -67.66
CA SER B 118 -22.87 19.96 -68.85
C SER B 118 -23.19 18.48 -68.58
N VAL B 119 -24.43 18.25 -68.18
CA VAL B 119 -24.87 16.90 -67.85
C VAL B 119 -24.90 16.04 -69.10
N THR B 120 -24.46 14.78 -68.96
CA THR B 120 -24.50 13.81 -70.04
C THR B 120 -25.12 12.53 -69.51
N LEU B 121 -26.33 12.21 -69.98
CA LEU B 121 -27.02 11.00 -69.60
C LEU B 121 -26.70 9.89 -70.59
N PHE B 122 -26.42 8.69 -70.08
CA PHE B 122 -25.99 7.58 -70.90
C PHE B 122 -26.93 6.40 -70.75
N PRO B 123 -27.46 5.85 -71.83
CA PRO B 123 -28.43 4.75 -71.73
C PRO B 123 -27.76 3.50 -71.21
N PRO B 124 -28.53 2.56 -70.65
CA PRO B 124 -27.95 1.29 -70.21
C PRO B 124 -27.35 0.52 -71.39
N SER B 125 -26.14 0.00 -71.19
CA SER B 125 -25.49 -0.75 -72.25
C SER B 125 -26.19 -2.10 -72.45
N SER B 126 -25.97 -2.68 -73.63
CA SER B 126 -26.63 -3.94 -73.96
C SER B 126 -26.21 -5.06 -73.02
N GLU B 127 -24.96 -5.03 -72.52
CA GLU B 127 -24.51 -6.08 -71.61
C GLU B 127 -25.17 -5.95 -70.24
N GLU B 128 -25.48 -4.73 -69.80
CA GLU B 128 -26.29 -4.56 -68.60
C GLU B 128 -27.69 -5.12 -68.82
N LEU B 129 -28.29 -4.81 -69.97
CA LEU B 129 -29.62 -5.30 -70.28
C LEU B 129 -29.65 -6.82 -70.37
N GLN B 130 -28.57 -7.43 -70.85
CA GLN B 130 -28.45 -8.88 -70.80
C GLN B 130 -28.47 -9.38 -69.36
N ALA B 131 -27.64 -8.78 -68.50
CA ALA B 131 -27.60 -9.15 -67.09
C ALA B 131 -28.78 -8.59 -66.30
N ASN B 132 -29.70 -7.87 -66.95
CA ASN B 132 -30.89 -7.32 -66.31
C ASN B 132 -30.55 -6.37 -65.16
N LYS B 133 -29.41 -5.69 -65.25
CA LYS B 133 -29.04 -4.75 -64.21
C LYS B 133 -29.77 -3.41 -64.37
N ALA B 134 -29.86 -2.91 -65.61
CA ALA B 134 -30.70 -1.78 -65.97
C ALA B 134 -30.36 -0.54 -65.13
N THR B 135 -29.16 -0.03 -65.36
CA THR B 135 -28.63 1.11 -64.62
C THR B 135 -28.37 2.28 -65.56
N LEU B 136 -28.73 3.48 -65.10
CA LEU B 136 -28.62 4.72 -65.86
C LEU B 136 -27.54 5.60 -65.24
N VAL B 137 -26.88 6.39 -66.08
CA VAL B 137 -25.69 7.15 -65.67
C VAL B 137 -25.90 8.62 -65.99
N CYS B 138 -25.84 9.46 -64.95
CA CYS B 138 -25.84 10.91 -65.09
C CYS B 138 -24.53 11.46 -64.53
N LEU B 139 -23.89 12.33 -65.28
CA LEU B 139 -22.57 12.85 -64.93
C LEU B 139 -22.60 14.37 -64.93
N ILE B 140 -22.44 14.96 -63.75
CA ILE B 140 -22.44 16.41 -63.56
C ILE B 140 -21.02 16.86 -63.27
N SER B 141 -20.61 17.99 -63.87
CA SER B 141 -19.23 18.43 -63.76
C SER B 141 -19.14 19.92 -63.99
N ASP B 142 -17.99 20.50 -63.60
CA ASP B 142 -17.62 21.87 -63.96
C ASP B 142 -18.57 22.91 -63.36
N PHE B 143 -18.77 22.83 -62.04
CA PHE B 143 -19.52 23.82 -61.30
C PHE B 143 -18.76 24.18 -60.03
N TYR B 144 -18.79 25.47 -59.66
CA TYR B 144 -18.07 25.92 -58.47
C TYR B 144 -18.75 25.68 -57.13
N PRO B 145 -20.10 25.84 -56.99
CA PRO B 145 -20.66 25.92 -55.64
C PRO B 145 -20.55 24.63 -54.84
N GLY B 146 -20.99 24.68 -53.59
CA GLY B 146 -20.87 23.55 -52.70
C GLY B 146 -21.71 22.34 -53.10
N ALA B 147 -23.02 22.52 -53.18
CA ALA B 147 -23.95 21.41 -53.33
C ALA B 147 -24.72 21.49 -54.64
N VAL B 148 -25.07 20.31 -55.16
CA VAL B 148 -25.92 20.17 -56.34
C VAL B 148 -27.09 19.27 -55.96
N THR B 149 -28.30 19.69 -56.30
CA THR B 149 -29.51 18.94 -56.00
C THR B 149 -30.00 18.21 -57.25
N VAL B 150 -30.34 16.94 -57.10
CA VAL B 150 -30.77 16.10 -58.20
C VAL B 150 -32.10 15.45 -57.84
N ALA B 151 -32.98 15.32 -58.85
CA ALA B 151 -34.27 14.64 -58.66
C ALA B 151 -34.64 13.97 -59.96
N TRP B 152 -34.89 12.65 -59.90
CA TRP B 152 -35.21 11.88 -61.09
C TRP B 152 -36.72 11.76 -61.27
N LYS B 153 -37.14 11.63 -62.53
CA LYS B 153 -38.53 11.38 -62.85
C LYS B 153 -38.61 10.68 -64.21
N ALA B 154 -39.49 9.69 -64.30
CA ALA B 154 -39.69 8.91 -65.52
C ALA B 154 -41.14 9.04 -65.96
N ASP B 155 -41.35 9.43 -67.21
CA ASP B 155 -42.68 9.67 -67.76
C ASP B 155 -43.45 10.69 -66.94
N SER B 156 -42.75 11.77 -66.55
CA SER B 156 -43.33 12.87 -65.77
C SER B 156 -43.89 12.38 -64.43
N SER B 157 -43.34 11.28 -63.90
CA SER B 157 -43.70 10.77 -62.60
C SER B 157 -42.44 10.68 -61.74
N PRO B 158 -42.45 11.26 -60.53
CA PRO B 158 -41.22 11.31 -59.74
C PRO B 158 -40.76 9.93 -59.30
N VAL B 159 -39.46 9.69 -59.43
CA VAL B 159 -38.83 8.42 -59.09
C VAL B 159 -37.95 8.63 -57.87
N LYS B 160 -38.21 7.88 -56.81
CA LYS B 160 -37.38 7.92 -55.61
C LYS B 160 -36.86 6.55 -55.19
N ALA B 161 -37.42 5.47 -55.72
CA ALA B 161 -36.99 4.12 -55.37
C ALA B 161 -35.83 3.71 -56.27
N GLY B 162 -34.67 3.51 -55.67
CA GLY B 162 -33.49 3.07 -56.40
C GLY B 162 -32.69 4.19 -57.02
N VAL B 163 -32.25 5.15 -56.20
CA VAL B 163 -31.45 6.27 -56.65
C VAL B 163 -30.28 6.47 -55.68
N GLU B 164 -29.10 6.73 -56.24
CA GLU B 164 -27.90 6.99 -55.45
C GLU B 164 -27.29 8.31 -55.87
N THR B 165 -26.75 9.04 -54.91
CA THR B 165 -26.15 10.35 -55.16
C THR B 165 -24.89 10.48 -54.31
N THR B 166 -23.84 11.04 -54.90
CA THR B 166 -22.55 11.20 -54.25
C THR B 166 -22.31 12.67 -53.90
N THR B 167 -21.31 12.88 -53.06
CA THR B 167 -20.92 14.22 -52.62
C THR B 167 -20.17 14.94 -53.74
N PRO B 168 -20.37 16.25 -53.89
CA PRO B 168 -19.61 17.02 -54.88
C PRO B 168 -18.10 16.88 -54.64
N SER B 169 -17.37 16.62 -55.72
CA SER B 169 -15.95 16.31 -55.66
C SER B 169 -15.16 17.41 -56.36
N LYS B 170 -14.14 17.94 -55.67
CA LYS B 170 -13.32 19.01 -56.21
C LYS B 170 -12.42 18.47 -57.32
N GLN B 171 -12.46 19.13 -58.49
CA GLN B 171 -11.70 18.70 -59.65
C GLN B 171 -10.26 19.24 -59.56
N SER B 172 -9.52 19.12 -60.66
CA SER B 172 -8.16 19.63 -60.72
C SER B 172 -8.12 21.13 -60.94
N ASN B 173 -9.14 21.69 -61.60
CA ASN B 173 -9.22 23.12 -61.86
C ASN B 173 -10.12 23.84 -60.87
N ASN B 174 -10.15 23.36 -59.61
CA ASN B 174 -10.84 23.95 -58.47
C ASN B 174 -12.37 23.92 -58.60
N LYS B 175 -12.91 23.39 -59.68
CA LYS B 175 -14.36 23.26 -59.81
C LYS B 175 -14.80 22.00 -59.07
N TYR B 176 -16.07 21.62 -59.24
CA TYR B 176 -16.61 20.45 -58.55
C TYR B 176 -17.38 19.58 -59.55
N ALA B 177 -17.65 18.35 -59.14
CA ALA B 177 -18.35 17.39 -59.97
C ALA B 177 -18.95 16.31 -59.08
N ALA B 178 -19.95 15.62 -59.61
CA ALA B 178 -20.62 14.54 -58.91
C ALA B 178 -21.38 13.69 -59.92
N SER B 179 -21.81 12.51 -59.47
CA SER B 179 -22.52 11.57 -60.32
C SER B 179 -23.63 10.90 -59.54
N SER B 180 -24.81 10.83 -60.13
CA SER B 180 -25.98 10.20 -59.52
C SER B 180 -26.46 9.05 -60.40
N TYR B 181 -26.79 7.94 -59.77
CA TYR B 181 -27.18 6.71 -60.46
C TYR B 181 -28.65 6.39 -60.21
N LEU B 182 -29.14 5.39 -60.94
CA LEU B 182 -30.52 4.95 -60.84
C LEU B 182 -30.60 3.49 -61.26
N SER B 183 -30.98 2.61 -60.33
CA SER B 183 -31.05 1.18 -60.57
C SER B 183 -32.51 0.75 -60.66
N LEU B 184 -32.83 0.00 -61.70
CA LEU B 184 -34.20 -0.47 -61.93
C LEU B 184 -34.11 -1.82 -62.66
N THR B 185 -35.24 -2.24 -63.24
CA THR B 185 -35.33 -3.49 -63.96
C THR B 185 -35.61 -3.25 -65.44
N PRO B 186 -35.14 -4.12 -66.33
CA PRO B 186 -35.39 -3.91 -67.77
C PRO B 186 -36.86 -3.86 -68.13
N GLU B 187 -37.71 -4.59 -67.42
CA GLU B 187 -39.14 -4.52 -67.68
C GLU B 187 -39.73 -3.15 -67.33
N GLN B 188 -39.06 -2.40 -66.44
CA GLN B 188 -39.48 -1.03 -66.14
C GLN B 188 -38.93 -0.02 -67.14
N TRP B 189 -37.83 -0.34 -67.82
CA TRP B 189 -37.22 0.60 -68.75
C TRP B 189 -37.91 0.58 -70.12
N LYS B 190 -38.26 -0.61 -70.61
CA LYS B 190 -38.85 -0.71 -71.94
C LYS B 190 -40.29 -0.21 -71.96
N SER B 191 -41.00 -0.27 -70.83
CA SER B 191 -42.39 0.17 -70.81
C SER B 191 -42.49 1.68 -70.81
N HIS B 192 -41.71 2.36 -69.97
CA HIS B 192 -41.68 3.81 -69.97
C HIS B 192 -41.07 4.33 -71.26
N ARG B 193 -41.51 5.52 -71.68
CA ARG B 193 -41.08 6.10 -72.94
C ARG B 193 -39.94 7.09 -72.79
N SER B 194 -39.75 7.67 -71.61
CA SER B 194 -38.68 8.64 -71.42
C SER B 194 -38.21 8.61 -69.97
N TYR B 195 -36.95 8.98 -69.77
CA TYR B 195 -36.32 9.07 -68.45
C TYR B 195 -35.56 10.38 -68.38
N SER B 196 -35.97 11.26 -67.49
CA SER B 196 -35.36 12.57 -67.34
C SER B 196 -34.52 12.63 -66.06
N CYS B 197 -33.62 13.61 -66.03
CA CYS B 197 -32.75 13.83 -64.88
C CYS B 197 -32.67 15.34 -64.65
N GLN B 198 -33.27 15.81 -63.57
CA GLN B 198 -33.37 17.24 -63.27
C GLN B 198 -32.36 17.61 -62.20
N VAL B 199 -31.47 18.55 -62.52
CA VAL B 199 -30.49 19.08 -61.59
C VAL B 199 -30.84 20.54 -61.34
N THR B 200 -31.34 20.83 -60.13
CA THR B 200 -31.62 22.20 -59.73
C THR B 200 -30.33 22.78 -59.16
N HIS B 201 -29.71 23.69 -59.91
CA HIS B 201 -28.39 24.25 -59.56
C HIS B 201 -28.50 25.77 -59.62
N GLU B 202 -28.98 26.35 -58.52
CA GLU B 202 -29.13 27.80 -58.33
C GLU B 202 -29.52 28.53 -59.62
N GLY B 203 -30.55 28.02 -60.28
CA GLY B 203 -31.21 28.76 -61.33
C GLY B 203 -31.47 28.09 -62.67
N SER B 204 -30.53 27.30 -63.19
CA SER B 204 -30.66 26.74 -64.53
C SER B 204 -30.81 25.24 -64.43
N THR B 205 -31.97 24.73 -64.82
CA THR B 205 -32.24 23.30 -64.83
C THR B 205 -31.58 22.65 -66.04
N VAL B 206 -30.99 21.47 -65.82
CA VAL B 206 -30.41 20.72 -66.91
C VAL B 206 -31.54 20.08 -67.72
N GLU B 207 -31.29 19.89 -69.02
CA GLU B 207 -32.33 19.50 -69.96
C GLU B 207 -32.14 18.11 -70.54
N LYS B 208 -31.29 17.30 -69.92
CA LYS B 208 -30.96 15.99 -70.47
C LYS B 208 -32.06 14.97 -70.19
N THR B 209 -32.32 14.12 -71.19
CA THR B 209 -33.33 13.07 -71.10
C THR B 209 -33.02 12.03 -72.15
N VAL B 210 -33.08 10.76 -71.76
CA VAL B 210 -32.67 9.65 -72.62
C VAL B 210 -33.91 8.95 -73.17
N ALA B 211 -33.82 8.50 -74.42
CA ALA B 211 -34.90 7.79 -75.09
C ALA B 211 -34.43 6.40 -75.48
N PRO B 212 -35.16 5.33 -75.11
CA PRO B 212 -34.82 3.93 -75.40
C PRO B 212 -34.61 3.67 -76.90
N GLN C 12 24.51 8.31 40.65
CA GLN C 12 23.37 7.44 40.41
C GLN C 12 22.33 8.12 39.53
N HIS C 13 21.89 7.41 38.49
CA HIS C 13 20.91 7.96 37.56
C HIS C 13 19.90 6.89 37.20
N LEU C 14 18.68 7.32 36.87
CA LEU C 14 17.64 6.43 36.39
C LEU C 14 17.78 6.21 34.90
N PRO C 15 17.44 5.02 34.40
CA PRO C 15 17.48 4.77 32.95
C PRO C 15 16.20 5.10 32.20
N GLU C 16 15.27 5.82 32.82
CA GLU C 16 14.02 6.22 32.18
C GLU C 16 13.81 7.71 32.33
N LEU C 17 13.43 8.36 31.24
CA LEU C 17 13.11 9.78 31.27
C LEU C 17 11.68 9.97 31.77
N CYS C 18 11.51 10.82 32.78
CA CYS C 18 10.22 11.02 33.41
C CYS C 18 9.78 12.46 33.28
N PRO C 19 8.66 12.76 32.62
CA PRO C 19 8.31 14.14 32.29
C PRO C 19 7.58 14.89 33.39
N SER C 20 7.42 14.30 34.57
CA SER C 20 6.34 14.59 35.52
C SER C 20 5.85 16.05 35.53
N PRO C 21 6.69 17.08 35.86
CA PRO C 21 6.19 18.45 35.70
C PRO C 21 6.47 19.02 34.31
N LEU C 22 7.53 18.54 33.66
CA LEU C 22 7.97 19.11 32.39
C LEU C 22 7.13 18.56 31.24
N ARG C 23 7.42 19.02 30.04
CA ARG C 23 6.67 18.65 28.85
C ARG C 23 7.61 18.02 27.84
N LEU C 24 7.38 16.75 27.51
CA LEU C 24 8.25 15.99 26.64
C LEU C 24 7.51 15.59 25.36
N VAL C 25 8.25 15.50 24.27
CA VAL C 25 7.72 15.10 22.97
C VAL C 25 8.68 14.11 22.34
N ASP C 26 8.18 12.93 21.97
CA ASP C 26 9.01 11.91 21.35
C ASP C 26 9.06 12.16 19.84
N GLY C 27 10.27 12.46 19.34
CA GLY C 27 10.47 12.68 17.92
C GLY C 27 10.73 11.39 17.18
N GLN C 28 9.65 10.60 17.00
CA GLN C 28 9.75 9.20 16.62
C GLN C 28 10.74 8.96 15.47
N THR C 29 10.41 9.50 14.29
CA THR C 29 11.22 9.32 13.10
C THR C 29 11.54 10.65 12.45
N CYS C 30 11.59 11.72 13.25
CA CYS C 30 11.66 13.08 12.72
C CYS C 30 12.62 13.90 13.56
N ASP C 31 13.63 14.46 12.92
CA ASP C 31 14.38 15.55 13.53
C ASP C 31 13.52 16.80 13.54
N ILE C 32 13.82 17.70 14.50
CA ILE C 32 12.98 18.87 14.69
C ILE C 32 12.97 19.77 13.46
N VAL C 33 13.94 19.63 12.57
CA VAL C 33 13.95 20.43 11.34
C VAL C 33 13.01 19.83 10.30
N ASN C 34 13.11 18.52 10.06
CA ASN C 34 12.17 17.86 9.17
C ASN C 34 10.75 17.84 9.75
N GLY C 35 10.61 17.97 11.06
CA GLY C 35 9.29 18.04 11.65
C GLY C 35 8.52 19.28 11.25
N ALA C 36 9.23 20.39 11.06
CA ALA C 36 8.59 21.63 10.63
C ALA C 36 8.34 21.68 9.13
N LEU C 37 9.08 20.88 8.35
CA LEU C 37 8.86 20.86 6.90
C LEU C 37 7.63 20.06 6.51
N GLY C 38 7.28 19.03 7.29
CA GLY C 38 6.14 18.21 6.99
C GLY C 38 6.45 16.97 6.17
N SER C 39 7.47 16.22 6.60
CA SER C 39 7.86 15.00 5.92
C SER C 39 6.81 13.91 6.13
N PRO C 40 6.81 12.87 5.29
CA PRO C 40 5.78 11.83 5.43
C PRO C 40 5.70 11.18 6.80
N GLY C 41 6.82 11.02 7.49
CA GLY C 41 6.78 10.44 8.82
C GLY C 41 6.47 11.41 9.94
N CYS C 42 6.34 12.70 9.64
CA CYS C 42 6.21 13.74 10.65
C CYS C 42 4.81 14.32 10.69
N ASP C 43 3.79 13.49 10.49
CA ASP C 43 2.42 13.93 10.63
C ASP C 43 1.98 14.00 12.08
N HIS C 44 2.56 13.16 12.95
CA HIS C 44 2.12 13.07 14.33
C HIS C 44 2.59 14.26 15.17
N LEU C 45 3.75 14.85 14.83
CA LEU C 45 4.31 15.90 15.68
C LEU C 45 3.57 17.22 15.54
N ASN C 46 3.02 17.51 14.36
CA ASN C 46 2.45 18.81 14.08
C ASN C 46 1.32 19.15 15.05
N GLY C 47 1.36 20.37 15.59
CA GLY C 47 0.33 20.83 16.50
C GLY C 47 0.58 20.43 17.94
N ALA C 48 1.78 20.71 18.46
CA ALA C 48 2.13 20.33 19.82
C ALA C 48 3.14 21.30 20.38
N GLU C 49 2.92 21.73 21.62
CA GLU C 49 3.88 22.53 22.36
C GLU C 49 4.74 21.63 23.23
N TRP C 50 5.91 22.14 23.62
CA TRP C 50 6.83 21.34 24.41
C TRP C 50 7.81 22.26 25.14
N ASP C 51 8.36 21.73 26.23
CA ASP C 51 9.49 22.35 26.91
C ASP C 51 10.82 21.72 26.54
N ILE C 52 10.83 20.41 26.29
CA ILE C 52 12.05 19.68 25.92
C ILE C 52 11.68 18.69 24.83
N PHE C 53 12.36 18.78 23.69
CA PHE C 53 12.11 17.91 22.54
C PHE C 53 13.18 16.84 22.50
N ILE C 54 12.78 15.57 22.58
CA ILE C 54 13.71 14.46 22.47
C ILE C 54 13.94 14.14 21.01
N GLU C 55 15.19 14.14 20.58
CA GLU C 55 15.57 13.87 19.20
C GLU C 55 16.33 12.55 19.15
N ARG C 56 15.70 11.52 18.60
CA ARG C 56 16.33 10.21 18.54
C ARG C 56 17.47 10.21 17.53
N PRO C 57 18.57 9.53 17.81
CA PRO C 57 19.65 9.42 16.83
C PRO C 57 19.30 8.54 15.64
N THR C 58 18.21 7.78 15.72
CA THR C 58 17.76 6.92 14.63
C THR C 58 16.87 7.65 13.63
N ALA C 59 16.69 8.96 13.78
CA ALA C 59 15.88 9.72 12.84
C ALA C 59 16.57 9.79 11.49
N VAL C 60 15.86 9.39 10.44
CA VAL C 60 16.42 9.31 9.09
C VAL C 60 15.68 10.27 8.17
N ASP C 61 16.31 10.54 7.03
CA ASP C 61 15.66 11.32 5.98
C ASP C 61 14.65 10.46 5.24
N THR C 62 13.49 11.04 4.97
CA THR C 62 12.42 10.37 4.25
C THR C 62 12.05 11.05 2.95
N CYS C 63 11.97 12.37 2.95
CA CYS C 63 11.52 13.14 1.79
C CYS C 63 12.72 13.52 0.92
N TYR C 64 12.51 14.46 0.00
CA TYR C 64 13.50 14.99 -0.94
C TYR C 64 14.82 15.28 -0.25
N PRO C 65 15.95 14.86 -0.83
CA PRO C 65 17.25 15.27 -0.28
C PRO C 65 17.42 16.79 -0.33
N PHE C 66 17.88 17.35 0.78
CA PHE C 66 18.00 18.79 0.91
C PHE C 66 19.19 19.13 1.81
N ASP C 67 19.49 20.42 1.88
CA ASP C 67 20.55 20.92 2.74
C ASP C 67 20.16 22.31 3.22
N VAL C 68 20.45 22.58 4.49
CA VAL C 68 20.01 23.83 5.14
C VAL C 68 21.25 24.64 5.48
N PRO C 69 21.53 25.73 4.78
CA PRO C 69 22.58 26.65 5.23
C PRO C 69 22.22 27.26 6.58
N ASP C 70 23.22 27.37 7.45
CA ASP C 70 23.02 27.82 8.83
C ASP C 70 21.99 26.94 9.53
N TYR C 71 22.15 25.63 9.36
CA TYR C 71 21.24 24.65 9.96
C TYR C 71 21.21 24.77 11.48
N GLN C 72 22.34 25.15 12.09
CA GLN C 72 22.41 25.22 13.55
C GLN C 72 21.47 26.29 14.11
N SER C 73 21.34 27.41 13.41
CA SER C 73 20.47 28.48 13.89
C SER C 73 19.00 28.08 13.81
N LEU C 74 18.60 27.51 12.66
CA LEU C 74 17.20 27.11 12.49
C LEU C 74 16.81 26.00 13.45
N ARG C 75 17.75 25.12 13.79
CA ARG C 75 17.47 24.04 14.73
C ARG C 75 17.20 24.59 16.13
N SER C 76 18.03 25.55 16.58
CA SER C 76 17.89 26.06 17.93
C SER C 76 16.69 27.00 18.05
N ILE C 77 16.44 27.79 17.01
CA ILE C 77 15.29 28.70 17.04
C ILE C 77 13.98 27.92 17.10
N LEU C 78 13.85 26.90 16.24
CA LEU C 78 12.67 26.05 16.27
C LEU C 78 12.52 25.36 17.62
N ALA C 79 13.63 25.08 18.30
CA ALA C 79 13.58 24.38 19.58
C ALA C 79 13.16 25.31 20.72
N ASN C 80 13.73 26.51 20.77
CA ASN C 80 13.55 27.38 21.93
C ASN C 80 12.18 28.03 21.98
N ASN C 81 11.38 27.94 20.93
CA ASN C 81 10.05 28.53 20.95
C ASN C 81 8.99 27.60 21.54
N GLY C 82 9.14 26.30 21.37
CA GLY C 82 8.21 25.35 21.98
C GLY C 82 6.79 25.46 21.47
N LYS C 83 6.61 25.88 20.23
CA LYS C 83 5.28 25.95 19.62
C LYS C 83 5.37 25.48 18.18
N PHE C 84 4.71 24.37 17.87
CA PHE C 84 4.69 23.81 16.53
C PHE C 84 3.42 24.16 15.76
N GLU C 85 2.61 25.09 16.27
CA GLU C 85 1.39 25.44 15.58
C GLU C 85 1.70 26.22 14.30
N PHE C 86 0.99 25.90 13.23
CA PHE C 86 1.23 26.46 11.92
C PHE C 86 0.03 27.28 11.49
N ILE C 87 0.28 28.54 11.10
CA ILE C 87 -0.77 29.44 10.66
C ILE C 87 -0.98 29.22 9.17
N ALA C 88 -2.22 28.90 8.79
CA ALA C 88 -2.57 28.66 7.39
C ALA C 88 -2.82 30.01 6.71
N GLU C 89 -1.94 30.38 5.78
CA GLU C 89 -2.05 31.64 5.06
C GLU C 89 -2.14 31.34 3.57
N GLU C 90 -3.24 31.76 2.94
CA GLU C 90 -3.53 31.43 1.56
C GLU C 90 -2.69 32.31 0.63
N PHE C 91 -1.66 31.72 0.03
CA PHE C 91 -0.87 32.39 -1.01
C PHE C 91 -1.53 32.18 -2.36
N GLN C 92 -1.46 33.20 -3.21
CA GLN C 92 -1.95 33.10 -4.58
C GLN C 92 -0.78 33.30 -5.53
N TRP C 93 -0.59 32.33 -6.44
CA TRP C 93 0.49 32.36 -7.40
C TRP C 93 -0.07 32.56 -8.80
N SER C 94 0.59 33.39 -9.59
CA SER C 94 0.07 33.85 -10.87
C SER C 94 0.72 33.10 -12.02
N THR C 95 -0.10 32.62 -12.96
CA THR C 95 0.33 31.99 -14.21
C THR C 95 1.42 30.94 -13.98
N VAL C 96 1.19 30.06 -13.00
CA VAL C 96 2.09 28.95 -12.70
C VAL C 96 1.23 27.76 -12.28
N LYS C 97 1.89 26.61 -12.12
CA LYS C 97 1.26 25.39 -11.63
C LYS C 97 1.88 25.03 -10.30
N GLN C 98 1.04 24.91 -9.27
CA GLN C 98 1.48 24.65 -7.91
C GLN C 98 1.34 23.17 -7.57
N ASN C 99 1.72 22.83 -6.33
CA ASN C 99 1.55 21.48 -5.78
C ASN C 99 2.31 20.44 -6.59
N GLY C 100 3.59 20.74 -6.86
CA GLY C 100 4.45 19.77 -7.53
C GLY C 100 4.93 18.72 -6.54
N VAL C 101 4.80 17.46 -6.93
CA VAL C 101 5.14 16.35 -6.06
C VAL C 101 6.40 15.66 -6.60
N SER C 102 6.97 14.77 -5.78
CA SER C 102 8.18 14.05 -6.13
C SER C 102 7.99 12.57 -5.84
N ALA C 103 8.85 11.77 -6.47
CA ALA C 103 8.84 10.32 -6.25
C ALA C 103 9.74 9.90 -5.10
N SER C 104 10.87 10.59 -4.91
CA SER C 104 11.72 10.33 -3.76
C SER C 104 11.00 10.59 -2.45
N CYS C 105 10.04 11.52 -2.46
CA CYS C 105 9.25 11.88 -1.28
C CYS C 105 7.93 11.12 -1.35
N SER C 106 7.97 9.85 -0.95
CA SER C 106 6.81 8.98 -1.01
C SER C 106 6.09 8.99 0.33
N ARG C 107 4.81 9.36 0.30
CA ARG C 107 3.95 9.36 1.49
C ARG C 107 2.78 8.42 1.21
N ALA C 108 2.76 7.28 1.93
CA ALA C 108 1.75 6.24 1.73
C ALA C 108 1.77 5.73 0.29
N ASN C 109 2.97 5.60 -0.28
CA ASN C 109 3.19 5.13 -1.64
C ASN C 109 2.48 5.99 -2.69
N VAL C 110 2.11 7.22 -2.31
CA VAL C 110 1.60 8.22 -3.23
C VAL C 110 2.69 9.27 -3.40
N ASN C 111 2.97 9.65 -4.65
CA ASN C 111 4.00 10.65 -4.91
C ASN C 111 3.60 11.97 -4.29
N ASP C 112 4.27 12.36 -3.21
CA ASP C 112 3.88 13.50 -2.40
C ASP C 112 5.04 14.47 -2.27
N PHE C 113 4.80 15.53 -1.51
CA PHE C 113 5.77 16.60 -1.29
C PHE C 113 5.71 16.98 0.19
N PHE C 114 6.53 17.96 0.57
CA PHE C 114 6.50 18.46 1.94
C PHE C 114 5.11 18.97 2.28
N ASN C 115 4.58 18.52 3.42
CA ASN C 115 3.22 18.89 3.82
C ASN C 115 3.07 20.39 4.09
N ARG C 116 4.17 21.08 4.41
CA ARG C 116 4.14 22.50 4.70
C ARG C 116 4.84 23.33 3.63
N LEU C 117 4.96 22.81 2.41
CA LEU C 117 5.67 23.50 1.34
C LEU C 117 4.95 23.28 0.02
N ASN C 118 5.31 24.11 -0.96
CA ASN C 118 4.64 24.12 -2.25
C ASN C 118 5.68 24.27 -3.35
N TRP C 119 5.65 23.37 -4.33
CA TRP C 119 6.59 23.36 -5.44
C TRP C 119 5.91 23.87 -6.70
N LEU C 120 6.52 24.87 -7.34
CA LEU C 120 5.94 25.56 -8.48
C LEU C 120 6.64 25.14 -9.77
N THR C 121 5.86 25.01 -10.84
CA THR C 121 6.37 24.66 -12.16
C THR C 121 5.63 25.47 -13.22
N GLY C 122 6.31 25.74 -14.33
CA GLY C 122 5.69 26.49 -15.41
C GLY C 122 4.58 25.72 -16.09
N LYS C 123 3.61 26.46 -16.63
CA LYS C 123 2.49 25.82 -17.28
C LYS C 123 2.53 26.06 -18.76
N ASN C 124 2.82 25.01 -19.52
CA ASN C 124 2.89 25.00 -20.98
C ASN C 124 3.98 25.85 -21.64
N GLY C 125 3.90 27.16 -21.48
CA GLY C 125 4.86 28.06 -22.10
C GLY C 125 5.53 29.21 -21.38
N LEU C 126 5.33 29.39 -20.09
CA LEU C 126 6.02 30.49 -19.39
C LEU C 126 6.01 30.51 -17.86
N TYR C 127 6.97 31.22 -17.26
CA TYR C 127 7.02 31.31 -15.80
C TYR C 127 7.26 32.77 -15.45
N PRO C 128 6.22 33.61 -15.52
CA PRO C 128 6.42 35.05 -15.42
C PRO C 128 6.89 35.50 -14.05
N LEU C 129 7.17 36.79 -13.92
CA LEU C 129 7.70 37.33 -12.68
C LEU C 129 6.63 37.33 -11.59
N GLN C 130 6.94 36.68 -10.47
CA GLN C 130 6.01 36.60 -9.35
C GLN C 130 6.26 37.72 -8.36
N ASN C 131 5.19 38.26 -7.80
CA ASN C 131 5.27 39.46 -6.98
C ASN C 131 4.11 39.41 -5.98
N LEU C 132 4.38 38.94 -4.76
CA LEU C 132 3.35 38.78 -3.75
C LEU C 132 3.93 39.05 -2.37
N THR C 133 3.17 39.79 -1.56
CA THR C 133 3.61 40.18 -0.22
C THR C 133 2.56 39.80 0.81
N LYS C 134 3.00 39.74 2.07
CA LYS C 134 2.11 39.48 3.21
C LYS C 134 2.65 40.28 4.39
N ILE C 135 2.03 41.43 4.66
CA ILE C 135 2.43 42.26 5.79
C ILE C 135 1.91 41.65 7.08
N ASN C 136 2.75 41.65 8.11
CA ASN C 136 2.39 41.10 9.41
C ASN C 136 2.02 42.23 10.35
N ASN C 137 0.79 42.19 10.86
CA ASN C 137 0.34 43.12 11.90
C ASN C 137 -0.09 42.39 13.15
N GLY C 138 0.23 41.10 13.27
CA GLY C 138 -0.17 40.33 14.44
C GLY C 138 0.70 40.61 15.64
N ASP C 139 0.25 40.07 16.78
CA ASP C 139 0.94 40.24 18.05
C ASP C 139 2.05 39.22 18.27
N TYR C 140 2.57 38.63 17.19
CA TYR C 140 3.61 37.62 17.29
C TYR C 140 4.52 37.74 16.08
N ALA C 141 5.75 37.26 16.25
CA ALA C 141 6.69 37.20 15.13
C ALA C 141 6.40 35.98 14.27
N ARG C 142 6.69 36.11 12.98
CA ARG C 142 6.41 35.06 12.00
C ARG C 142 7.71 34.48 11.46
N LEU C 143 7.75 33.16 11.35
CA LEU C 143 8.87 32.44 10.77
C LEU C 143 8.41 31.79 9.47
N TYR C 144 9.07 32.12 8.37
CA TYR C 144 8.78 31.56 7.07
C TYR C 144 9.90 30.63 6.65
N ILE C 145 9.54 29.42 6.23
CA ILE C 145 10.51 28.39 5.85
C ILE C 145 10.30 28.09 4.37
N TRP C 146 11.30 28.40 3.56
CA TRP C 146 11.23 28.22 2.12
C TRP C 146 12.53 27.63 1.62
N GLY C 147 12.49 27.10 0.39
CA GLY C 147 13.65 26.45 -0.19
C GLY C 147 13.83 26.84 -1.64
N VAL C 148 15.03 26.58 -2.13
CA VAL C 148 15.41 26.85 -3.52
C VAL C 148 15.91 25.56 -4.15
N HIS C 149 15.31 25.17 -5.27
CA HIS C 149 15.57 23.89 -5.90
C HIS C 149 16.70 24.02 -6.93
N HIS C 150 17.67 23.10 -6.85
CA HIS C 150 18.81 23.11 -7.76
C HIS C 150 18.67 21.96 -8.75
N PRO C 151 18.43 22.23 -10.03
CA PRO C 151 18.32 21.15 -11.02
C PRO C 151 19.66 20.48 -11.25
N PRO C 152 19.67 19.17 -11.47
CA PRO C 152 20.93 18.46 -11.74
C PRO C 152 21.40 18.58 -13.18
N ASN C 153 20.62 19.20 -14.06
CA ASN C 153 21.00 19.37 -15.46
C ASN C 153 20.43 20.69 -15.96
N ILE C 154 21.12 21.28 -16.94
CA ILE C 154 20.67 22.54 -17.52
C ILE C 154 19.39 22.33 -18.32
N GLY C 155 19.17 21.11 -18.84
CA GLY C 155 17.97 20.85 -19.61
C GLY C 155 16.71 20.87 -18.75
N ASP C 156 16.80 20.34 -17.53
CA ASP C 156 15.66 20.40 -16.61
C ASP C 156 15.35 21.83 -16.17
N GLN C 157 16.34 22.73 -16.26
CA GLN C 157 16.15 24.09 -15.82
C GLN C 157 15.10 24.83 -16.66
N THR C 158 14.93 24.41 -17.91
CA THR C 158 13.93 25.03 -18.78
C THR C 158 12.63 24.23 -18.86
N ASN C 159 12.64 22.96 -18.45
CA ASN C 159 11.40 22.18 -18.45
C ASN C 159 10.55 22.47 -17.22
N LEU C 160 11.20 22.78 -16.08
CA LEU C 160 10.47 23.08 -14.87
C LEU C 160 10.13 24.56 -14.72
N TYR C 161 10.98 25.45 -15.22
CA TYR C 161 10.84 26.87 -14.93
C TYR C 161 11.03 27.79 -16.13
N LYS C 162 11.32 27.26 -17.32
CA LYS C 162 11.33 28.04 -18.58
C LYS C 162 12.28 29.24 -18.50
N ASN C 163 13.34 29.12 -17.71
CA ASN C 163 14.33 30.18 -17.64
C ASN C 163 15.70 29.57 -17.38
N ASN C 164 16.69 29.99 -18.16
CA ASN C 164 18.06 29.59 -17.87
C ASN C 164 18.59 30.26 -16.61
N PRO C 165 18.50 31.61 -16.45
CA PRO C 165 18.93 32.24 -15.18
C PRO C 165 17.83 32.40 -14.13
N GLY C 166 17.48 31.30 -13.47
CA GLY C 166 16.50 31.36 -12.39
C GLY C 166 16.94 32.27 -11.26
N ARG C 167 15.99 32.64 -10.41
CA ARG C 167 16.26 33.61 -9.37
C ARG C 167 15.24 33.48 -8.24
N VAL C 168 15.70 33.69 -7.01
CA VAL C 168 14.84 33.74 -5.83
C VAL C 168 15.28 34.93 -4.99
N THR C 169 14.37 35.88 -4.75
CA THR C 169 14.68 37.13 -4.06
C THR C 169 13.61 37.37 -3.00
N VAL C 170 13.89 36.95 -1.78
CA VAL C 170 12.97 37.07 -0.65
C VAL C 170 13.50 38.16 0.27
N SER C 171 12.80 39.31 0.30
CA SER C 171 13.29 40.50 0.97
C SER C 171 12.35 40.93 2.09
N THR C 172 12.85 41.84 2.91
CA THR C 172 12.10 42.41 4.04
C THR C 172 12.43 43.91 4.09
N LYS C 173 12.10 44.55 5.21
CA LYS C 173 12.40 45.96 5.38
C LYS C 173 13.86 46.24 5.73
N THR C 174 14.63 45.23 6.12
CA THR C 174 16.01 45.46 6.54
C THR C 174 17.00 44.59 5.78
N SER C 175 16.61 43.36 5.44
CA SER C 175 17.50 42.41 4.79
C SER C 175 16.97 42.05 3.41
N GLN C 176 17.83 41.41 2.63
CA GLN C 176 17.48 40.94 1.29
C GLN C 176 18.45 39.85 0.89
N THR C 177 17.93 38.77 0.31
CA THR C 177 18.73 37.60 -0.05
C THR C 177 18.37 37.18 -1.47
N SER C 178 19.26 37.46 -2.42
CA SER C 178 19.07 37.12 -3.82
C SER C 178 19.95 35.94 -4.17
N VAL C 179 19.33 34.83 -4.57
CA VAL C 179 20.04 33.59 -4.86
C VAL C 179 19.68 33.15 -6.28
N VAL C 180 20.70 32.89 -7.09
CA VAL C 180 20.54 32.33 -8.43
C VAL C 180 21.04 30.88 -8.38
N PRO C 181 20.18 29.89 -8.62
CA PRO C 181 20.59 28.50 -8.40
C PRO C 181 21.73 28.06 -9.32
N ASN C 182 22.62 27.24 -8.77
CA ASN C 182 23.70 26.62 -9.53
C ASN C 182 23.27 25.21 -9.94
N ILE C 183 23.64 24.81 -11.15
CA ILE C 183 23.23 23.54 -11.72
C ILE C 183 24.41 22.58 -11.69
N GLY C 184 24.17 21.37 -11.18
CA GLY C 184 25.23 20.38 -11.09
C GLY C 184 24.67 19.05 -10.65
N SER C 185 25.42 17.99 -10.98
CA SER C 185 25.02 16.63 -10.66
C SER C 185 25.60 16.22 -9.31
N ARG C 186 24.72 15.88 -8.37
CA ARG C 186 25.09 15.40 -7.05
C ARG C 186 24.99 13.88 -7.00
N PRO C 187 25.65 13.25 -6.02
CA PRO C 187 25.54 11.79 -5.89
C PRO C 187 24.10 11.34 -5.64
N LYS C 188 23.85 10.07 -5.93
CA LYS C 188 22.51 9.52 -5.84
C LYS C 188 22.07 9.41 -4.39
N VAL C 189 20.99 10.11 -4.04
CA VAL C 189 20.35 10.00 -2.73
C VAL C 189 18.89 9.70 -3.00
N ARG C 190 18.51 8.43 -2.90
CA ARG C 190 17.16 7.96 -3.24
C ARG C 190 16.80 8.32 -4.68
N ASP C 191 17.70 7.96 -5.60
CA ASP C 191 17.48 8.09 -7.04
C ASP C 191 17.25 9.53 -7.49
N GLN C 192 17.72 10.51 -6.73
CA GLN C 192 17.50 11.92 -7.03
C GLN C 192 18.80 12.69 -6.89
N GLU C 193 19.29 13.24 -7.99
CA GLU C 193 20.53 14.00 -8.02
C GLU C 193 20.31 15.50 -7.86
N GLY C 194 19.16 15.90 -7.32
CA GLY C 194 18.85 17.31 -7.12
C GLY C 194 18.77 17.63 -5.64
N ARG C 195 19.17 18.86 -5.30
CA ARG C 195 19.19 19.32 -3.92
C ARG C 195 18.35 20.58 -3.78
N ILE C 196 17.95 20.87 -2.55
CA ILE C 196 17.18 22.07 -2.21
C ILE C 196 17.89 22.80 -1.08
N SER C 197 18.03 24.12 -1.22
CA SER C 197 18.66 24.96 -0.21
C SER C 197 17.56 25.74 0.52
N PHE C 198 17.39 25.44 1.81
CA PHE C 198 16.35 26.05 2.62
C PHE C 198 16.90 27.24 3.39
N TYR C 199 16.17 28.36 3.34
CA TYR C 199 16.50 29.57 4.06
C TYR C 199 15.34 29.97 4.97
N TRP C 200 15.63 30.86 5.91
CA TRP C 200 14.62 31.34 6.84
C TRP C 200 14.74 32.85 6.99
N THR C 201 13.61 33.50 7.24
CA THR C 201 13.55 34.94 7.45
C THR C 201 12.50 35.25 8.49
N ILE C 202 12.88 35.95 9.55
CA ILE C 202 11.99 36.26 10.67
C ILE C 202 11.41 37.65 10.47
N VAL C 203 10.11 37.77 10.69
CA VAL C 203 9.37 39.01 10.46
C VAL C 203 8.71 39.43 11.76
N GLU C 204 9.20 40.50 12.36
CA GLU C 204 8.63 41.05 13.57
C GLU C 204 7.33 41.81 13.26
N PRO C 205 6.52 42.11 14.28
CA PRO C 205 5.33 42.94 14.03
C PRO C 205 5.72 44.31 13.51
N GLY C 206 5.00 44.76 12.49
CA GLY C 206 5.34 45.98 11.78
C GLY C 206 6.33 45.80 10.65
N ASP C 207 6.73 44.57 10.36
CA ASP C 207 7.67 44.25 9.29
C ASP C 207 6.94 43.47 8.20
N LEU C 208 7.43 43.59 6.97
CA LEU C 208 6.81 42.92 5.83
C LEU C 208 7.78 41.91 5.22
N ILE C 209 7.21 40.92 4.54
CA ILE C 209 7.98 39.87 3.89
C ILE C 209 7.54 39.80 2.42
N VAL C 210 8.51 39.83 1.51
CA VAL C 210 8.24 39.87 0.08
C VAL C 210 8.79 38.60 -0.56
N PHE C 211 8.05 38.09 -1.54
CA PHE C 211 8.47 36.94 -2.34
C PHE C 211 8.49 37.33 -3.80
N ASN C 212 9.60 37.05 -4.48
CA ASN C 212 9.76 37.40 -5.89
C ASN C 212 10.72 36.39 -6.51
N THR C 213 10.21 35.58 -7.44
CA THR C 213 11.02 34.52 -8.04
C THR C 213 10.66 34.37 -9.51
N ILE C 214 11.68 34.41 -10.37
CA ILE C 214 11.51 34.08 -11.77
C ILE C 214 11.67 32.59 -12.02
N GLY C 215 12.04 31.81 -11.01
CA GLY C 215 12.17 30.37 -11.14
C GLY C 215 12.83 29.72 -9.94
N ASN C 216 12.61 28.40 -9.79
CA ASN C 216 13.29 27.58 -8.80
C ASN C 216 12.98 28.03 -7.37
N LEU C 217 11.69 27.98 -7.01
CA LEU C 217 11.27 28.31 -5.66
C LEU C 217 10.45 27.17 -5.06
N ILE C 218 10.75 26.83 -3.81
CA ILE C 218 9.91 25.93 -3.02
C ILE C 218 9.12 26.83 -2.08
N ALA C 219 7.92 27.19 -2.50
CA ALA C 219 7.12 28.20 -1.80
C ALA C 219 6.52 27.62 -0.51
N PRO C 220 6.34 28.46 0.51
CA PRO C 220 5.73 28.00 1.75
C PRO C 220 4.22 28.19 1.76
N ARG C 221 3.54 27.28 2.46
CA ARG C 221 2.09 27.32 2.60
C ARG C 221 1.64 28.14 3.80
N GLY C 222 2.53 28.90 4.41
CA GLY C 222 2.16 29.72 5.55
C GLY C 222 3.40 30.09 6.37
N HIS C 223 3.17 30.30 7.66
CA HIS C 223 4.25 30.66 8.58
C HIS C 223 3.97 30.03 9.94
N TYR C 224 4.90 30.22 10.87
CA TYR C 224 4.82 29.68 12.21
C TYR C 224 4.60 30.79 13.23
N LYS C 225 4.26 30.39 14.45
CA LYS C 225 4.11 31.30 15.57
C LYS C 225 5.38 31.26 16.41
N LEU C 226 5.87 32.43 16.80
CA LEU C 226 7.13 32.56 17.53
C LEU C 226 6.85 33.15 18.91
N ASN C 227 7.22 32.41 19.94
CA ASN C 227 7.15 32.87 21.33
C ASN C 227 8.58 32.84 21.87
N SER C 228 9.33 33.92 21.62
CA SER C 228 10.73 33.98 22.01
C SER C 228 10.86 34.32 23.49
N GLN C 229 12.09 34.18 24.00
CA GLN C 229 12.37 34.35 25.42
C GLN C 229 11.49 33.44 26.27
N LYS C 230 11.32 32.20 25.84
CA LYS C 230 10.55 31.20 26.56
C LYS C 230 11.40 29.96 26.76
N LYS C 231 11.18 29.28 27.88
CA LYS C 231 12.01 28.12 28.24
C LYS C 231 11.61 26.92 27.38
N SER C 232 12.45 26.62 26.39
CA SER C 232 12.25 25.45 25.54
C SER C 232 13.61 25.04 25.00
N THR C 233 13.89 23.74 24.98
CA THR C 233 15.20 23.25 24.56
C THR C 233 15.05 21.89 23.92
N ILE C 234 16.17 21.35 23.45
CA ILE C 234 16.22 20.09 22.71
C ILE C 234 17.28 19.20 23.35
N LEU C 235 17.13 17.89 23.15
CA LEU C 235 18.07 16.92 23.68
C LEU C 235 18.11 15.69 22.77
N ASN C 236 19.31 15.21 22.48
CA ASN C 236 19.52 14.03 21.67
C ASN C 236 19.89 12.85 22.58
N THR C 237 19.13 11.76 22.47
CA THR C 237 19.34 10.60 23.32
C THR C 237 18.60 9.40 22.75
N ALA C 238 19.00 8.22 23.20
CA ALA C 238 18.33 6.98 22.85
C ALA C 238 17.50 6.40 23.99
N VAL C 239 17.69 6.90 25.21
CA VAL C 239 16.93 6.40 26.37
C VAL C 239 15.46 6.80 26.21
N PRO C 240 14.52 5.89 26.44
CA PRO C 240 13.10 6.20 26.25
C PRO C 240 12.45 6.80 27.48
N ILE C 241 11.20 7.20 27.31
CA ILE C 241 10.44 7.88 28.36
C ILE C 241 9.84 6.84 29.31
N GLY C 242 9.83 7.18 30.60
CA GLY C 242 9.24 6.31 31.61
C GLY C 242 7.99 6.90 32.25
N SER C 243 7.76 6.60 33.53
CA SER C 243 6.56 7.07 34.20
C SER C 243 6.81 7.52 35.64
N CYS C 244 8.06 7.80 36.01
CA CYS C 244 8.37 8.24 37.37
C CYS C 244 8.21 9.75 37.47
N VAL C 245 8.71 10.34 38.55
CA VAL C 245 8.54 11.76 38.83
C VAL C 245 9.90 12.40 39.02
N SER C 246 10.21 13.42 38.21
CA SER C 246 11.46 14.15 38.31
C SER C 246 11.37 15.43 37.48
N LYS C 247 12.04 16.47 37.96
CA LYS C 247 12.17 17.73 37.24
C LYS C 247 13.46 17.84 36.45
N CYS C 248 14.35 16.85 36.54
CA CYS C 248 15.67 16.92 35.94
C CYS C 248 15.89 15.77 34.98
N HIS C 249 16.48 16.08 33.84
CA HIS C 249 16.80 15.11 32.81
C HIS C 249 18.21 15.38 32.29
N THR C 250 18.95 14.32 32.03
CA THR C 250 20.34 14.41 31.61
C THR C 250 20.49 13.77 30.23
N ASP C 251 21.76 13.63 29.80
CA ASP C 251 22.05 13.08 28.49
C ASP C 251 21.70 11.60 28.37
N ARG C 252 21.64 10.87 29.50
CA ARG C 252 21.34 9.44 29.44
C ARG C 252 20.35 9.00 30.51
N GLY C 253 19.59 9.91 31.10
CA GLY C 253 18.59 9.53 32.07
C GLY C 253 18.17 10.69 32.94
N SER C 254 17.33 10.37 33.92
CA SER C 254 16.82 11.33 34.88
C SER C 254 17.58 11.20 36.20
N ILE C 255 17.67 12.30 36.93
CA ILE C 255 18.36 12.36 38.21
C ILE C 255 17.38 12.79 39.28
N THR C 256 17.27 12.00 40.35
CA THR C 256 16.34 12.23 41.44
C THR C 256 17.06 12.16 42.79
N THR C 257 18.19 12.86 42.89
CA THR C 257 18.97 12.90 44.12
C THR C 257 18.95 14.30 44.71
N THR C 258 19.24 14.36 46.01
CA THR C 258 19.28 15.61 46.74
C THR C 258 20.68 16.20 46.86
N LYS C 259 21.71 15.39 46.64
CA LYS C 259 23.08 15.85 46.80
C LYS C 259 23.44 16.86 45.72
N PRO C 260 23.83 18.09 46.06
CA PRO C 260 24.12 19.09 45.03
C PRO C 260 25.33 18.76 44.17
N PHE C 261 26.21 17.87 44.61
CA PHE C 261 27.40 17.48 43.85
C PHE C 261 27.23 16.04 43.40
N GLN C 262 26.94 15.85 42.11
CA GLN C 262 26.77 14.53 41.51
C GLN C 262 27.54 14.50 40.21
N ASN C 263 28.39 13.48 40.05
CA ASN C 263 29.24 13.34 38.87
C ASN C 263 28.58 12.36 37.90
N ILE C 264 27.70 12.87 37.05
CA ILE C 264 27.00 12.05 36.08
C ILE C 264 27.29 12.56 34.66
N SER C 265 26.94 13.82 34.40
CA SER C 265 27.09 14.37 33.06
C SER C 265 27.19 15.89 33.16
N ARG C 266 27.48 16.51 32.03
CA ARG C 266 27.55 17.97 31.92
C ARG C 266 26.29 18.57 31.29
N ILE C 267 25.45 17.75 30.68
CA ILE C 267 24.22 18.22 30.05
C ILE C 267 23.09 18.00 31.04
N SER C 268 22.53 19.10 31.57
CA SER C 268 21.48 19.04 32.57
C SER C 268 20.43 20.11 32.28
N ILE C 269 19.16 19.73 32.39
CA ILE C 269 18.04 20.63 32.11
C ILE C 269 17.18 20.70 33.37
N GLY C 270 17.03 21.90 33.91
CA GLY C 270 16.16 22.14 35.05
C GLY C 270 16.92 22.53 36.30
N ASP C 271 16.25 22.34 37.44
CA ASP C 271 16.82 22.64 38.76
C ASP C 271 17.63 21.42 39.20
N CYS C 272 18.82 21.28 38.63
CA CYS C 272 19.58 20.07 38.81
C CYS C 272 20.87 20.31 39.58
N PRO C 273 21.33 19.33 40.35
CA PRO C 273 22.60 19.48 41.07
C PRO C 273 23.77 19.65 40.10
N LYS C 274 24.74 20.45 40.52
CA LYS C 274 25.87 20.77 39.67
C LYS C 274 26.82 19.57 39.56
N TYR C 275 27.87 19.75 38.77
CA TYR C 275 28.86 18.72 38.49
C TYR C 275 29.47 18.12 39.75
N GLN D 12 -58.67 17.54 39.17
CA GLN D 12 -58.37 16.16 39.49
C GLN D 12 -57.65 15.49 38.34
N HIS D 13 -56.85 14.46 38.64
CA HIS D 13 -56.05 13.77 37.65
C HIS D 13 -56.18 12.26 37.83
N LEU D 14 -55.82 11.53 36.78
CA LEU D 14 -55.74 10.06 36.79
C LEU D 14 -54.38 9.62 37.32
N PRO D 15 -54.32 8.53 38.07
CA PRO D 15 -53.04 7.98 38.53
C PRO D 15 -52.39 6.97 37.60
N GLU D 16 -52.87 6.85 36.35
CA GLU D 16 -52.33 5.89 35.39
C GLU D 16 -52.19 6.58 34.05
N LEU D 17 -50.94 6.86 33.65
CA LEU D 17 -50.69 7.31 32.29
C LEU D 17 -51.18 6.25 31.30
N CYS D 18 -51.86 6.70 30.25
CA CYS D 18 -52.46 5.79 29.28
C CYS D 18 -52.04 6.18 27.87
N PRO D 19 -51.29 5.33 27.16
CA PRO D 19 -50.79 5.66 25.81
C PRO D 19 -51.72 5.20 24.69
N SER D 20 -52.86 5.87 24.53
CA SER D 20 -53.74 5.45 23.45
C SER D 20 -53.29 5.94 22.08
N PRO D 21 -53.21 7.26 21.81
CA PRO D 21 -52.91 7.70 20.44
C PRO D 21 -51.42 7.73 20.13
N LEU D 22 -50.61 8.01 21.14
CA LEU D 22 -49.18 8.13 21.02
C LEU D 22 -48.51 7.08 21.88
N ARG D 23 -47.41 6.51 21.40
CA ARG D 23 -46.77 5.42 22.11
C ARG D 23 -45.87 5.94 23.21
N LEU D 24 -45.81 5.19 24.31
CA LEU D 24 -44.97 5.51 25.45
C LEU D 24 -43.92 4.41 25.63
N VAL D 25 -42.76 4.79 26.17
CA VAL D 25 -41.65 3.89 26.38
C VAL D 25 -41.22 4.00 27.84
N ASP D 26 -41.08 2.86 28.51
CA ASP D 26 -40.77 2.82 29.93
C ASP D 26 -39.26 2.72 30.13
N GLY D 27 -38.72 3.56 31.00
CA GLY D 27 -37.30 3.57 31.27
C GLY D 27 -36.96 3.43 32.75
N GLN D 28 -37.62 2.48 33.42
CA GLN D 28 -37.48 2.36 34.87
C GLN D 28 -36.03 2.19 35.30
N THR D 29 -35.37 1.12 34.83
CA THR D 29 -33.98 0.87 35.19
C THR D 29 -33.00 1.52 34.22
N CYS D 30 -33.48 2.37 33.31
CA CYS D 30 -32.62 2.94 32.28
C CYS D 30 -33.02 4.39 32.05
N ASP D 31 -32.15 5.32 32.45
CA ASP D 31 -32.37 6.72 32.14
C ASP D 31 -32.16 6.96 30.64
N ILE D 32 -32.43 8.20 30.21
CA ILE D 32 -32.37 8.48 28.77
C ILE D 32 -30.94 8.57 28.28
N VAL D 33 -30.08 9.29 29.01
CA VAL D 33 -28.73 9.57 28.52
C VAL D 33 -27.91 8.28 28.46
N ASN D 34 -28.13 7.36 29.39
CA ASN D 34 -27.51 6.05 29.26
C ASN D 34 -28.09 5.28 28.07
N GLY D 35 -29.41 5.33 27.90
CA GLY D 35 -30.05 4.53 26.86
C GLY D 35 -29.41 4.65 25.48
N ALA D 36 -28.78 5.79 25.21
CA ALA D 36 -28.07 5.94 23.93
C ALA D 36 -26.79 5.13 23.89
N LEU D 37 -26.11 4.98 25.03
CA LEU D 37 -24.86 4.22 25.12
C LEU D 37 -25.13 2.97 25.96
N GLY D 38 -25.07 1.81 25.32
CA GLY D 38 -25.49 0.57 25.95
C GLY D 38 -24.96 0.33 27.35
N SER D 39 -25.85 0.40 28.32
CA SER D 39 -25.60 0.10 29.72
C SER D 39 -26.28 -1.23 30.08
N PRO D 40 -25.66 -2.03 30.96
CA PRO D 40 -26.12 -3.42 31.19
C PRO D 40 -27.62 -3.63 31.23
N GLY D 41 -28.36 -2.68 31.82
CA GLY D 41 -29.80 -2.79 31.87
C GLY D 41 -30.56 -2.15 30.73
N CYS D 42 -29.87 -1.46 29.82
CA CYS D 42 -30.50 -0.71 28.73
C CYS D 42 -30.50 -1.48 27.42
N ASP D 43 -30.49 -2.82 27.48
CA ASP D 43 -30.52 -3.60 26.25
C ASP D 43 -31.92 -3.66 25.64
N HIS D 44 -32.96 -3.58 26.46
CA HIS D 44 -34.32 -3.64 25.94
C HIS D 44 -34.70 -2.37 25.21
N LEU D 45 -34.10 -1.23 25.58
CA LEU D 45 -34.31 0.03 24.86
C LEU D 45 -33.46 0.00 23.59
N ASN D 46 -34.01 -0.64 22.56
CA ASN D 46 -33.31 -0.80 21.29
C ASN D 46 -34.33 -0.92 20.17
N GLY D 47 -34.30 0.02 19.23
CA GLY D 47 -35.18 0.00 18.08
C GLY D 47 -36.63 0.20 18.43
N ALA D 48 -36.98 1.38 18.91
CA ALA D 48 -38.35 1.69 19.30
C ALA D 48 -38.59 3.18 19.13
N GLU D 49 -39.54 3.54 18.29
CA GLU D 49 -39.93 4.93 18.09
C GLU D 49 -40.95 5.33 19.15
N TRP D 50 -40.91 6.61 19.53
CA TRP D 50 -41.77 7.09 20.61
C TRP D 50 -42.04 8.57 20.44
N ASP D 51 -43.17 9.01 21.01
CA ASP D 51 -43.49 10.43 21.11
C ASP D 51 -43.14 11.00 22.47
N ILE D 52 -43.20 10.20 23.53
CA ILE D 52 -42.89 10.65 24.89
C ILE D 52 -42.13 9.53 25.60
N PHE D 53 -40.97 9.87 26.16
CA PHE D 53 -40.15 8.92 26.91
C PHE D 53 -40.33 9.18 28.40
N ILE D 54 -40.58 8.12 29.16
CA ILE D 54 -40.83 8.22 30.60
C ILE D 54 -39.53 7.98 31.34
N GLU D 55 -39.19 8.88 32.26
CA GLU D 55 -38.04 8.75 33.13
C GLU D 55 -38.49 8.43 34.55
N ARG D 56 -37.62 7.75 35.29
CA ARG D 56 -37.90 7.38 36.68
C ARG D 56 -36.72 7.78 37.56
N PRO D 57 -36.98 8.23 38.79
CA PRO D 57 -35.87 8.59 39.69
C PRO D 57 -35.10 7.40 40.22
N THR D 58 -35.62 6.18 40.05
CA THR D 58 -34.93 4.98 40.51
C THR D 58 -33.93 4.44 39.50
N ALA D 59 -33.92 4.98 38.28
CA ALA D 59 -32.93 4.56 37.28
C ALA D 59 -31.52 4.84 37.78
N VAL D 60 -30.66 3.85 37.69
CA VAL D 60 -29.31 3.91 38.25
C VAL D 60 -28.30 3.66 37.15
N ASP D 61 -27.30 4.52 37.06
CA ASP D 61 -26.18 4.29 36.15
C ASP D 61 -25.35 3.12 36.63
N THR D 62 -25.15 2.14 35.76
CA THR D 62 -24.51 0.89 36.15
C THR D 62 -23.06 0.78 35.72
N CYS D 63 -22.59 1.63 34.81
CA CYS D 63 -21.33 1.41 34.12
C CYS D 63 -20.22 2.27 34.72
N TYR D 64 -19.09 2.33 34.01
CA TYR D 64 -17.92 3.10 34.44
C TYR D 64 -18.33 4.55 34.70
N PRO D 65 -17.70 5.21 35.67
CA PRO D 65 -18.08 6.59 35.99
C PRO D 65 -17.78 7.56 34.85
N PHE D 66 -18.73 8.47 34.61
CA PHE D 66 -18.60 9.45 33.54
C PHE D 66 -19.39 10.70 33.89
N ASP D 67 -19.07 11.78 33.18
CA ASP D 67 -19.77 13.06 33.31
C ASP D 67 -19.91 13.68 31.93
N VAL D 68 -21.00 14.39 31.71
CA VAL D 68 -21.32 14.91 30.37
C VAL D 68 -21.46 16.43 30.40
N PRO D 69 -20.54 17.17 29.78
CA PRO D 69 -20.77 18.61 29.60
C PRO D 69 -21.95 18.85 28.67
N ASP D 70 -22.76 19.85 29.02
CA ASP D 70 -24.04 20.10 28.36
C ASP D 70 -24.90 18.84 28.37
N TYR D 71 -25.03 18.26 29.57
CA TYR D 71 -25.84 17.06 29.75
C TYR D 71 -27.29 17.31 29.35
N GLN D 72 -27.86 18.45 29.79
CA GLN D 72 -29.25 18.75 29.46
C GLN D 72 -29.44 18.98 27.97
N SER D 73 -28.41 19.48 27.28
CA SER D 73 -28.53 19.72 25.84
C SER D 73 -28.58 18.41 25.06
N LEU D 74 -27.89 17.37 25.54
CA LEU D 74 -27.95 16.07 24.88
C LEU D 74 -29.08 15.21 25.42
N ARG D 75 -29.44 15.37 26.70
CA ARG D 75 -30.63 14.71 27.21
C ARG D 75 -31.87 15.12 26.43
N SER D 76 -31.95 16.39 26.05
CA SER D 76 -33.13 16.88 25.35
C SER D 76 -33.11 16.50 23.87
N ILE D 77 -31.94 16.58 23.22
CA ILE D 77 -31.86 16.27 21.79
C ILE D 77 -32.14 14.79 21.55
N LEU D 78 -31.63 13.92 22.42
CA LEU D 78 -31.98 12.50 22.35
C LEU D 78 -33.48 12.28 22.46
N ALA D 79 -34.21 13.23 23.06
CA ALA D 79 -35.66 13.19 23.09
C ALA D 79 -36.31 14.05 22.02
N ASN D 80 -35.60 15.05 21.48
CA ASN D 80 -36.16 15.86 20.40
C ASN D 80 -36.38 15.02 19.15
N ASN D 81 -35.39 14.22 18.77
CA ASN D 81 -35.58 13.20 17.75
C ASN D 81 -36.39 12.04 18.34
N GLY D 82 -37.15 11.37 17.49
CA GLY D 82 -38.03 10.32 17.98
C GLY D 82 -37.63 8.93 17.55
N LYS D 83 -36.39 8.75 17.11
CA LYS D 83 -35.94 7.49 16.52
C LYS D 83 -34.79 6.92 17.34
N PHE D 84 -34.96 5.70 17.82
CA PHE D 84 -33.96 5.00 18.61
C PHE D 84 -33.02 4.14 17.77
N GLU D 85 -33.28 4.01 16.47
CA GLU D 85 -32.52 3.06 15.66
C GLU D 85 -31.06 3.48 15.54
N PHE D 86 -30.19 2.48 15.48
CA PHE D 86 -28.75 2.65 15.51
C PHE D 86 -28.14 2.13 14.23
N ILE D 87 -27.19 2.88 13.68
CA ILE D 87 -26.55 2.52 12.41
C ILE D 87 -25.15 1.99 12.71
N ALA D 88 -24.84 0.81 12.17
CA ALA D 88 -23.56 0.15 12.41
C ALA D 88 -22.56 0.58 11.34
N GLU D 89 -21.51 1.26 11.77
CA GLU D 89 -20.46 1.75 10.88
C GLU D 89 -19.13 1.12 11.26
N GLU D 90 -18.34 0.76 10.26
CA GLU D 90 -17.10 0.01 10.46
C GLU D 90 -15.93 0.98 10.54
N PHE D 91 -15.33 1.11 11.73
CA PHE D 91 -14.15 1.93 11.94
C PHE D 91 -12.91 1.04 11.95
N GLN D 92 -11.85 1.50 11.28
CA GLN D 92 -10.58 0.78 11.21
C GLN D 92 -9.54 1.57 11.98
N TRP D 93 -9.15 1.05 13.15
CA TRP D 93 -8.15 1.69 14.00
C TRP D 93 -6.82 0.97 13.83
N SER D 94 -5.76 1.75 13.65
CA SER D 94 -4.46 1.23 13.24
C SER D 94 -3.54 1.02 14.44
N THR D 95 -2.96 -0.17 14.52
CA THR D 95 -1.90 -0.50 15.48
C THR D 95 -2.28 -0.18 16.92
N VAL D 96 -3.56 -0.35 17.23
CA VAL D 96 -4.07 -0.23 18.60
C VAL D 96 -5.07 -1.36 18.83
N LYS D 97 -5.55 -1.47 20.06
CA LYS D 97 -6.61 -2.41 20.40
C LYS D 97 -7.97 -1.76 20.17
N GLN D 98 -8.99 -2.61 20.06
CA GLN D 98 -10.33 -2.13 19.71
C GLN D 98 -11.27 -2.10 20.91
N ASN D 99 -11.45 -3.23 21.59
CA ASN D 99 -12.46 -3.37 22.63
C ASN D 99 -11.78 -3.67 23.96
N GLY D 100 -11.91 -2.74 24.91
CA GLY D 100 -11.45 -2.97 26.26
C GLY D 100 -12.61 -2.89 27.25
N VAL D 101 -12.73 -3.91 28.10
CA VAL D 101 -13.84 -4.02 29.03
C VAL D 101 -13.42 -3.47 30.38
N SER D 102 -14.41 -3.13 31.20
CA SER D 102 -14.20 -2.61 32.54
C SER D 102 -14.89 -3.52 33.55
N ALA D 103 -14.37 -3.49 34.79
CA ALA D 103 -14.94 -4.32 35.85
C ALA D 103 -16.25 -3.75 36.37
N SER D 104 -16.34 -2.43 36.52
CA SER D 104 -17.53 -1.78 37.05
C SER D 104 -18.66 -1.68 36.02
N CYS D 105 -18.56 -2.40 34.90
CA CYS D 105 -19.62 -2.48 33.91
C CYS D 105 -19.98 -3.93 33.69
N SER D 106 -20.20 -4.67 34.77
CA SER D 106 -20.38 -6.12 34.70
C SER D 106 -21.73 -6.46 34.10
N ARG D 107 -21.86 -6.30 32.79
CA ARG D 107 -23.07 -6.68 32.09
C ARG D 107 -23.18 -8.20 32.05
N ALA D 108 -24.29 -8.73 32.57
CA ALA D 108 -24.51 -10.17 32.71
C ALA D 108 -23.42 -10.81 33.56
N ASN D 109 -22.96 -10.08 34.58
CA ASN D 109 -21.91 -10.54 35.50
C ASN D 109 -20.65 -10.91 34.75
N VAL D 110 -20.30 -10.12 33.74
CA VAL D 110 -19.10 -10.31 32.94
C VAL D 110 -18.51 -8.94 32.65
N ASN D 111 -17.19 -8.81 32.77
CA ASN D 111 -16.51 -7.57 32.44
C ASN D 111 -16.89 -7.11 31.04
N ASP D 112 -17.49 -5.93 30.96
CA ASP D 112 -18.07 -5.45 29.71
C ASP D 112 -17.83 -3.95 29.59
N PHE D 113 -18.30 -3.38 28.49
CA PHE D 113 -18.16 -1.96 28.19
C PHE D 113 -19.47 -1.48 27.59
N PHE D 114 -19.53 -0.19 27.27
CA PHE D 114 -20.72 0.36 26.63
C PHE D 114 -21.00 -0.39 25.33
N ASN D 115 -22.24 -0.90 25.21
CA ASN D 115 -22.60 -1.75 24.09
C ASN D 115 -22.38 -1.08 22.73
N ARG D 116 -22.35 0.26 22.70
CA ARG D 116 -22.13 1.00 21.46
C ARG D 116 -20.92 1.91 21.58
N LEU D 117 -19.85 1.41 22.22
CA LEU D 117 -18.59 2.11 22.34
C LEU D 117 -17.47 1.10 22.43
N ASN D 118 -16.28 1.50 21.99
CA ASN D 118 -15.10 0.63 22.01
C ASN D 118 -13.93 1.39 22.62
N TRP D 119 -13.31 0.80 23.64
CA TRP D 119 -12.23 1.45 24.38
C TRP D 119 -10.90 1.09 23.72
N LEU D 120 -10.25 2.08 23.11
CA LEU D 120 -9.00 1.87 22.38
C LEU D 120 -7.83 2.07 23.32
N THR D 121 -6.96 1.06 23.42
CA THR D 121 -5.76 1.13 24.24
C THR D 121 -4.56 0.69 23.41
N GLY D 122 -3.38 0.69 24.04
CA GLY D 122 -2.14 0.40 23.36
C GLY D 122 -1.76 -1.06 23.47
N LYS D 123 -1.48 -1.68 22.32
CA LYS D 123 -1.09 -3.08 22.25
C LYS D 123 0.43 -3.23 22.36
N ASN D 124 1.17 -2.45 21.58
CA ASN D 124 2.62 -2.44 21.63
C ASN D 124 3.07 -1.44 22.70
N GLY D 125 4.35 -1.11 22.70
CA GLY D 125 4.85 -0.09 23.62
C GLY D 125 4.37 1.30 23.31
N LEU D 126 3.98 1.56 22.06
CA LEU D 126 3.58 2.90 21.63
C LEU D 126 2.09 2.95 21.31
N TYR D 127 1.66 4.15 20.94
CA TYR D 127 0.26 4.42 20.60
C TYR D 127 0.29 5.48 19.51
N PRO D 128 0.27 5.08 18.24
CA PRO D 128 0.51 6.05 17.15
C PRO D 128 -0.61 7.07 16.99
N LEU D 129 -0.53 7.87 15.93
CA LEU D 129 -1.55 8.93 15.67
C LEU D 129 -2.71 8.37 14.83
N GLN D 130 -3.94 8.46 15.35
CA GLN D 130 -5.16 8.00 14.63
C GLN D 130 -5.85 9.22 14.00
N ASN D 131 -6.27 9.11 12.74
CA ASN D 131 -6.90 10.24 12.04
C ASN D 131 -7.61 9.65 10.83
N LEU D 132 -8.95 9.77 10.82
CA LEU D 132 -9.80 8.90 10.02
C LEU D 132 -11.10 9.61 9.68
N THR D 133 -11.51 9.55 8.42
CA THR D 133 -12.68 10.26 7.92
C THR D 133 -13.85 9.33 7.64
N LYS D 134 -15.06 9.85 7.86
CA LYS D 134 -16.32 9.17 7.54
C LYS D 134 -17.30 10.23 7.04
N ILE D 135 -17.34 10.41 5.72
CA ILE D 135 -18.17 11.47 5.13
C ILE D 135 -19.64 11.09 5.23
N ASN D 136 -20.49 12.12 5.38
CA ASN D 136 -21.94 11.95 5.46
C ASN D 136 -22.53 12.28 4.09
N ASN D 137 -23.03 11.25 3.40
CA ASN D 137 -23.65 11.40 2.09
C ASN D 137 -25.03 10.75 2.05
N GLY D 138 -25.75 10.77 3.17
CA GLY D 138 -27.05 10.16 3.27
C GLY D 138 -28.18 11.12 2.97
N ASP D 139 -29.32 10.91 3.64
CA ASP D 139 -30.49 11.77 3.52
C ASP D 139 -30.97 12.22 4.89
N TYR D 140 -30.06 12.32 5.85
CA TYR D 140 -30.42 12.58 7.23
C TYR D 140 -29.21 13.15 7.95
N ALA D 141 -29.47 13.85 9.05
CA ALA D 141 -28.40 14.33 9.91
C ALA D 141 -27.86 13.18 10.75
N ARG D 142 -26.55 13.18 10.98
CA ARG D 142 -25.88 12.14 11.73
C ARG D 142 -25.49 12.64 13.12
N LEU D 143 -25.58 11.76 14.11
CA LEU D 143 -25.23 12.07 15.48
C LEU D 143 -24.19 11.06 15.97
N TYR D 144 -23.07 11.57 16.46
CA TYR D 144 -21.99 10.73 16.98
C TYR D 144 -21.77 11.06 18.45
N ILE D 145 -21.66 10.03 19.28
CA ILE D 145 -21.47 10.17 20.71
C ILE D 145 -20.13 9.54 21.07
N TRP D 146 -19.24 10.34 21.67
CA TRP D 146 -17.89 9.90 21.98
C TRP D 146 -17.43 10.50 23.30
N GLY D 147 -16.58 9.77 24.01
CA GLY D 147 -16.09 10.17 25.31
C GLY D 147 -14.58 10.26 25.36
N VAL D 148 -14.09 10.80 26.47
CA VAL D 148 -12.66 11.05 26.68
C VAL D 148 -12.28 10.48 28.05
N HIS D 149 -11.39 9.49 28.06
CA HIS D 149 -11.00 8.84 29.30
C HIS D 149 -9.99 9.68 30.06
N HIS D 150 -10.24 9.87 31.36
CA HIS D 150 -9.31 10.56 32.25
C HIS D 150 -8.72 9.55 33.23
N PRO D 151 -7.41 9.35 33.26
CA PRO D 151 -6.81 8.40 34.20
C PRO D 151 -6.63 9.03 35.57
N PRO D 152 -6.72 8.24 36.64
CA PRO D 152 -6.49 8.77 37.99
C PRO D 152 -5.06 8.66 38.50
N ASN D 153 -4.11 8.31 37.65
CA ASN D 153 -2.73 8.13 38.09
C ASN D 153 -1.79 8.37 36.91
N ILE D 154 -0.63 8.96 37.21
CA ILE D 154 0.36 9.21 36.16
C ILE D 154 0.89 7.90 35.60
N GLY D 155 0.99 6.87 36.45
CA GLY D 155 1.41 5.56 35.97
C GLY D 155 0.41 4.96 35.00
N ASP D 156 -0.88 5.23 35.19
CA ASP D 156 -1.89 4.70 34.28
C ASP D 156 -1.84 5.45 32.95
N GLN D 157 -1.80 6.78 33.00
CA GLN D 157 -1.71 7.58 31.78
C GLN D 157 -0.58 7.12 30.88
N THR D 158 0.49 6.57 31.46
CA THR D 158 1.61 6.02 30.69
C THR D 158 1.43 4.54 30.39
N ASN D 159 0.89 3.76 31.33
CA ASN D 159 0.72 2.33 31.11
C ASN D 159 -0.54 2.01 30.31
N LEU D 160 -1.50 2.93 30.24
CA LEU D 160 -2.66 2.74 29.38
C LEU D 160 -2.40 3.24 27.96
N TYR D 161 -1.76 4.40 27.83
CA TYR D 161 -1.43 4.98 26.54
C TYR D 161 0.00 5.50 26.58
N LYS D 162 0.66 5.49 25.44
CA LYS D 162 2.08 5.85 25.42
C LYS D 162 2.29 7.35 25.55
N ASN D 163 1.55 8.14 24.77
CA ASN D 163 1.66 9.59 24.86
C ASN D 163 1.14 10.06 26.21
N ASN D 164 1.96 10.78 26.97
CA ASN D 164 1.53 11.28 28.27
C ASN D 164 0.63 12.50 28.10
N PRO D 165 1.01 13.53 27.33
CA PRO D 165 0.04 14.64 27.16
C PRO D 165 -1.03 14.27 26.14
N GLY D 166 -1.87 13.30 26.51
CA GLY D 166 -2.90 12.82 25.62
C GLY D 166 -3.84 13.93 25.20
N ARG D 167 -4.59 13.64 24.13
CA ARG D 167 -5.55 14.61 23.61
C ARG D 167 -6.43 13.95 22.56
N VAL D 168 -7.65 14.45 22.45
CA VAL D 168 -8.60 14.06 21.43
C VAL D 168 -9.05 15.32 20.70
N THR D 169 -9.17 15.23 19.38
CA THR D 169 -9.55 16.39 18.57
C THR D 169 -10.44 15.94 17.43
N VAL D 170 -11.66 16.45 17.41
CA VAL D 170 -12.62 16.20 16.32
C VAL D 170 -12.69 17.47 15.47
N SER D 171 -12.56 17.29 14.16
CA SER D 171 -12.53 18.39 13.21
C SER D 171 -13.67 18.25 12.21
N THR D 172 -14.28 19.37 11.84
CA THR D 172 -15.31 19.40 10.81
C THR D 172 -15.21 20.72 10.06
N LYS D 173 -16.10 20.91 9.08
CA LYS D 173 -15.99 22.06 8.18
C LYS D 173 -16.16 23.38 8.92
N THR D 174 -16.89 23.38 10.05
CA THR D 174 -17.19 24.62 10.75
C THR D 174 -16.70 24.67 12.19
N SER D 175 -16.56 23.54 12.86
CA SER D 175 -16.15 23.52 14.26
C SER D 175 -14.94 22.60 14.43
N GLN D 176 -14.43 22.57 15.65
CA GLN D 176 -13.27 21.76 16.03
C GLN D 176 -13.17 21.77 17.55
N THR D 177 -12.86 20.61 18.13
CA THR D 177 -12.84 20.45 19.58
C THR D 177 -11.57 19.71 19.97
N SER D 178 -10.60 20.42 20.53
CA SER D 178 -9.33 19.84 20.98
C SER D 178 -9.31 19.86 22.51
N VAL D 179 -9.19 18.67 23.10
CA VAL D 179 -9.25 18.51 24.55
C VAL D 179 -8.02 17.74 25.01
N VAL D 180 -7.45 18.17 26.14
CA VAL D 180 -6.30 17.50 26.74
C VAL D 180 -6.70 16.98 28.13
N PRO D 181 -6.74 15.67 28.34
CA PRO D 181 -7.19 15.14 29.62
C PRO D 181 -6.38 15.66 30.80
N ASN D 182 -7.08 15.95 31.89
CA ASN D 182 -6.47 16.44 33.12
C ASN D 182 -6.28 15.27 34.09
N ILE D 183 -5.03 14.94 34.39
CA ILE D 183 -4.74 13.91 35.37
C ILE D 183 -5.21 14.36 36.75
N GLY D 184 -5.84 13.46 37.48
CA GLY D 184 -6.35 13.81 38.79
C GLY D 184 -7.10 12.65 39.41
N SER D 185 -7.23 12.72 40.73
CA SER D 185 -7.90 11.68 41.51
C SER D 185 -9.31 12.12 41.89
N ARG D 186 -10.23 11.17 41.88
CA ARG D 186 -11.63 11.36 42.21
C ARG D 186 -12.04 10.34 43.27
N PRO D 187 -12.95 10.70 44.18
CA PRO D 187 -13.44 9.72 45.16
C PRO D 187 -14.01 8.48 44.50
N LYS D 188 -13.94 7.37 45.22
CA LYS D 188 -14.30 6.07 44.64
C LYS D 188 -15.80 6.00 44.36
N VAL D 189 -16.13 5.52 43.16
CA VAL D 189 -17.51 5.30 42.74
C VAL D 189 -17.57 3.90 42.13
N ARG D 190 -18.27 2.98 42.80
CA ARG D 190 -18.32 1.57 42.39
C ARG D 190 -16.92 1.00 42.27
N ASP D 191 -16.03 1.43 43.17
CA ASP D 191 -14.62 1.06 43.16
C ASP D 191 -13.95 1.48 41.85
N GLN D 192 -14.10 2.76 41.51
CA GLN D 192 -13.44 3.32 40.34
C GLN D 192 -13.15 4.79 40.58
N GLU D 193 -12.02 5.26 40.05
CA GLU D 193 -11.58 6.63 40.22
C GLU D 193 -11.38 7.37 38.91
N GLY D 194 -11.39 6.66 37.77
CA GLY D 194 -11.32 7.34 36.49
C GLY D 194 -12.64 7.96 36.09
N ARG D 195 -12.58 8.85 35.10
CA ARG D 195 -13.76 9.56 34.63
C ARG D 195 -13.71 9.66 33.11
N ILE D 196 -14.87 9.97 32.52
CA ILE D 196 -15.00 10.14 31.08
C ILE D 196 -15.89 11.35 30.82
N SER D 197 -15.45 12.24 29.93
CA SER D 197 -16.22 13.42 29.54
C SER D 197 -16.75 13.19 28.12
N PHE D 198 -18.04 12.90 28.02
CA PHE D 198 -18.67 12.68 26.72
C PHE D 198 -18.99 14.01 26.04
N TYR D 199 -18.75 14.06 24.74
CA TYR D 199 -19.02 15.25 23.94
C TYR D 199 -19.87 14.85 22.73
N TRP D 200 -20.42 15.87 22.07
CA TRP D 200 -21.39 15.68 21.01
C TRP D 200 -20.91 16.35 19.73
N THR D 201 -21.38 15.83 18.60
CA THR D 201 -21.14 16.46 17.30
C THR D 201 -22.23 15.98 16.34
N ILE D 202 -23.04 16.92 15.86
CA ILE D 202 -24.14 16.61 14.93
C ILE D 202 -23.72 17.02 13.52
N VAL D 203 -23.97 16.14 12.55
CA VAL D 203 -23.50 16.31 11.18
C VAL D 203 -24.71 16.47 10.28
N GLU D 204 -24.82 17.63 9.64
CA GLU D 204 -25.76 17.79 8.54
C GLU D 204 -25.17 17.11 7.30
N PRO D 205 -26.01 16.74 6.32
CA PRO D 205 -25.49 16.00 5.16
C PRO D 205 -24.43 16.78 4.40
N GLY D 206 -23.17 16.32 4.47
CA GLY D 206 -22.09 16.93 3.73
C GLY D 206 -20.83 17.27 4.51
N ASP D 207 -20.73 16.79 5.76
CA ASP D 207 -19.60 17.11 6.63
C ASP D 207 -18.75 15.85 6.87
N LEU D 208 -17.58 16.06 7.44
CA LEU D 208 -16.67 14.96 7.57
C LEU D 208 -16.65 14.24 8.90
N ILE D 209 -16.60 15.01 9.98
CA ILE D 209 -16.54 14.53 11.37
C ILE D 209 -15.37 13.61 11.64
N VAL D 210 -14.24 13.91 11.01
CA VAL D 210 -13.09 13.06 11.08
C VAL D 210 -12.37 13.27 12.35
N PHE D 211 -12.21 12.15 13.02
CA PHE D 211 -11.64 12.02 14.36
C PHE D 211 -10.12 12.00 14.28
N ASN D 212 -9.48 12.46 15.35
CA ASN D 212 -8.05 12.24 15.52
C ASN D 212 -7.74 12.21 17.01
N THR D 213 -6.88 11.29 17.41
CA THR D 213 -6.51 11.13 18.81
C THR D 213 -5.12 10.50 18.89
N ILE D 214 -4.27 11.08 19.74
CA ILE D 214 -3.02 10.43 20.09
C ILE D 214 -3.18 9.50 21.28
N GLY D 215 -4.30 9.58 21.99
CA GLY D 215 -4.54 8.74 23.14
C GLY D 215 -5.74 9.23 23.92
N ASN D 216 -6.22 8.36 24.80
CA ASN D 216 -7.35 8.67 25.70
C ASN D 216 -8.62 8.98 24.91
N LEU D 217 -9.00 8.06 24.03
CA LEU D 217 -10.24 8.19 23.26
C LEU D 217 -11.18 7.03 23.55
N ILE D 218 -12.45 7.36 23.70
CA ILE D 218 -13.54 6.38 23.69
C ILE D 218 -14.21 6.52 22.34
N ALA D 219 -13.82 5.66 21.39
CA ALA D 219 -14.27 5.78 20.02
C ALA D 219 -15.72 5.33 19.87
N PRO D 220 -16.48 5.94 18.96
CA PRO D 220 -17.87 5.54 18.72
C PRO D 220 -17.99 4.43 17.69
N ARG D 221 -18.96 3.56 17.91
CA ARG D 221 -19.18 2.42 17.02
C ARG D 221 -19.95 2.80 15.77
N GLY D 222 -20.80 3.82 15.84
CA GLY D 222 -21.60 4.21 14.69
C GLY D 222 -22.23 5.58 14.84
N HIS D 223 -23.47 5.74 14.37
CA HIS D 223 -24.14 7.02 14.49
C HIS D 223 -25.65 6.79 14.52
N TYR D 224 -26.37 7.82 14.97
CA TYR D 224 -27.81 7.77 15.13
C TYR D 224 -28.51 8.51 14.01
N LYS D 225 -29.75 8.09 13.72
CA LYS D 225 -30.57 8.76 12.72
C LYS D 225 -31.27 9.96 13.35
N LEU D 226 -31.37 11.05 12.58
CA LEU D 226 -31.91 12.30 13.10
C LEU D 226 -32.95 12.86 12.15
N ASN D 227 -34.02 13.40 12.71
CA ASN D 227 -35.06 14.11 11.99
C ASN D 227 -35.07 15.57 12.45
N SER D 228 -35.95 16.37 11.86
CA SER D 228 -36.02 17.80 12.13
C SER D 228 -37.43 18.18 12.54
N GLN D 229 -37.57 18.79 13.72
CA GLN D 229 -38.81 19.37 14.21
C GLN D 229 -39.94 18.34 14.24
N LYS D 230 -39.71 17.29 15.02
CA LYS D 230 -40.70 16.25 15.24
C LYS D 230 -41.21 16.28 16.68
N LYS D 231 -42.47 15.90 16.85
CA LYS D 231 -43.15 15.97 18.14
C LYS D 231 -42.68 14.80 19.00
N SER D 232 -41.62 15.04 19.77
CA SER D 232 -41.08 14.03 20.68
C SER D 232 -40.53 14.73 21.91
N THR D 233 -40.86 14.20 23.09
CA THR D 233 -40.48 14.82 24.36
C THR D 233 -40.06 13.74 25.35
N ILE D 234 -39.56 14.19 26.50
CA ILE D 234 -39.12 13.32 27.58
C ILE D 234 -39.92 13.68 28.83
N LEU D 235 -40.44 12.65 29.51
CA LEU D 235 -41.30 12.85 30.67
C LEU D 235 -40.59 12.38 31.94
N ASN D 236 -40.71 13.17 32.99
CA ASN D 236 -40.16 12.86 34.30
C ASN D 236 -41.33 12.59 35.25
N THR D 237 -41.46 11.33 35.69
CA THR D 237 -42.55 10.94 36.56
C THR D 237 -42.08 9.78 37.43
N ALA D 238 -43.00 9.30 38.29
CA ALA D 238 -42.70 8.18 39.18
C ALA D 238 -43.85 7.18 39.28
N VAL D 239 -44.90 7.36 38.51
CA VAL D 239 -46.08 6.48 38.55
C VAL D 239 -46.14 5.71 37.25
N PRO D 240 -46.29 4.39 37.28
CA PRO D 240 -46.24 3.58 36.06
C PRO D 240 -47.52 3.70 35.24
N ILE D 241 -47.51 3.00 34.10
CA ILE D 241 -48.56 3.08 33.09
C ILE D 241 -49.72 2.16 33.46
N GLY D 242 -50.92 2.54 33.06
CA GLY D 242 -52.13 1.76 33.28
C GLY D 242 -52.57 1.01 32.04
N SER D 243 -53.88 0.81 31.93
CA SER D 243 -54.47 0.06 30.80
C SER D 243 -55.72 0.77 30.29
N CYS D 244 -55.61 2.08 30.06
CA CYS D 244 -56.78 2.83 29.60
C CYS D 244 -56.47 3.63 28.34
N VAL D 245 -57.39 4.50 27.94
CA VAL D 245 -57.30 5.25 26.69
C VAL D 245 -57.54 6.73 27.00
N SER D 246 -56.55 7.57 26.69
CA SER D 246 -56.63 8.99 27.00
C SER D 246 -55.74 9.76 26.02
N LYS D 247 -55.75 11.09 26.15
CA LYS D 247 -55.09 11.96 25.18
C LYS D 247 -54.10 12.96 25.76
N CYS D 248 -54.16 13.29 27.06
CA CYS D 248 -53.26 14.26 27.66
C CYS D 248 -52.52 13.63 28.83
N HIS D 249 -51.30 14.12 29.06
CA HIS D 249 -50.42 13.56 30.08
C HIS D 249 -49.71 14.69 30.82
N THR D 250 -49.24 14.37 32.03
CA THR D 250 -48.50 15.30 32.87
C THR D 250 -47.33 14.55 33.50
N ASP D 251 -46.68 15.19 34.46
CA ASP D 251 -45.63 14.55 35.25
C ASP D 251 -46.16 13.96 36.55
N ARG D 252 -47.48 14.00 36.75
CA ARG D 252 -48.14 13.33 37.87
C ARG D 252 -49.26 12.39 37.43
N GLY D 253 -49.75 12.49 36.21
CA GLY D 253 -50.82 11.63 35.75
C GLY D 253 -51.31 12.07 34.39
N SER D 254 -52.52 11.64 34.04
CA SER D 254 -53.13 11.95 32.76
C SER D 254 -54.33 12.86 32.96
N ILE D 255 -54.38 13.96 32.22
CA ILE D 255 -55.49 14.89 32.26
C ILE D 255 -56.53 14.47 31.23
N THR D 256 -57.78 14.32 31.65
CA THR D 256 -58.89 13.98 30.75
C THR D 256 -60.13 14.76 31.19
N THR D 257 -60.33 15.94 30.60
CA THR D 257 -61.48 16.76 30.92
C THR D 257 -61.76 17.69 29.73
N THR D 258 -62.93 18.33 29.78
CA THR D 258 -63.39 19.21 28.72
C THR D 258 -63.50 20.67 29.13
N LYS D 259 -63.41 20.99 30.42
CA LYS D 259 -63.47 22.37 30.86
C LYS D 259 -62.34 23.18 30.22
N PRO D 260 -62.58 24.46 29.90
CA PRO D 260 -61.51 25.26 29.30
C PRO D 260 -60.27 25.39 30.16
N PHE D 261 -60.40 25.30 31.48
CA PHE D 261 -59.27 25.25 32.39
C PHE D 261 -59.48 24.11 33.37
N GLN D 262 -58.47 23.28 33.57
CA GLN D 262 -58.50 22.27 34.61
C GLN D 262 -57.33 22.47 35.57
N ASN D 263 -57.49 21.93 36.76
CA ASN D 263 -56.63 22.22 37.92
C ASN D 263 -55.83 20.98 38.29
N ILE D 264 -54.68 20.79 37.64
CA ILE D 264 -53.83 19.65 37.98
C ILE D 264 -52.41 20.10 38.33
N SER D 265 -51.70 20.66 37.36
CA SER D 265 -50.28 20.95 37.55
C SER D 265 -49.83 21.92 36.47
N ARG D 266 -48.50 22.09 36.35
CA ARG D 266 -47.91 23.04 35.43
C ARG D 266 -47.20 22.40 34.24
N ILE D 267 -46.98 21.09 34.26
CA ILE D 267 -46.29 20.38 33.19
C ILE D 267 -47.33 19.57 32.43
N SER D 268 -47.63 19.96 31.19
CA SER D 268 -48.66 19.32 30.40
C SER D 268 -48.16 19.07 28.99
N ILE D 269 -48.56 17.94 28.41
CA ILE D 269 -48.16 17.53 27.07
C ILE D 269 -49.41 17.17 26.28
N GLY D 270 -49.64 17.86 25.16
CA GLY D 270 -50.73 17.51 24.28
C GLY D 270 -51.78 18.60 24.11
N ASP D 271 -53.00 18.21 23.73
CA ASP D 271 -54.11 19.13 23.56
C ASP D 271 -54.77 19.41 24.92
N CYS D 272 -53.96 19.94 25.83
CA CYS D 272 -54.35 20.22 27.20
C CYS D 272 -54.43 21.72 27.43
N PRO D 273 -55.18 22.17 28.45
CA PRO D 273 -55.41 23.61 28.63
C PRO D 273 -54.35 24.31 29.46
N LYS D 274 -54.62 25.58 29.75
CA LYS D 274 -53.72 26.40 30.55
C LYS D 274 -53.79 26.00 32.03
N TYR D 275 -52.80 26.46 32.78
CA TYR D 275 -52.77 26.28 34.23
C TYR D 275 -53.80 27.19 34.87
N GLN E 3 14.26 -2.42 39.43
CA GLN E 3 14.48 -3.51 38.49
C GLN E 3 13.53 -4.67 38.77
N VAL E 4 13.30 -5.50 37.76
CA VAL E 4 12.44 -6.68 37.87
C VAL E 4 13.32 -7.91 38.03
N GLN E 5 12.95 -8.77 38.98
CA GLN E 5 13.73 -9.97 39.24
C GLN E 5 12.80 -11.10 39.64
N LEU E 6 13.26 -12.34 39.39
CA LEU E 6 12.51 -13.54 39.74
C LEU E 6 13.42 -14.45 40.56
N VAL E 7 13.01 -14.76 41.79
CA VAL E 7 13.78 -15.60 42.70
C VAL E 7 13.08 -16.95 42.80
N GLN E 8 13.83 -18.03 42.65
CA GLN E 8 13.30 -19.38 42.67
C GLN E 8 13.85 -20.14 43.87
N SER E 9 13.48 -21.42 43.96
CA SER E 9 13.90 -22.29 45.03
C SER E 9 15.31 -22.82 44.75
N GLY E 10 15.83 -23.64 45.67
CA GLY E 10 17.12 -24.25 45.52
C GLY E 10 17.07 -25.55 44.74
N ALA E 11 18.26 -26.10 44.51
CA ALA E 11 18.37 -27.36 43.77
C ALA E 11 17.75 -28.49 44.58
N GLU E 12 16.72 -29.13 44.01
CA GLU E 12 16.01 -30.22 44.65
C GLU E 12 16.38 -31.55 43.99
N VAL E 13 16.24 -32.62 44.75
CA VAL E 13 16.54 -33.97 44.27
C VAL E 13 15.50 -34.93 44.83
N LYS E 14 14.78 -35.63 43.95
CA LYS E 14 13.71 -36.53 44.34
C LYS E 14 13.90 -37.88 43.65
N LYS E 15 13.26 -38.93 44.23
CA LYS E 15 13.25 -40.28 43.68
C LYS E 15 11.98 -40.50 42.86
N PRO E 16 12.01 -41.41 41.88
CA PRO E 16 10.85 -41.56 40.99
C PRO E 16 9.60 -42.01 41.74
N GLY E 17 8.46 -41.48 41.31
CA GLY E 17 7.18 -41.75 41.95
C GLY E 17 6.79 -40.75 43.02
N ALA E 18 7.65 -39.79 43.33
CA ALA E 18 7.38 -38.79 44.36
C ALA E 18 6.74 -37.55 43.73
N SER E 19 6.68 -36.46 44.49
CA SER E 19 6.18 -35.18 44.02
C SER E 19 7.18 -34.09 44.34
N VAL E 20 7.14 -33.01 43.56
CA VAL E 20 8.06 -31.88 43.72
C VAL E 20 7.27 -30.59 43.71
N LYS E 21 7.85 -29.56 44.34
CA LYS E 21 7.19 -28.27 44.49
C LYS E 21 8.23 -27.17 44.40
N VAL E 22 8.00 -26.20 43.52
CA VAL E 22 8.96 -25.14 43.23
C VAL E 22 8.29 -23.80 43.46
N SER E 23 9.03 -22.84 44.01
CA SER E 23 8.54 -21.50 44.31
C SER E 23 9.20 -20.47 43.42
N CYS E 24 8.47 -19.38 43.16
CA CYS E 24 8.96 -18.30 42.31
C CYS E 24 8.40 -16.99 42.85
N LYS E 25 9.27 -16.16 43.44
CA LYS E 25 8.84 -14.92 44.06
C LYS E 25 9.19 -13.74 43.16
N THR E 26 8.20 -12.90 42.87
CA THR E 26 8.37 -11.76 41.99
C THR E 26 8.83 -10.53 42.77
N SER E 27 9.28 -9.53 42.03
CA SER E 27 9.77 -8.28 42.61
C SER E 27 9.84 -7.22 41.53
N GLY E 28 9.66 -5.96 41.95
CA GLY E 28 9.79 -4.83 41.06
C GLY E 28 8.57 -4.51 40.23
N TYR E 29 7.61 -5.42 40.11
CA TYR E 29 6.43 -5.19 39.29
C TYR E 29 5.21 -5.77 39.97
N THR E 30 4.03 -5.35 39.50
CA THR E 30 2.76 -5.79 40.07
C THR E 30 2.53 -7.25 39.73
N PHE E 31 2.56 -8.11 40.75
CA PHE E 31 2.51 -9.55 40.56
C PHE E 31 1.23 -10.05 39.88
N THR E 32 0.19 -9.21 39.83
CA THR E 32 -1.11 -9.66 39.34
C THR E 32 -1.47 -9.09 37.97
N ALA E 33 -0.70 -8.17 37.42
CA ALA E 33 -1.05 -7.51 36.16
C ALA E 33 -0.47 -8.21 34.94
N TYR E 34 0.29 -9.29 35.11
CA TYR E 34 0.91 -10.00 34.00
C TYR E 34 0.72 -11.50 34.18
N TYR E 35 0.76 -12.20 33.06
CA TYR E 35 0.74 -13.66 33.11
C TYR E 35 2.08 -14.18 33.63
N LEU E 36 2.07 -15.44 34.07
CA LEU E 36 3.26 -16.11 34.58
C LEU E 36 3.32 -17.49 33.95
N HIS E 37 4.50 -17.85 33.44
CA HIS E 37 4.67 -19.09 32.69
C HIS E 37 5.63 -20.03 33.40
N TRP E 38 5.48 -21.32 33.11
CA TRP E 38 6.39 -22.36 33.57
C TRP E 38 6.86 -23.15 32.36
N VAL E 39 8.17 -23.37 32.27
CA VAL E 39 8.79 -24.01 31.10
C VAL E 39 10.07 -24.69 31.55
N ARG E 40 10.29 -25.91 31.04
CA ARG E 40 11.45 -26.70 31.39
C ARG E 40 12.40 -26.84 30.21
N GLN E 41 13.68 -27.00 30.51
CA GLN E 41 14.71 -27.20 29.49
C GLN E 41 15.57 -28.40 29.91
N ALA E 42 15.52 -29.47 29.13
CA ALA E 42 16.31 -30.65 29.42
C ALA E 42 17.77 -30.41 29.04
N PRO E 43 18.71 -31.16 29.63
CA PRO E 43 20.12 -31.00 29.28
C PRO E 43 20.36 -31.20 27.79
N GLY E 44 20.97 -30.19 27.17
CA GLY E 44 21.24 -30.22 25.75
C GLY E 44 20.02 -30.09 24.86
N GLN E 45 18.84 -29.87 25.42
CA GLN E 45 17.60 -29.78 24.66
C GLN E 45 17.06 -28.35 24.72
N GLY E 46 16.02 -28.11 23.93
CA GLY E 46 15.36 -26.82 23.90
C GLY E 46 14.34 -26.65 25.01
N PHE E 47 13.65 -25.52 24.97
CA PHE E 47 12.64 -25.22 25.97
C PHE E 47 11.32 -25.92 25.64
N GLU E 48 10.60 -26.31 26.70
CA GLU E 48 9.28 -26.93 26.56
C GLU E 48 8.33 -26.30 27.56
N TRP E 49 7.29 -25.65 27.05
CA TRP E 49 6.30 -24.99 27.90
C TRP E 49 5.40 -26.03 28.57
N MET E 50 4.94 -25.69 29.78
CA MET E 50 4.10 -26.59 30.56
C MET E 50 2.71 -26.00 30.83
N ALA E 51 2.63 -24.82 31.42
CA ALA E 51 1.36 -24.23 31.81
C ALA E 51 1.57 -22.79 32.23
N TRP E 52 0.52 -21.98 32.09
CA TRP E 52 0.51 -20.61 32.58
C TRP E 52 -0.62 -20.42 33.58
N ILE E 53 -0.55 -19.32 34.33
CA ILE E 53 -1.46 -19.07 35.44
C ILE E 53 -1.80 -17.58 35.47
N ASN E 54 -3.05 -17.28 35.84
CA ASN E 54 -3.49 -15.90 36.00
C ASN E 54 -3.45 -15.54 37.47
N PRO E 55 -2.57 -14.63 37.90
CA PRO E 55 -2.46 -14.34 39.35
C PRO E 55 -3.63 -13.55 39.92
N ASN E 56 -4.47 -12.94 39.07
CA ASN E 56 -5.57 -12.11 39.56
C ASN E 56 -6.82 -12.92 39.85
N THR E 57 -7.12 -13.93 39.03
CA THR E 57 -8.33 -14.73 39.18
C THR E 57 -8.07 -16.17 39.54
N GLY E 58 -6.92 -16.72 39.18
CA GLY E 58 -6.60 -18.11 39.45
C GLY E 58 -6.78 -19.04 38.27
N ASP E 59 -7.14 -18.53 37.10
CA ASP E 59 -7.32 -19.37 35.93
C ASP E 59 -6.00 -20.00 35.51
N THR E 60 -6.05 -21.27 35.12
CA THR E 60 -4.87 -22.01 34.68
C THR E 60 -5.19 -22.78 33.41
N ASN E 61 -4.17 -22.97 32.58
CA ASN E 61 -4.27 -23.75 31.35
C ASN E 61 -3.05 -24.65 31.24
N TYR E 62 -3.30 -25.95 31.10
CA TYR E 62 -2.23 -26.95 31.04
C TYR E 62 -2.13 -27.51 29.64
N ALA E 63 -0.90 -27.78 29.21
CA ALA E 63 -0.71 -28.57 28.00
C ALA E 63 -1.13 -30.01 28.25
N GLN E 64 -1.31 -30.75 27.16
CA GLN E 64 -1.82 -32.11 27.29
C GLN E 64 -0.78 -33.06 27.87
N LYS E 65 0.50 -32.81 27.59
CA LYS E 65 1.55 -33.73 28.00
C LYS E 65 1.61 -33.86 29.52
N PHE E 66 1.45 -32.75 30.24
CA PHE E 66 1.58 -32.75 31.69
C PHE E 66 0.25 -32.59 32.42
N GLN E 67 -0.86 -32.96 31.78
CA GLN E 67 -2.16 -32.83 32.40
C GLN E 67 -2.44 -34.00 33.34
N GLY E 68 -3.07 -33.71 34.47
CA GLY E 68 -3.32 -34.70 35.49
C GLY E 68 -2.20 -34.90 36.49
N ARG E 69 -1.03 -34.30 36.26
CA ARG E 69 0.09 -34.40 37.18
C ARG E 69 0.52 -33.06 37.74
N VAL E 70 0.69 -32.05 36.88
CA VAL E 70 1.12 -30.73 37.34
C VAL E 70 -0.09 -29.90 37.71
N THR E 71 0.09 -29.01 38.68
CA THR E 71 -0.98 -28.13 39.13
C THR E 71 -0.36 -26.88 39.72
N LEU E 72 -0.88 -25.72 39.32
CA LEU E 72 -0.33 -24.43 39.71
C LEU E 72 -1.10 -23.84 40.87
N SER E 73 -0.42 -22.98 41.64
CA SER E 73 -1.04 -22.25 42.75
C SER E 73 -0.42 -20.86 42.81
N ARG E 74 -0.92 -20.06 43.76
CA ARG E 74 -0.49 -18.69 43.90
C ARG E 74 -0.61 -18.28 45.36
N ASP E 75 0.17 -17.28 45.75
CA ASP E 75 0.08 -16.65 47.06
C ASP E 75 0.11 -15.13 46.83
N THR E 76 -1.07 -14.55 46.63
CA THR E 76 -1.17 -13.12 46.36
C THR E 76 -0.68 -12.30 47.55
N SER E 77 -0.75 -12.84 48.76
CA SER E 77 -0.34 -12.10 49.94
C SER E 77 1.15 -11.76 49.89
N ILE E 78 1.98 -12.71 49.46
CA ILE E 78 3.43 -12.55 49.41
C ILE E 78 3.96 -12.47 47.99
N THR E 79 3.08 -12.54 46.99
CA THR E 79 3.45 -12.37 45.58
C THR E 79 4.48 -13.42 45.13
N THR E 80 4.27 -14.67 45.54
CA THR E 80 5.07 -15.78 45.06
C THR E 80 4.15 -16.83 44.45
N ALA E 81 4.64 -17.51 43.43
CA ALA E 81 3.87 -18.50 42.70
C ALA E 81 4.53 -19.87 42.84
N TYR E 82 3.70 -20.91 42.86
CA TYR E 82 4.17 -22.27 43.05
C TYR E 82 3.82 -23.13 41.84
N MET E 83 4.40 -24.33 41.81
CA MET E 83 4.17 -25.29 40.74
C MET E 83 4.48 -26.67 41.30
N GLU E 84 3.46 -27.52 41.42
CA GLU E 84 3.61 -28.86 41.95
C GLU E 84 3.43 -29.87 40.84
N LEU E 85 4.40 -30.78 40.70
CA LEU E 85 4.34 -31.84 39.70
C LEU E 85 4.40 -33.18 40.42
N THR E 86 3.35 -33.98 40.27
CA THR E 86 3.24 -35.28 40.92
C THR E 86 3.53 -36.39 39.92
N ARG E 87 3.80 -37.58 40.47
CA ARG E 87 4.03 -38.80 39.67
C ARG E 87 5.22 -38.64 38.73
N LEU E 88 6.30 -38.04 39.24
CA LEU E 88 7.49 -37.87 38.43
C LEU E 88 8.25 -39.19 38.28
N ARG E 89 9.00 -39.30 37.19
CA ARG E 89 9.78 -40.49 36.90
C ARG E 89 11.12 -40.07 36.32
N SER E 90 11.85 -41.04 35.76
CA SER E 90 13.15 -40.75 35.15
C SER E 90 13.02 -39.88 33.90
N ASP E 91 11.85 -39.87 33.26
CA ASP E 91 11.67 -39.05 32.06
C ASP E 91 11.67 -37.57 32.39
N ASP E 92 11.26 -37.20 33.61
CA ASP E 92 11.12 -35.80 34.00
C ASP E 92 12.41 -35.34 34.69
N THR E 93 13.37 -34.89 33.88
CA THR E 93 14.62 -34.34 34.39
C THR E 93 14.98 -33.14 33.53
N ALA E 94 14.84 -31.94 34.09
CA ALA E 94 15.11 -30.72 33.33
C ALA E 94 15.32 -29.57 34.31
N VAL E 95 15.51 -28.38 33.74
CA VAL E 95 15.68 -27.14 34.50
C VAL E 95 14.42 -26.32 34.34
N TYR E 96 13.70 -26.10 35.44
CA TYR E 96 12.41 -25.44 35.40
C TYR E 96 12.58 -23.95 35.67
N TYR E 97 11.98 -23.12 34.81
CA TYR E 97 12.01 -21.67 34.94
C TYR E 97 10.60 -21.13 35.13
N CYS E 98 10.51 -19.98 35.79
CA CYS E 98 9.31 -19.17 35.77
C CYS E 98 9.60 -17.91 34.97
N ALA E 99 8.71 -17.58 34.03
CA ALA E 99 8.92 -16.46 33.12
C ALA E 99 7.69 -15.57 33.11
N LYS E 100 7.93 -14.26 33.04
CA LYS E 100 6.86 -13.28 32.97
C LYS E 100 6.48 -13.05 31.51
N ASP E 101 5.19 -13.05 31.22
CA ASP E 101 4.72 -12.70 29.89
C ASP E 101 4.80 -11.19 29.69
N LEU E 102 5.09 -10.78 28.45
CA LEU E 102 5.25 -9.36 28.16
C LEU E 102 3.92 -8.63 28.26
N THR E 103 2.82 -9.28 27.88
CA THR E 103 1.54 -8.61 27.79
C THR E 103 0.99 -8.28 29.17
N LEU E 104 0.56 -7.03 29.35
CA LEU E 104 -0.19 -6.64 30.53
C LEU E 104 -1.68 -6.79 30.23
N MET E 105 -2.42 -7.27 31.21
CA MET E 105 -3.84 -7.57 31.04
C MET E 105 -4.76 -6.65 31.82
N TYR E 106 -4.35 -6.20 33.00
CA TYR E 106 -5.20 -5.36 33.83
C TYR E 106 -4.41 -4.15 34.33
N VAL E 107 -5.16 -3.12 34.70
CA VAL E 107 -4.65 -1.95 35.42
C VAL E 107 -5.67 -1.64 36.50
N PHE E 108 -5.27 -1.81 37.76
CA PHE E 108 -6.25 -1.80 38.86
C PHE E 108 -6.80 -0.40 39.11
N ASP E 109 -5.99 0.64 38.94
CA ASP E 109 -6.42 1.98 39.33
C ASP E 109 -7.47 2.52 38.35
N SER E 110 -7.34 2.20 37.06
CA SER E 110 -8.31 2.63 36.07
C SER E 110 -9.36 1.57 35.76
N GLY E 111 -9.18 0.35 36.26
CA GLY E 111 -10.15 -0.71 36.02
C GLY E 111 -10.23 -1.18 34.59
N TRP E 112 -9.14 -1.09 33.83
CA TRP E 112 -9.12 -1.50 32.44
C TRP E 112 -8.80 -2.99 32.33
N ALA E 113 -9.34 -3.62 31.28
CA ALA E 113 -9.09 -5.02 31.00
C ALA E 113 -8.96 -5.22 29.50
N ARG E 114 -8.18 -6.23 29.12
CA ARG E 114 -7.98 -6.58 27.72
C ARG E 114 -9.09 -7.51 27.26
N GLY E 115 -9.33 -7.51 25.94
CA GLY E 115 -10.34 -8.38 25.37
C GLY E 115 -10.03 -9.85 25.55
N ALA E 116 -8.89 -10.28 25.02
CA ALA E 116 -8.39 -11.64 25.19
C ALA E 116 -6.89 -11.55 25.43
N HIS E 117 -6.21 -12.69 25.42
CA HIS E 117 -4.78 -12.74 25.64
C HIS E 117 -4.06 -13.23 24.38
N ASP E 118 -3.06 -12.48 23.96
CA ASP E 118 -2.13 -12.90 22.91
C ASP E 118 -0.76 -13.09 23.53
N TYR E 119 -0.02 -14.08 23.05
CA TYR E 119 1.36 -14.28 23.48
C TYR E 119 2.30 -13.52 22.56
N TYR E 120 3.08 -12.61 23.14
CA TYR E 120 4.12 -11.91 22.39
C TYR E 120 5.53 -12.30 22.79
N GLY E 121 5.75 -12.66 24.05
CA GLY E 121 7.07 -13.08 24.48
C GLY E 121 7.14 -13.15 25.99
N MET E 122 8.24 -13.75 26.46
CA MET E 122 8.55 -13.86 27.89
C MET E 122 9.82 -13.05 28.14
N ASP E 123 9.67 -11.88 28.76
CA ASP E 123 10.79 -10.95 28.88
C ASP E 123 11.68 -11.24 30.09
N VAL E 124 11.09 -11.44 31.26
CA VAL E 124 11.85 -11.66 32.50
C VAL E 124 11.82 -13.14 32.83
N TRP E 125 13.00 -13.69 33.11
CA TRP E 125 13.16 -15.11 33.44
C TRP E 125 13.78 -15.26 34.83
N GLY E 126 13.50 -16.40 35.45
CA GLY E 126 14.13 -16.74 36.72
C GLY E 126 15.49 -17.37 36.52
N GLN E 127 16.23 -17.50 37.62
CA GLN E 127 17.58 -18.05 37.52
C GLN E 127 17.58 -19.54 37.24
N GLY E 128 16.54 -20.24 37.64
CA GLY E 128 16.42 -21.66 37.35
C GLY E 128 16.68 -22.52 38.57
N THR E 129 15.99 -23.65 38.63
CA THR E 129 16.16 -24.64 39.70
C THR E 129 16.41 -26.00 39.07
N THR E 130 17.58 -26.57 39.35
CA THR E 130 17.91 -27.88 38.82
C THR E 130 17.13 -28.96 39.56
N VAL E 131 16.37 -29.77 38.82
CA VAL E 131 15.58 -30.85 39.37
C VAL E 131 16.04 -32.14 38.72
N ALA E 132 16.44 -33.11 39.56
CA ALA E 132 16.95 -34.39 39.07
C ALA E 132 16.25 -35.52 39.79
N VAL E 133 15.92 -36.57 39.05
CA VAL E 133 15.33 -37.78 39.62
C VAL E 133 16.45 -38.79 39.84
N SER E 134 16.67 -39.17 41.10
CA SER E 134 17.79 -40.02 41.44
C SER E 134 17.71 -41.36 40.71
N GLY E 135 16.52 -41.95 40.64
CA GLY E 135 16.35 -43.22 39.97
C GLY E 135 17.04 -44.38 40.64
N ALA E 136 18.03 -44.94 39.95
CA ALA E 136 18.67 -46.18 40.39
C ALA E 136 19.49 -45.95 41.66
N SER E 137 20.06 -47.04 42.17
CA SER E 137 20.87 -47.03 43.38
C SER E 137 22.35 -46.92 43.03
N THR E 138 23.13 -46.49 44.03
CA THR E 138 24.55 -46.23 43.81
C THR E 138 25.34 -47.53 43.71
N LYS E 139 26.26 -47.57 42.74
CA LYS E 139 27.18 -48.69 42.59
C LYS E 139 28.45 -48.21 41.93
N GLY E 140 29.56 -48.91 42.21
CA GLY E 140 30.85 -48.54 41.69
C GLY E 140 31.04 -48.95 40.25
N PRO E 141 32.18 -48.57 39.69
CA PRO E 141 32.42 -48.78 38.26
C PRO E 141 32.90 -50.19 37.94
N SER E 142 32.78 -50.53 36.65
CA SER E 142 33.32 -51.76 36.09
C SER E 142 34.23 -51.38 34.93
N VAL E 143 35.53 -51.61 35.09
CA VAL E 143 36.54 -51.10 34.18
C VAL E 143 36.93 -52.19 33.19
N PHE E 144 37.02 -51.83 31.91
CA PHE E 144 37.42 -52.72 30.84
C PHE E 144 38.51 -52.08 30.01
N PRO E 145 39.48 -52.86 29.53
CA PRO E 145 40.60 -52.28 28.77
C PRO E 145 40.29 -52.14 27.29
N LEU E 146 41.01 -51.19 26.67
CA LEU E 146 40.90 -50.91 25.24
C LEU E 146 42.28 -50.96 24.63
N ALA E 147 42.52 -51.93 23.73
CA ALA E 147 43.81 -52.19 23.13
C ALA E 147 44.00 -51.37 21.85
N PRO E 148 45.23 -51.03 21.50
CA PRO E 148 45.48 -50.17 20.33
C PRO E 148 45.35 -50.93 19.02
N SER E 149 45.60 -50.21 17.92
CA SER E 149 45.53 -50.80 16.61
C SER E 149 46.63 -51.83 16.42
N SER E 150 46.30 -52.94 15.76
CA SER E 150 47.26 -54.03 15.58
C SER E 150 48.41 -53.60 14.70
N LYS E 151 48.11 -53.04 13.52
CA LYS E 151 49.16 -52.58 12.63
C LYS E 151 49.80 -51.31 13.17
N SER E 152 51.06 -51.09 12.80
CA SER E 152 51.82 -49.96 13.30
C SER E 152 52.72 -49.41 12.20
N THR E 153 52.99 -48.12 12.27
CA THR E 153 53.87 -47.42 11.36
C THR E 153 55.17 -47.07 12.08
N SER E 154 56.20 -46.76 11.30
CA SER E 154 57.47 -46.30 11.83
C SER E 154 57.33 -44.84 12.20
N GLY E 155 56.84 -44.58 13.42
CA GLY E 155 56.59 -43.24 13.91
C GLY E 155 55.12 -42.94 14.14
N GLY E 156 54.24 -43.57 13.37
CA GLY E 156 52.82 -43.39 13.56
C GLY E 156 52.37 -43.93 14.90
N THR E 157 52.03 -43.03 15.82
CA THR E 157 51.76 -43.41 17.20
C THR E 157 50.32 -43.87 17.34
N ALA E 158 50.14 -45.13 17.76
CA ALA E 158 48.81 -45.66 18.04
C ALA E 158 48.35 -45.20 19.43
N ALA E 159 47.05 -45.37 19.69
CA ALA E 159 46.45 -44.89 20.93
C ALA E 159 45.66 -46.00 21.59
N LEU E 160 45.78 -46.07 22.92
CA LEU E 160 45.07 -47.06 23.73
C LEU E 160 44.39 -46.34 24.89
N GLY E 161 43.22 -46.86 25.29
CA GLY E 161 42.45 -46.21 26.33
C GLY E 161 42.05 -47.12 27.48
N CYS E 162 41.04 -46.71 28.24
CA CYS E 162 40.59 -47.47 29.40
C CYS E 162 39.16 -47.05 29.71
N LEU E 163 38.22 -47.97 29.50
CA LEU E 163 36.79 -47.67 29.58
C LEU E 163 36.27 -47.84 31.00
N VAL E 164 35.49 -46.87 31.45
CA VAL E 164 34.87 -46.90 32.78
C VAL E 164 33.37 -46.91 32.60
N LYS E 165 32.72 -47.99 33.05
CA LYS E 165 31.31 -48.22 32.78
C LYS E 165 30.52 -48.44 34.07
N ASP E 166 29.30 -47.88 34.09
CA ASP E 166 28.27 -48.22 35.08
C ASP E 166 28.71 -47.88 36.51
N TYR E 167 28.93 -46.59 36.76
CA TYR E 167 29.08 -46.06 38.11
C TYR E 167 28.05 -44.93 38.30
N PHE E 168 27.32 -44.97 39.41
CA PHE E 168 26.22 -44.01 39.56
C PHE E 168 26.68 -42.64 40.05
N PRO E 169 27.46 -42.52 41.14
CA PRO E 169 27.87 -41.18 41.58
C PRO E 169 28.98 -40.65 40.68
N GLU E 170 28.82 -39.40 40.25
CA GLU E 170 29.55 -38.93 39.06
C GLU E 170 31.05 -38.80 39.29
N PRO E 171 31.54 -37.90 40.17
CA PRO E 171 32.95 -37.50 40.09
C PRO E 171 33.94 -38.65 40.22
N VAL E 172 34.63 -38.94 39.12
CA VAL E 172 35.67 -39.96 39.07
C VAL E 172 36.96 -39.31 38.59
N THR E 173 38.08 -39.91 38.96
CA THR E 173 39.40 -39.45 38.55
C THR E 173 40.16 -40.60 37.91
N VAL E 174 40.91 -40.29 36.85
CA VAL E 174 41.71 -41.28 36.14
C VAL E 174 43.12 -40.75 35.97
N SER E 175 44.10 -41.61 36.22
CA SER E 175 45.50 -41.30 35.96
C SER E 175 46.18 -42.55 35.41
N TRP E 176 47.25 -42.34 34.66
CA TRP E 176 47.98 -43.43 34.02
C TRP E 176 49.37 -43.55 34.64
N ASN E 177 49.76 -44.79 34.94
CA ASN E 177 51.05 -45.09 35.58
C ASN E 177 51.19 -44.31 36.89
N SER E 178 50.08 -44.20 37.64
CA SER E 178 50.01 -43.49 38.91
C SER E 178 50.38 -42.01 38.76
N GLY E 179 50.29 -41.47 37.54
CA GLY E 179 50.66 -40.10 37.26
C GLY E 179 51.93 -39.95 36.47
N ALA E 180 52.67 -41.03 36.23
CA ALA E 180 53.92 -40.93 35.49
C ALA E 180 53.70 -40.67 34.00
N LEU E 181 52.52 -40.99 33.48
CA LEU E 181 52.20 -40.79 32.06
C LEU E 181 51.27 -39.59 31.97
N THR E 182 51.77 -38.49 31.39
CA THR E 182 51.03 -37.24 31.31
C THR E 182 50.76 -36.79 29.88
N SER E 183 51.74 -36.86 29.00
CA SER E 183 51.58 -36.36 27.64
C SER E 183 50.72 -37.32 26.83
N GLY E 184 49.65 -36.81 26.22
CA GLY E 184 48.74 -37.59 25.43
C GLY E 184 47.47 -38.01 26.14
N VAL E 185 47.41 -37.86 27.46
CA VAL E 185 46.24 -38.29 28.22
C VAL E 185 45.09 -37.33 27.95
N HIS E 186 43.95 -37.88 27.53
CA HIS E 186 42.73 -37.10 27.31
C HIS E 186 41.57 -37.89 27.91
N THR E 187 40.94 -37.32 28.92
CA THR E 187 39.82 -37.96 29.61
C THR E 187 38.52 -37.34 29.11
N PHE E 188 37.68 -38.17 28.49
CA PHE E 188 36.43 -37.71 27.90
C PHE E 188 35.33 -37.62 28.96
N PRO E 189 34.38 -36.71 28.78
CA PRO E 189 33.28 -36.60 29.75
C PRO E 189 32.33 -37.78 29.67
N ALA E 190 31.59 -37.97 30.76
CA ALA E 190 30.71 -39.13 30.90
C ALA E 190 29.41 -38.92 30.13
N VAL E 191 28.79 -40.04 29.75
CA VAL E 191 27.52 -40.06 29.04
C VAL E 191 26.46 -40.62 29.98
N LEU E 192 25.34 -39.91 30.10
CA LEU E 192 24.23 -40.38 30.92
C LEU E 192 23.39 -41.33 30.08
N GLN E 193 23.39 -42.61 30.46
CA GLN E 193 22.65 -43.62 29.72
C GLN E 193 21.16 -43.54 30.03
N SER E 194 20.39 -44.36 29.32
CA SER E 194 18.97 -44.52 29.63
C SER E 194 18.76 -45.35 30.89
N SER E 195 19.82 -45.91 31.46
CA SER E 195 19.73 -46.67 32.70
C SER E 195 19.99 -45.83 33.94
N GLY E 196 20.58 -44.63 33.78
CA GLY E 196 20.92 -43.77 34.87
C GLY E 196 22.40 -43.76 35.20
N LEU E 197 23.10 -44.85 34.93
CA LEU E 197 24.52 -44.94 35.21
C LEU E 197 25.33 -44.25 34.12
N TYR E 198 26.37 -43.54 34.52
CA TYR E 198 27.25 -42.86 33.59
C TYR E 198 28.29 -43.82 33.03
N SER E 199 29.12 -43.32 32.12
CA SER E 199 30.22 -44.07 31.54
C SER E 199 31.11 -43.11 30.77
N LEU E 200 32.43 -43.24 30.95
CA LEU E 200 33.39 -42.43 30.22
C LEU E 200 34.58 -43.30 29.83
N SER E 201 35.60 -42.67 29.26
CA SER E 201 36.83 -43.35 28.86
C SER E 201 37.98 -42.35 28.90
N SER E 202 39.19 -42.87 29.08
CA SER E 202 40.39 -42.05 29.13
C SER E 202 41.44 -42.68 28.23
N VAL E 203 41.90 -41.93 27.23
CA VAL E 203 42.83 -42.45 26.23
C VAL E 203 44.13 -41.65 26.31
N VAL E 204 45.21 -42.28 25.84
CA VAL E 204 46.53 -41.64 25.81
C VAL E 204 47.27 -42.12 24.56
N THR E 205 47.89 -41.20 23.85
CA THR E 205 48.63 -41.50 22.64
C THR E 205 50.06 -41.90 22.97
N VAL E 206 50.53 -42.97 22.34
CA VAL E 206 51.84 -43.55 22.67
C VAL E 206 52.52 -44.02 21.40
N PRO E 207 53.86 -43.95 21.38
CA PRO E 207 54.60 -44.39 20.19
C PRO E 207 54.40 -45.88 19.93
N SER E 208 54.34 -46.23 18.65
CA SER E 208 54.10 -47.62 18.26
C SER E 208 55.29 -48.52 18.54
N SER E 209 56.48 -47.96 18.71
CA SER E 209 57.64 -48.75 19.09
C SER E 209 57.63 -49.15 20.57
N SER E 210 56.74 -48.56 21.37
CA SER E 210 56.65 -48.83 22.79
C SER E 210 55.63 -49.92 23.12
N LEU E 211 55.13 -50.64 22.11
CA LEU E 211 54.17 -51.72 22.34
C LEU E 211 54.90 -52.92 22.90
N GLY E 212 54.69 -53.20 24.19
CA GLY E 212 55.32 -54.31 24.87
C GLY E 212 56.54 -53.93 25.69
N THR E 213 57.18 -52.80 25.38
CA THR E 213 58.35 -52.38 26.15
C THR E 213 57.95 -51.69 27.46
N GLN E 214 56.95 -50.82 27.40
CA GLN E 214 56.46 -50.11 28.57
C GLN E 214 55.07 -50.62 28.92
N THR E 215 54.86 -50.90 30.21
CA THR E 215 53.58 -51.42 30.69
C THR E 215 52.67 -50.26 31.08
N TYR E 216 51.44 -50.28 30.57
CA TYR E 216 50.47 -49.21 30.80
C TYR E 216 49.30 -49.75 31.60
N ILE E 217 49.00 -49.10 32.72
CA ILE E 217 47.94 -49.49 33.63
C ILE E 217 47.14 -48.25 34.00
N CYS E 218 45.85 -48.24 33.67
CA CYS E 218 44.99 -47.14 34.06
C CYS E 218 44.61 -47.27 35.53
N ASN E 219 44.58 -46.13 36.22
CA ASN E 219 44.35 -46.07 37.66
C ASN E 219 43.04 -45.31 37.89
N VAL E 220 41.93 -46.04 37.89
CA VAL E 220 40.61 -45.45 38.06
C VAL E 220 40.25 -45.45 39.55
N ASN E 221 39.71 -44.33 40.02
CA ASN E 221 39.30 -44.18 41.41
C ASN E 221 37.86 -43.68 41.45
N HIS E 222 37.09 -44.21 42.40
CA HIS E 222 35.69 -43.82 42.61
C HIS E 222 35.47 -43.71 44.11
N LYS E 223 35.67 -42.50 44.65
CA LYS E 223 35.52 -42.30 46.09
C LYS E 223 34.10 -42.50 46.62
N PRO E 224 33.03 -42.11 45.93
CA PRO E 224 31.68 -42.28 46.52
C PRO E 224 31.35 -43.70 46.92
N SER E 225 31.97 -44.70 46.31
CA SER E 225 31.81 -46.09 46.73
C SER E 225 33.11 -46.67 47.27
N ASN E 226 34.18 -45.88 47.37
CA ASN E 226 35.47 -46.31 47.88
C ASN E 226 35.98 -47.53 47.11
N THR E 227 36.12 -47.35 45.80
CA THR E 227 36.56 -48.41 44.90
C THR E 227 37.67 -47.86 44.01
N LYS E 228 38.84 -48.51 44.06
CA LYS E 228 39.99 -48.14 43.23
C LYS E 228 40.36 -49.35 42.38
N VAL E 229 40.16 -49.22 41.06
CA VAL E 229 40.39 -50.31 40.12
C VAL E 229 41.59 -49.95 39.25
N ASP E 230 42.53 -50.88 39.13
CA ASP E 230 43.71 -50.73 38.27
C ASP E 230 43.72 -51.87 37.26
N LYS E 231 43.81 -51.52 35.97
CA LYS E 231 43.78 -52.51 34.90
C LYS E 231 44.93 -52.26 33.93
N ARG E 232 45.66 -53.34 33.62
CA ARG E 232 46.74 -53.29 32.64
C ARG E 232 46.20 -53.57 31.25
N VAL E 233 46.68 -52.81 30.27
CA VAL E 233 46.22 -52.92 28.88
C VAL E 233 47.35 -53.48 28.05
N GLU E 234 47.14 -54.62 27.41
CA GLU E 234 48.18 -55.17 26.55
C GLU E 234 47.59 -55.30 25.16
N PRO E 235 48.42 -55.53 24.16
CA PRO E 235 47.93 -55.64 22.80
C PRO E 235 46.94 -56.75 22.64
N LYS E 236 46.00 -56.48 21.77
CA LYS E 236 44.91 -57.37 21.49
C LYS E 236 45.35 -58.69 20.91
N SER F 4 2.97 -27.45 14.64
CA SER F 4 3.72 -27.06 15.83
C SER F 4 5.15 -27.60 15.79
N ALA F 5 5.96 -27.09 14.86
CA ALA F 5 7.35 -27.51 14.75
C ALA F 5 8.33 -26.39 15.07
N LEU F 6 8.26 -25.28 14.34
CA LEU F 6 9.15 -24.13 14.54
C LEU F 6 10.62 -24.55 14.63
N THR F 7 11.11 -25.07 13.51
CA THR F 7 12.46 -25.59 13.45
C THR F 7 13.46 -24.52 13.04
N GLN F 8 14.67 -24.63 13.59
CA GLN F 8 15.77 -23.71 13.35
C GLN F 8 16.97 -24.47 12.78
N PRO F 9 17.98 -23.79 12.24
CA PRO F 9 19.19 -24.50 11.80
C PRO F 9 19.99 -25.02 12.99
N ALA F 10 20.89 -25.96 12.68
CA ALA F 10 21.68 -26.59 13.74
C ALA F 10 22.67 -25.61 14.35
N SER F 11 23.56 -25.05 13.53
CA SER F 11 24.55 -24.09 14.00
C SER F 11 24.90 -23.15 12.87
N VAL F 12 25.34 -21.95 13.24
CA VAL F 12 25.76 -20.93 12.28
C VAL F 12 27.07 -20.33 12.76
N SER F 13 28.07 -20.29 11.88
CA SER F 13 29.36 -19.73 12.19
C SER F 13 29.60 -18.48 11.34
N GLY F 14 30.34 -17.52 11.90
CA GLY F 14 30.63 -16.29 11.19
C GLY F 14 31.93 -15.64 11.59
N SER F 15 32.59 -15.00 10.63
CA SER F 15 33.81 -14.28 10.90
C SER F 15 33.50 -12.99 11.66
N PRO F 16 34.47 -12.48 12.44
CA PRO F 16 34.21 -11.26 13.22
C PRO F 16 34.09 -10.02 12.34
N GLY F 17 32.88 -9.51 12.18
CA GLY F 17 32.67 -8.28 11.43
C GLY F 17 31.57 -8.37 10.39
N GLN F 18 31.24 -9.58 9.96
CA GLN F 18 30.24 -9.78 8.93
C GLN F 18 28.85 -9.94 9.55
N SER F 19 27.88 -10.35 8.76
CA SER F 19 26.50 -10.56 9.21
C SER F 19 26.19 -12.04 9.24
N VAL F 20 25.38 -12.43 10.22
CA VAL F 20 24.95 -13.81 10.39
C VAL F 20 23.44 -13.84 10.51
N THR F 21 22.80 -14.72 9.75
CA THR F 21 21.34 -14.83 9.70
C THR F 21 20.90 -16.15 10.28
N ILE F 22 19.87 -16.10 11.13
CA ILE F 22 19.29 -17.29 11.75
C ILE F 22 17.85 -17.40 11.25
N SER F 23 17.56 -18.45 10.49
CA SER F 23 16.26 -18.61 9.89
C SER F 23 15.29 -19.34 10.83
N CYS F 24 13.99 -19.20 10.53
CA CYS F 24 12.94 -19.86 11.29
C CYS F 24 11.81 -20.19 10.33
N THR F 25 11.41 -21.46 10.27
CA THR F 25 10.48 -21.90 9.24
C THR F 25 9.04 -21.48 9.54
N GLY F 26 8.60 -21.63 10.79
CA GLY F 26 7.22 -21.29 11.13
C GLY F 26 6.15 -22.16 10.49
N THR F 27 6.04 -23.38 10.98
CA THR F 27 5.15 -24.33 10.36
C THR F 27 3.74 -23.76 10.31
N ASN F 28 3.10 -23.99 9.18
CA ASN F 28 1.72 -23.57 8.85
C ASN F 28 1.59 -22.06 8.61
N SER F 29 0.37 -21.57 8.48
CA SER F 29 0.11 -20.19 8.22
C SER F 29 0.62 -19.36 9.37
N ASP F 30 0.45 -19.83 10.59
CA ASP F 30 0.88 -19.04 11.75
C ASP F 30 2.33 -19.34 12.11
N VAL F 31 3.19 -18.33 12.00
CA VAL F 31 4.59 -18.40 12.39
C VAL F 31 4.85 -17.58 13.65
N GLY F 32 3.79 -17.21 14.34
CA GLY F 32 3.81 -16.13 15.31
C GLY F 32 2.48 -15.44 15.12
N THR F 33 1.87 -14.97 16.20
CA THR F 33 0.41 -14.87 16.26
C THR F 33 -0.21 -14.30 14.99
N PHE F 34 -0.02 -13.02 14.71
CA PHE F 34 -0.26 -12.50 13.37
C PHE F 34 1.05 -12.20 12.66
N ASP F 35 1.93 -13.20 12.54
CA ASP F 35 3.32 -12.99 12.13
C ASP F 35 4.00 -11.99 13.07
N LEU F 36 4.12 -12.40 14.33
CA LEU F 36 4.85 -11.65 15.35
C LEU F 36 5.69 -12.65 16.13
N VAL F 37 6.99 -12.69 15.83
CA VAL F 37 7.87 -13.69 16.40
C VAL F 37 8.64 -13.07 17.56
N SER F 38 9.29 -13.92 18.36
CA SER F 38 10.13 -13.48 19.46
C SER F 38 11.37 -14.35 19.51
N TRP F 39 12.52 -13.73 19.71
CA TRP F 39 13.79 -14.43 19.80
C TRP F 39 14.35 -14.33 21.22
N TYR F 40 15.39 -15.11 21.48
CA TYR F 40 16.00 -15.15 22.80
C TYR F 40 17.49 -15.45 22.66
N GLN F 41 18.27 -14.92 23.60
CA GLN F 41 19.70 -15.17 23.68
C GLN F 41 20.02 -15.75 25.05
N GLN F 42 20.66 -16.92 25.06
CA GLN F 42 20.99 -17.62 26.29
C GLN F 42 22.46 -17.98 26.30
N TYR F 43 23.21 -17.44 27.25
CA TYR F 43 24.60 -17.81 27.41
C TYR F 43 24.69 -19.13 28.18
N PRO F 44 25.73 -19.94 27.92
CA PRO F 44 25.83 -21.26 28.54
C PRO F 44 25.82 -21.18 30.07
N GLY F 45 24.79 -21.76 30.66
CA GLY F 45 24.65 -21.74 32.11
C GLY F 45 23.91 -20.54 32.66
N LYS F 46 23.06 -19.90 31.87
CA LYS F 46 22.32 -18.73 32.31
C LYS F 46 20.90 -18.79 31.76
N ALA F 47 20.04 -17.97 32.34
CA ALA F 47 18.67 -17.85 31.86
C ALA F 47 18.63 -17.03 30.58
N PRO F 48 17.69 -17.32 29.67
CA PRO F 48 17.65 -16.58 28.41
C PRO F 48 17.04 -15.18 28.59
N LYS F 49 17.45 -14.29 27.71
CA LYS F 49 16.93 -12.93 27.67
C LYS F 49 16.14 -12.70 26.40
N LEU F 50 15.07 -11.92 26.51
CA LEU F 50 14.31 -11.50 25.33
C LEU F 50 15.11 -10.45 24.57
N ILE F 51 15.53 -10.78 23.36
CA ILE F 51 16.30 -9.87 22.53
C ILE F 51 15.40 -9.10 21.56
N ILE F 52 14.46 -9.78 20.89
CA ILE F 52 13.55 -9.13 19.96
C ILE F 52 12.15 -9.68 20.20
N TYR F 53 11.16 -8.78 20.18
CA TYR F 53 9.75 -9.17 20.26
C TYR F 53 8.99 -8.55 19.10
N GLU F 54 7.91 -9.21 18.70
CA GLU F 54 7.08 -8.78 17.58
C GLU F 54 7.86 -8.73 16.27
N GLY F 55 8.74 -9.70 16.08
CA GLY F 55 9.47 -9.82 14.82
C GLY F 55 10.65 -8.90 14.62
N SER F 56 10.48 -7.61 14.90
CA SER F 56 11.54 -6.63 14.65
C SER F 56 11.80 -5.68 15.81
N ARG F 57 10.88 -5.53 16.76
CA ARG F 57 11.06 -4.56 17.83
C ARG F 57 12.00 -5.11 18.91
N ARG F 58 12.60 -4.19 19.65
CA ARG F 58 13.53 -4.50 20.72
C ARG F 58 13.10 -3.80 22.00
N PRO F 59 13.43 -4.38 23.16
CA PRO F 59 13.17 -3.68 24.43
C PRO F 59 14.33 -2.78 24.82
N SER F 60 14.22 -2.12 25.97
CA SER F 60 15.26 -1.19 26.41
C SER F 60 16.48 -1.97 26.90
N GLY F 61 17.58 -1.90 26.16
CA GLY F 61 18.81 -2.55 26.58
C GLY F 61 19.55 -3.24 25.46
N VAL F 62 18.82 -3.71 24.45
CA VAL F 62 19.42 -4.46 23.35
C VAL F 62 20.00 -3.49 22.32
N SER F 63 21.18 -3.81 21.81
CA SER F 63 21.82 -2.96 20.82
C SER F 63 21.09 -3.04 19.49
N ASP F 64 21.36 -2.06 18.62
CA ASP F 64 20.71 -2.00 17.32
C ASP F 64 21.24 -3.08 16.36
N ARG F 65 22.39 -3.68 16.67
CA ARG F 65 22.93 -4.72 15.81
C ARG F 65 21.95 -5.89 15.63
N PHE F 66 21.16 -6.17 16.66
CA PHE F 66 20.19 -7.26 16.59
C PHE F 66 18.97 -6.80 15.80
N SER F 67 18.56 -7.61 14.82
CA SER F 67 17.42 -7.25 13.99
C SER F 67 16.75 -8.52 13.48
N GLY F 68 15.44 -8.44 13.24
CA GLY F 68 14.69 -9.56 12.72
C GLY F 68 13.76 -9.19 11.58
N SER F 69 13.71 -10.04 10.56
CA SER F 69 12.89 -9.76 9.38
C SER F 69 12.12 -11.01 8.98
N LYS F 70 11.18 -10.84 8.05
CA LYS F 70 10.32 -11.92 7.60
C LYS F 70 10.36 -12.02 6.08
N SER F 71 10.28 -13.25 5.57
CA SER F 71 10.15 -13.53 4.14
C SER F 71 9.00 -14.52 3.97
N GLY F 72 7.77 -13.99 3.89
CA GLY F 72 6.62 -14.86 3.77
C GLY F 72 6.43 -15.71 5.02
N ASN F 73 6.75 -16.99 4.90
CA ASN F 73 6.65 -17.92 6.01
C ASN F 73 7.90 -17.95 6.88
N THR F 74 9.06 -17.57 6.33
CA THR F 74 10.32 -17.65 7.04
C THR F 74 10.56 -16.36 7.83
N ALA F 75 10.97 -16.52 9.09
CA ALA F 75 11.40 -15.41 9.93
C ALA F 75 12.88 -15.54 10.22
N SER F 76 13.62 -14.43 10.11
CA SER F 76 15.07 -14.45 10.21
C SER F 76 15.53 -13.45 11.26
N LEU F 77 16.72 -13.71 11.80
CA LEU F 77 17.37 -12.85 12.77
C LEU F 77 18.78 -12.54 12.27
N THR F 78 19.12 -11.25 12.20
CA THR F 78 20.38 -10.81 11.62
C THR F 78 21.20 -10.07 12.66
N ILE F 79 22.44 -10.51 12.85
CA ILE F 79 23.41 -9.83 13.72
C ILE F 79 24.57 -9.41 12.82
N SER F 80 24.77 -8.10 12.68
CA SER F 80 25.78 -7.58 11.76
C SER F 80 26.71 -6.60 12.46
N GLY F 81 26.89 -6.75 13.78
CA GLY F 81 27.76 -5.89 14.55
C GLY F 81 29.17 -6.46 14.68
N LEU F 82 29.95 -5.81 15.53
CA LEU F 82 31.33 -6.24 15.79
C LEU F 82 31.29 -7.54 16.58
N GLN F 83 31.51 -8.70 15.95
CA GLN F 83 31.35 -9.97 16.73
C GLN F 83 32.29 -10.05 17.95
N ALA F 84 31.75 -9.94 19.16
CA ALA F 84 32.60 -9.63 20.33
C ALA F 84 32.06 -10.20 21.65
N GLU F 85 30.90 -10.87 21.67
CA GLU F 85 30.31 -11.46 22.91
C GLU F 85 29.00 -12.16 22.53
N ASP F 86 28.80 -12.40 21.24
CA ASP F 86 27.57 -12.93 20.67
C ASP F 86 27.55 -14.44 20.58
N GLU F 87 28.59 -15.13 21.06
CA GLU F 87 28.60 -16.60 21.06
C GLU F 87 27.63 -17.10 22.11
N ALA F 88 26.45 -17.54 21.67
CA ALA F 88 25.43 -18.05 22.57
C ALA F 88 24.44 -18.87 21.75
N ASP F 89 23.47 -19.47 22.44
CA ASP F 89 22.39 -20.21 21.82
C ASP F 89 21.20 -19.27 21.61
N TYR F 90 20.67 -19.25 20.39
CA TYR F 90 19.56 -18.38 20.04
C TYR F 90 18.31 -19.23 19.82
N TYR F 91 17.25 -18.92 20.56
CA TYR F 91 16.00 -19.64 20.50
C TYR F 91 14.90 -18.76 19.91
N CYS F 92 13.83 -19.41 19.47
CA CYS F 92 12.69 -18.74 18.85
C CYS F 92 11.40 -19.29 19.43
N SER F 93 10.40 -18.43 19.54
CA SER F 93 9.14 -18.79 20.19
C SER F 93 7.98 -18.12 19.49
N SER F 94 6.82 -18.79 19.53
CA SER F 94 5.60 -18.29 18.92
C SER F 94 4.41 -18.99 19.55
N TYR F 95 3.22 -18.71 19.03
CA TYR F 95 1.96 -19.23 19.57
C TYR F 95 1.23 -19.99 18.46
N ALA F 96 1.07 -21.30 18.65
CA ALA F 96 0.31 -22.16 17.74
C ALA F 96 -0.53 -23.09 18.61
N GLY F 97 -1.70 -22.61 19.02
CA GLY F 97 -2.60 -23.41 19.85
C GLY F 97 -2.07 -23.51 21.26
N SER F 98 -0.96 -24.21 21.42
CA SER F 98 -0.20 -24.25 22.66
C SER F 98 1.15 -23.60 22.43
N VAL F 99 1.73 -23.04 23.51
CA VAL F 99 2.99 -22.32 23.39
C VAL F 99 4.06 -23.25 22.84
N VAL F 100 4.68 -22.85 21.73
CA VAL F 100 5.66 -23.67 21.03
C VAL F 100 7.03 -23.01 21.15
N PHE F 101 8.07 -23.83 21.15
CA PHE F 101 9.45 -23.37 21.17
C PHE F 101 10.22 -24.04 20.04
N GLY F 102 11.40 -23.49 19.75
CA GLY F 102 12.24 -23.98 18.69
C GLY F 102 13.40 -24.82 19.20
N GLY F 103 14.16 -25.35 18.25
CA GLY F 103 15.33 -26.15 18.56
C GLY F 103 16.48 -25.30 19.06
N GLY F 104 16.92 -24.35 18.23
CA GLY F 104 17.99 -23.45 18.62
C GLY F 104 19.16 -23.46 17.67
N THR F 105 19.89 -22.35 17.61
CA THR F 105 21.07 -22.21 16.76
C THR F 105 22.22 -21.68 17.61
N LYS F 106 23.30 -22.45 17.69
CA LYS F 106 24.47 -22.05 18.45
C LYS F 106 25.40 -21.22 17.55
N LEU F 107 25.67 -19.99 17.95
CA LEU F 107 26.55 -19.12 17.19
C LEU F 107 27.99 -19.29 17.65
N THR F 108 28.91 -19.19 16.70
CA THR F 108 30.33 -19.29 16.97
C THR F 108 31.07 -18.21 16.18
N VAL F 109 31.81 -17.36 16.88
CA VAL F 109 32.67 -16.37 16.23
C VAL F 109 33.98 -17.04 15.85
N LEU F 110 34.41 -16.84 14.60
CA LEU F 110 35.56 -17.55 14.07
C LEU F 110 36.85 -17.00 14.65
N GLY F 111 37.68 -17.90 15.18
CA GLY F 111 39.03 -17.55 15.59
C GLY F 111 40.08 -18.32 14.80
N GLN F 112 39.74 -19.55 14.40
CA GLN F 112 40.62 -20.40 13.60
C GLN F 112 39.82 -21.58 13.07
N PRO F 113 39.87 -21.85 11.76
CA PRO F 113 39.14 -23.00 11.21
C PRO F 113 39.97 -24.27 11.20
N LYS F 114 39.43 -25.35 11.75
CA LYS F 114 40.11 -26.65 11.76
C LYS F 114 39.07 -27.75 11.58
N GLY F 115 39.12 -28.44 10.45
CA GLY F 115 38.31 -29.62 10.23
C GLY F 115 38.98 -30.90 10.69
N ALA F 116 39.05 -31.12 12.00
CA ALA F 116 39.78 -32.26 12.55
C ALA F 116 38.93 -33.03 13.55
N PRO F 117 37.96 -33.81 13.08
CA PRO F 117 37.29 -34.78 13.97
C PRO F 117 38.09 -36.07 14.10
N SER F 118 39.07 -36.10 15.01
CA SER F 118 39.91 -37.28 15.18
C SER F 118 39.12 -38.42 15.81
N VAL F 119 38.58 -39.30 14.98
CA VAL F 119 37.74 -40.41 15.43
C VAL F 119 38.61 -41.63 15.64
N THR F 120 38.44 -42.30 16.78
CA THR F 120 39.17 -43.52 17.12
C THR F 120 38.15 -44.53 17.64
N LEU F 121 37.65 -45.38 16.73
CA LEU F 121 36.68 -46.39 17.11
C LEU F 121 37.36 -47.57 17.76
N PHE F 122 36.72 -48.13 18.80
CA PHE F 122 37.30 -49.24 19.54
C PHE F 122 36.31 -50.39 19.63
N PRO F 123 36.80 -51.63 19.52
CA PRO F 123 35.91 -52.79 19.62
C PRO F 123 35.71 -53.20 21.07
N PRO F 124 34.64 -53.93 21.38
CA PRO F 124 34.47 -54.45 22.74
C PRO F 124 35.55 -55.45 23.09
N SER F 125 36.10 -55.32 24.30
CA SER F 125 37.19 -56.17 24.73
C SER F 125 36.69 -57.59 25.03
N SER F 126 37.63 -58.54 25.06
CA SER F 126 37.27 -59.94 25.29
C SER F 126 36.78 -60.17 26.71
N GLU F 127 37.28 -59.40 27.68
CA GLU F 127 36.79 -59.53 29.05
C GLU F 127 35.33 -59.11 29.14
N GLU F 128 34.95 -58.03 28.45
CA GLU F 128 33.54 -57.64 28.40
C GLU F 128 32.72 -58.71 27.69
N LEU F 129 33.26 -59.29 26.61
CA LEU F 129 32.55 -60.33 25.88
C LEU F 129 32.34 -61.57 26.74
N GLN F 130 33.28 -61.86 27.65
CA GLN F 130 33.08 -62.95 28.60
C GLN F 130 31.98 -62.60 29.61
N ALA F 131 31.80 -61.32 29.90
CA ALA F 131 30.77 -60.85 30.82
C ALA F 131 29.44 -60.57 30.11
N ASN F 132 29.32 -60.96 28.85
CA ASN F 132 28.10 -60.87 28.04
C ASN F 132 27.67 -59.44 27.75
N LYS F 133 28.53 -58.45 27.99
CA LYS F 133 28.27 -57.07 27.64
C LYS F 133 29.26 -56.66 26.55
N ALA F 134 28.76 -55.99 25.51
CA ALA F 134 29.59 -55.56 24.39
C ALA F 134 29.25 -54.11 24.07
N THR F 135 30.28 -53.25 24.07
CA THR F 135 30.08 -51.82 23.87
C THR F 135 31.19 -51.29 22.98
N LEU F 136 30.82 -50.65 21.88
CA LEU F 136 31.77 -49.94 21.03
C LEU F 136 32.03 -48.55 21.57
N VAL F 137 33.25 -48.07 21.39
CA VAL F 137 33.68 -46.77 21.89
C VAL F 137 34.10 -45.91 20.71
N CYS F 138 33.39 -44.80 20.50
CA CYS F 138 33.72 -43.82 19.49
C CYS F 138 34.05 -42.49 20.16
N LEU F 139 35.21 -41.94 19.83
CA LEU F 139 35.73 -40.74 20.48
C LEU F 139 36.05 -39.69 19.43
N ILE F 140 35.39 -38.54 19.52
CA ILE F 140 35.58 -37.44 18.59
C ILE F 140 36.17 -36.27 19.36
N SER F 141 37.27 -35.71 18.83
CA SER F 141 37.95 -34.62 19.50
C SER F 141 38.59 -33.70 18.48
N ASP F 142 38.84 -32.46 18.90
CA ASP F 142 39.61 -31.45 18.16
C ASP F 142 38.87 -30.88 16.96
N PHE F 143 37.53 -30.94 16.95
CA PHE F 143 36.75 -30.30 15.89
C PHE F 143 36.35 -28.90 16.34
N TYR F 144 36.61 -27.90 15.49
CA TYR F 144 36.48 -26.54 15.97
C TYR F 144 35.03 -26.06 16.05
N PRO F 145 34.21 -26.13 14.98
CA PRO F 145 32.83 -25.66 15.13
C PRO F 145 32.08 -26.55 16.12
N GLY F 146 31.48 -25.90 17.13
CA GLY F 146 30.90 -26.62 18.25
C GLY F 146 29.64 -27.40 17.91
N ALA F 147 29.75 -28.33 16.98
CA ALA F 147 28.62 -29.16 16.58
C ALA F 147 29.15 -30.40 15.87
N VAL F 148 28.43 -31.50 16.03
CA VAL F 148 28.77 -32.76 15.39
C VAL F 148 27.52 -33.63 15.34
N THR F 149 27.33 -34.31 14.22
CA THR F 149 26.24 -35.26 14.04
C THR F 149 26.83 -36.65 13.83
N VAL F 150 26.32 -37.62 14.58
CA VAL F 150 26.83 -38.99 14.54
C VAL F 150 25.71 -39.92 14.11
N ALA F 151 26.02 -40.81 13.17
CA ALA F 151 25.05 -41.79 12.68
C ALA F 151 25.75 -43.14 12.58
N TRP F 152 25.26 -44.11 13.35
CA TRP F 152 25.79 -45.47 13.33
C TRP F 152 25.08 -46.29 12.27
N LYS F 153 25.80 -47.27 11.71
CA LYS F 153 25.19 -48.14 10.72
C LYS F 153 25.98 -49.43 10.60
N ALA F 154 25.26 -50.54 10.52
CA ALA F 154 25.82 -51.80 10.05
C ALA F 154 25.74 -51.79 8.52
N ASP F 155 26.18 -52.89 7.89
CA ASP F 155 26.67 -52.87 6.51
C ASP F 155 25.89 -51.92 5.60
N SER F 156 24.59 -52.13 5.48
CA SER F 156 23.74 -51.22 4.70
C SER F 156 22.53 -50.72 5.49
N SER F 157 22.40 -51.08 6.76
CA SER F 157 21.29 -50.71 7.61
C SER F 157 21.73 -49.70 8.67
N PRO F 158 20.91 -48.69 8.95
CA PRO F 158 21.27 -47.72 9.99
C PRO F 158 20.91 -48.24 11.37
N VAL F 159 21.76 -47.90 12.34
CA VAL F 159 21.61 -48.37 13.72
C VAL F 159 21.09 -47.22 14.57
N LYS F 160 19.89 -47.38 15.12
CA LYS F 160 19.33 -46.43 16.06
C LYS F 160 19.05 -47.02 17.44
N ALA F 161 18.90 -48.33 17.55
CA ALA F 161 18.56 -48.96 18.82
C ALA F 161 19.84 -49.12 19.66
N GLY F 162 19.95 -48.33 20.73
CA GLY F 162 21.06 -48.47 21.65
C GLY F 162 22.25 -47.59 21.37
N VAL F 163 22.02 -46.28 21.24
CA VAL F 163 23.08 -45.30 21.02
C VAL F 163 22.98 -44.23 22.08
N GLU F 164 24.12 -43.87 22.68
CA GLU F 164 24.19 -42.82 23.69
C GLU F 164 25.40 -41.95 23.38
N THR F 165 25.18 -40.65 23.20
CA THR F 165 26.22 -39.75 22.73
C THR F 165 26.12 -38.42 23.48
N THR F 166 27.28 -37.84 23.81
CA THR F 166 27.34 -36.61 24.58
C THR F 166 27.18 -35.38 23.68
N THR F 167 27.29 -34.21 24.30
CA THR F 167 27.33 -32.79 23.94
C THR F 167 28.77 -32.33 23.80
N PRO F 168 29.08 -31.55 22.76
CA PRO F 168 30.47 -31.08 22.59
C PRO F 168 31.01 -30.39 23.82
N SER F 169 32.21 -30.80 24.24
CA SER F 169 32.87 -30.28 25.42
C SER F 169 34.07 -29.44 25.01
N LYS F 170 34.13 -28.21 25.52
CA LYS F 170 35.20 -27.30 25.14
C LYS F 170 36.53 -27.75 25.75
N GLN F 171 37.58 -27.77 24.93
CA GLN F 171 38.88 -28.27 25.35
C GLN F 171 39.70 -27.16 25.99
N SER F 172 40.96 -27.50 26.33
CA SER F 172 41.86 -26.52 26.91
C SER F 172 42.39 -25.56 25.84
N ASN F 173 42.54 -26.03 24.61
CA ASN F 173 42.94 -25.19 23.50
C ASN F 173 41.77 -24.66 22.70
N ASN F 174 40.62 -24.44 23.37
CA ASN F 174 39.42 -23.84 22.81
C ASN F 174 38.80 -24.66 21.68
N LYS F 175 39.18 -25.92 21.52
CA LYS F 175 38.52 -26.81 20.59
C LYS F 175 37.41 -27.56 21.31
N TYR F 176 36.79 -28.54 20.64
CA TYR F 176 35.67 -29.27 21.21
C TYR F 176 35.93 -30.77 21.11
N ALA F 177 35.20 -31.52 21.93
CA ALA F 177 35.31 -32.98 21.95
C ALA F 177 34.05 -33.56 22.56
N ALA F 178 33.67 -34.75 22.10
CA ALA F 178 32.48 -35.42 22.60
C ALA F 178 32.61 -36.92 22.34
N SER F 179 31.94 -37.71 23.18
CA SER F 179 32.02 -39.16 23.13
C SER F 179 30.72 -39.75 22.61
N SER F 180 30.81 -40.97 22.10
CA SER F 180 29.65 -41.69 21.59
C SER F 180 29.84 -43.18 21.85
N TYR F 181 28.77 -43.83 22.32
CA TYR F 181 28.81 -45.24 22.68
C TYR F 181 27.68 -45.99 22.00
N LEU F 182 27.94 -47.26 21.69
CA LEU F 182 26.95 -48.14 21.08
C LEU F 182 26.81 -49.38 21.95
N SER F 183 25.60 -49.65 22.41
CA SER F 183 25.31 -50.78 23.29
C SER F 183 24.53 -51.84 22.51
N LEU F 184 24.97 -53.09 22.63
CA LEU F 184 24.31 -54.21 21.95
C LEU F 184 24.66 -55.49 22.71
N THR F 185 24.31 -56.63 22.12
CA THR F 185 24.57 -57.94 22.68
C THR F 185 25.65 -58.65 21.88
N PRO F 186 26.42 -59.55 22.51
CA PRO F 186 27.45 -60.30 21.76
C PRO F 186 26.89 -61.10 20.59
N GLU F 187 25.64 -61.58 20.69
CA GLU F 187 25.06 -62.31 19.57
C GLU F 187 24.82 -61.40 18.37
N GLN F 188 24.44 -60.15 18.61
CA GLN F 188 24.25 -59.21 17.51
C GLN F 188 25.55 -58.90 16.78
N TRP F 189 26.70 -59.19 17.40
CA TRP F 189 27.97 -59.03 16.71
C TRP F 189 28.21 -60.13 15.68
N LYS F 190 27.32 -61.12 15.59
CA LYS F 190 27.42 -62.18 14.60
C LYS F 190 26.68 -61.76 13.33
N SER F 191 27.30 -62.04 12.19
CA SER F 191 26.77 -61.86 10.84
C SER F 191 26.69 -60.40 10.41
N HIS F 192 27.17 -59.46 11.23
CA HIS F 192 27.36 -58.08 10.80
C HIS F 192 28.81 -57.93 10.37
N ARG F 193 29.03 -57.81 9.06
CA ARG F 193 30.40 -57.78 8.54
C ARG F 193 31.21 -56.65 9.14
N SER F 194 30.61 -55.48 9.28
CA SER F 194 31.33 -54.30 9.74
C SER F 194 30.39 -53.39 10.51
N TYR F 195 30.96 -52.62 11.42
CA TYR F 195 30.22 -51.60 12.17
C TYR F 195 30.87 -50.25 11.89
N SER F 196 30.14 -49.37 11.21
CA SER F 196 30.65 -48.07 10.80
C SER F 196 30.08 -46.97 11.69
N CYS F 197 30.83 -45.90 11.82
CA CYS F 197 30.42 -44.74 12.64
C CYS F 197 30.74 -43.48 11.85
N GLN F 198 29.70 -42.85 11.32
CA GLN F 198 29.86 -41.65 10.50
C GLN F 198 29.68 -40.41 11.36
N VAL F 199 30.64 -39.48 11.25
CA VAL F 199 30.61 -38.22 11.99
C VAL F 199 30.54 -37.12 10.94
N THR F 200 29.33 -36.69 10.60
CA THR F 200 29.16 -35.59 9.66
C THR F 200 29.48 -34.27 10.36
N HIS F 201 30.26 -33.43 9.67
CA HIS F 201 30.82 -32.24 10.32
C HIS F 201 31.11 -31.20 9.23
N GLU F 202 30.25 -30.19 9.13
CA GLU F 202 30.42 -29.09 8.17
C GLU F 202 30.60 -29.63 6.75
N GLY F 203 29.79 -30.62 6.40
CA GLY F 203 29.89 -31.27 5.10
C GLY F 203 30.76 -32.50 5.05
N SER F 204 31.99 -32.39 5.58
CA SER F 204 32.91 -33.52 5.55
C SER F 204 32.47 -34.59 6.54
N THR F 205 32.35 -35.82 6.05
CA THR F 205 32.03 -36.98 6.88
C THR F 205 33.30 -37.79 7.10
N VAL F 206 33.55 -38.17 8.35
CA VAL F 206 34.72 -38.97 8.72
C VAL F 206 34.22 -40.27 9.31
N GLU F 207 34.63 -41.40 8.73
CA GLU F 207 34.14 -42.71 9.13
C GLU F 207 35.29 -43.63 9.49
N LYS F 208 35.18 -44.29 10.63
CA LYS F 208 36.05 -45.40 11.00
C LYS F 208 35.18 -46.63 11.23
N THR F 209 35.66 -47.79 10.77
CA THR F 209 34.86 -49.01 10.73
C THR F 209 35.58 -50.10 11.53
N VAL F 210 34.81 -50.78 12.39
CA VAL F 210 35.39 -51.78 13.29
C VAL F 210 35.33 -53.15 12.62
N ALA F 211 36.17 -54.02 13.17
CA ALA F 211 36.44 -55.38 12.67
C ALA F 211 35.88 -56.40 13.63
N PRO F 212 34.79 -57.10 13.29
CA PRO F 212 34.25 -58.06 14.21
C PRO F 212 34.92 -59.41 13.96
N THR F 213 35.59 -59.91 15.00
CA THR F 213 36.22 -61.24 15.16
C THR F 213 37.27 -61.69 14.14
N GLU F 214 38.55 -61.61 14.52
CA GLU F 214 39.64 -62.22 13.72
C GLU F 214 40.80 -62.58 14.66
N CYS F 215 40.64 -62.38 15.97
CA CYS F 215 41.77 -62.73 16.87
C CYS F 215 41.52 -64.12 17.44
C1 NAG G . 6.57 44.21 -7.44
C2 NAG G . 7.09 45.11 -8.54
C3 NAG G . 7.49 46.45 -7.95
C4 NAG G . 6.35 47.07 -7.15
C5 NAG G . 5.67 46.06 -6.21
C6 NAG G . 4.31 46.54 -5.76
C7 NAG G . 9.39 44.20 -8.75
C8 NAG G . 10.38 43.60 -9.70
N2 NAG G . 8.20 44.50 -9.27
O3 NAG G . 7.82 47.32 -9.04
O4 NAG G . 6.87 48.11 -6.34
O5 NAG G . 5.46 44.80 -6.86
O6 NAG G . 3.67 45.74 -4.78
O7 NAG G . 9.66 44.41 -7.57
C1 NAG G . 6.63 49.47 -6.82
C2 NAG G . 6.10 50.21 -5.62
C3 NAG G . 6.31 51.74 -5.74
C4 NAG G . 6.89 52.24 -7.07
C5 NAG G . 7.64 51.21 -7.92
C6 NAG G . 9.03 51.68 -8.31
C7 NAG G . 4.22 49.51 -4.20
C8 NAG G . 2.74 49.26 -4.12
N2 NAG G . 4.68 49.91 -5.39
O3 NAG G . 7.12 52.18 -4.66
O4 NAG G . 5.88 52.89 -7.83
O5 NAG G . 7.80 49.99 -7.20
O6 NAG G . 9.65 50.96 -9.38
O7 NAG G . 4.95 49.36 -3.23
C1 BMA G . 5.72 54.31 -7.50
C2 BMA G . 4.44 54.80 -8.24
C3 BMA G . 4.02 56.20 -7.76
C4 BMA G . 4.00 56.31 -6.24
C5 BMA G . 5.38 55.94 -5.70
C6 BMA G . 5.47 56.03 -4.19
O2 BMA G . 3.35 53.94 -7.97
O3 BMA G . 2.74 56.56 -8.30
O4 BMA G . 3.66 57.62 -5.84
O5 BMA G . 5.65 54.57 -6.08
O6 BMA G . 5.49 57.41 -3.82
C1 FUC G . 9.88 49.53 -9.18
C2 FUC G . 11.00 48.97 -10.09
C3 FUC G . 12.40 49.41 -9.67
C4 FUC G . 12.63 49.11 -8.19
C5 FUC G . 11.51 49.71 -7.37
C6 FUC G . 11.66 49.45 -5.88
O2 FUC G . 10.78 49.40 -11.45
O3 FUC G . 13.38 48.69 -10.43
O4 FUC G . 12.65 47.68 -7.99
O5 FUC G . 10.28 49.15 -7.83
C1 FUC G . 3.10 44.47 -5.24
C2 FUC G . 2.06 43.95 -4.24
C3 FUC G . 0.78 44.78 -4.25
C4 FUC G . 0.23 44.87 -5.67
C5 FUC G . 1.31 45.41 -6.60
C6 FUC G . 0.81 45.50 -8.04
O2 FUC G . 2.63 44.01 -2.93
O3 FUC G . -0.20 44.17 -3.41
O4 FUC G . -0.15 43.56 -6.11
O5 FUC G . 2.44 44.52 -6.53
C1 NAG H . -5.46 14.37 9.44
C2 NAG H . -6.10 13.74 8.22
C3 NAG H . -6.18 14.70 7.02
C4 NAG H . -6.33 16.18 7.39
C5 NAG H . -5.66 16.52 8.70
C6 NAG H . -5.94 17.92 9.20
C7 NAG H . -4.07 12.49 7.59
C8 NAG H . -3.51 11.14 7.24
N2 NAG H . -5.38 12.53 7.86
O3 NAG H . -7.33 14.30 6.30
O4 NAG H . -5.65 16.92 6.37
O5 NAG H . -6.06 15.59 9.71
O6 NAG H . -5.29 18.88 8.38
O7 NAG H . -3.36 13.49 7.61
C1 NAG H . -6.36 17.81 5.45
C2 NAG H . -7.37 17.08 4.57
C3 NAG H . -7.94 18.06 3.55
C4 NAG H . -8.55 19.26 4.26
C5 NAG H . -7.60 19.89 5.28
C6 NAG H . -8.29 20.89 6.18
C7 NAG H . -7.54 14.82 3.64
C8 NAG H . -6.81 13.70 2.96
N2 NAG H . -6.81 15.91 3.92
O3 NAG H . -8.90 17.41 2.73
O4 NAG H . -8.94 20.25 3.30
O5 NAG H . -7.02 18.90 6.15
O6 NAG H . -9.50 21.39 5.63
O7 NAG H . -8.72 14.75 3.94
C1 BMA H . -7.89 20.68 2.41
C2 BMA H . -8.43 20.58 0.95
C3 BMA H . -7.51 21.31 -0.03
C4 BMA H . -7.27 22.73 0.46
C5 BMA H . -6.56 22.67 1.80
C6 BMA H . -6.26 24.05 2.35
O2 BMA H . -9.70 21.20 0.85
O3 BMA H . -8.03 21.36 -1.37
O4 BMA H . -6.48 23.45 -0.48
O5 BMA H . -7.44 22.01 2.75
O6 BMA H . -7.46 24.59 2.88
C1 MAN H . -7.95 20.11 -2.08
C2 MAN H . -6.54 19.42 -1.85
C3 MAN H . -5.43 20.04 -2.72
C4 MAN H . -5.90 20.30 -4.15
C5 MAN H . -7.17 21.13 -4.11
C6 MAN H . -7.69 21.52 -5.49
O2 MAN H . -6.58 18.03 -2.19
O3 MAN H . -4.26 19.22 -2.74
O4 MAN H . -4.90 21.00 -4.87
O5 MAN H . -8.19 20.34 -3.46
O6 MAN H . -7.77 20.35 -6.29
C1 FUC H . -9.35 22.84 5.52
C2 FUC H . -10.51 23.49 4.75
C3 FUC H . -11.82 23.45 5.52
C4 FUC H . -11.62 23.99 6.93
C5 FUC H . -10.47 23.24 7.58
C6 FUC H . -10.26 23.70 9.01
O2 FUC H . -10.69 22.79 3.51
O3 FUC H . -12.76 24.29 4.86
O4 FUC H . -11.29 25.38 6.87
O5 FUC H . -9.29 23.47 6.81
C1 FUC H . -4.03 19.29 8.96
C2 FUC H . -2.89 19.14 7.95
C3 FUC H . -3.11 20.05 6.75
C4 FUC H . -3.32 21.49 7.21
C5 FUC H . -4.40 21.54 8.29
C6 FUC H . -4.55 22.96 8.83
O2 FUC H . -2.79 17.78 7.51
O3 FUC H . -1.97 20.00 5.88
O4 FUC H . -2.09 22.02 7.71
O5 FUC H . -4.04 20.66 9.36
C1 GOL I . 8.18 -3.86 27.60
O1 GOL I . 9.59 -3.98 27.51
C2 GOL I . 7.71 -2.57 26.96
O2 GOL I . 8.47 -2.37 25.76
C3 GOL I . 6.26 -2.73 26.58
O3 GOL I . 5.44 -2.74 27.75
#